data_2FW2
#
_entry.id   2FW2
#
_cell.length_a   80.454
_cell.length_b   133.579
_cell.length_c   82.328
_cell.angle_alpha   90.00
_cell.angle_beta   117.56
_cell.angle_gamma   90.00
#
_symmetry.space_group_name_H-M   'P 1 21 1'
#
loop_
_entity.id
_entity.type
_entity.pdbx_description
1 polymer 'Testis-specific chromodomain protein Y 2'
2 water water
#
_entity_poly.entity_id   1
_entity_poly.type   'polypeptide(L)'
_entity_poly.pdbx_seq_one_letter_code
;ITYRDIVVKKEDGFTQIVLSTRSTEKNALNTEVIKEMVNALNSAAADDSKLVLFSAAGSVFCCGLDFGYFVRHLRNDRNT
ASLEMVDTIKNFVNTFIQFKKPIVVSVNGPAIGLGASILPLCDLVWANEKAWFQTPYTTFGQSPDGCSSITFPKMMGKAS
ANEMLIAGRKLTAREACAKGLVSQVFLTGTFTQEVMIQIKELASYNAIVLEECKALVRCNIKLELEQANERECEVLRKIW
SSAQGIESMLKYVENKIDEF
;
_entity_poly.pdbx_strand_id   A,B,C,D,E,F
#
# COMPACT_ATOMS: atom_id res chain seq x y z
N TYR A 3 30.25 24.01 13.57
CA TYR A 3 28.85 24.35 13.97
C TYR A 3 28.74 25.48 14.99
N ARG A 4 27.95 26.48 14.64
CA ARG A 4 27.60 27.55 15.56
C ARG A 4 26.49 27.14 16.58
N ASP A 5 25.53 26.34 16.12
CA ASP A 5 24.25 26.14 16.86
C ASP A 5 24.07 24.79 17.52
N ILE A 6 25.07 23.93 17.34
CA ILE A 6 25.01 22.58 17.88
C ILE A 6 26.40 22.14 18.36
N VAL A 7 26.40 21.16 19.26
CA VAL A 7 27.63 20.58 19.77
C VAL A 7 27.53 19.08 19.56
N VAL A 8 28.53 18.53 18.88
CA VAL A 8 28.58 17.10 18.63
C VAL A 8 29.53 16.52 19.63
N LYS A 9 29.09 15.46 20.28
CA LYS A 9 29.95 14.74 21.20
C LYS A 9 29.91 13.25 20.87
N LYS A 10 30.81 12.81 19.98
N LYS A 10 30.82 12.80 20.00
CA LYS A 10 31.04 11.38 19.76
CA LYS A 10 31.05 11.40 19.73
C LYS A 10 31.60 10.81 21.05
C LYS A 10 31.69 10.74 20.96
N GLU A 11 31.16 9.60 21.38
CA GLU A 11 31.62 8.89 22.56
C GLU A 11 31.70 7.40 22.17
N ASP A 12 31.96 6.50 23.12
CA ASP A 12 32.05 5.06 22.83
C ASP A 12 30.66 4.44 22.59
N GLY A 13 30.39 4.11 21.32
CA GLY A 13 29.16 3.42 20.90
C GLY A 13 27.98 4.32 20.56
N PHE A 14 28.15 5.62 20.73
CA PHE A 14 27.06 6.56 20.51
C PHE A 14 27.60 7.95 20.23
N THR A 15 26.84 8.70 19.45
CA THR A 15 27.17 10.06 19.11
C THR A 15 26.06 10.93 19.72
N GLN A 16 26.43 11.92 20.52
CA GLN A 16 25.47 12.89 21.00
C GLN A 16 25.46 14.11 20.11
N ILE A 17 24.27 14.61 19.81
CA ILE A 17 24.10 15.87 19.09
C ILE A 17 23.28 16.77 20.04
N VAL A 18 23.86 17.88 20.48
CA VAL A 18 23.22 18.80 21.38
C VAL A 18 22.75 20.03 20.62
N LEU A 19 21.44 20.28 20.62
CA LEU A 19 20.88 21.53 20.09
C LEU A 19 21.20 22.63 21.08
N SER A 20 21.94 23.63 20.64
CA SER A 20 22.38 24.67 21.54
C SER A 20 22.59 25.97 20.74
N THR A 21 21.49 26.63 20.40
CA THR A 21 21.50 27.68 19.37
C THR A 21 22.05 28.97 19.88
N ARG A 22 22.78 29.67 19.00
CA ARG A 22 23.25 31.02 19.32
C ARG A 22 22.75 32.04 18.30
N SER A 23 22.26 31.55 17.16
CA SER A 23 21.70 32.45 16.14
C SER A 23 20.21 32.71 16.37
N THR A 24 19.65 31.98 17.33
CA THR A 24 18.24 32.08 17.74
C THR A 24 18.20 31.98 19.26
N GLU A 25 17.08 32.39 19.85
CA GLU A 25 16.78 32.22 21.28
C GLU A 25 15.93 30.95 21.54
N LYS A 26 16.15 30.33 22.70
CA LYS A 26 15.35 29.20 23.20
C LYS A 26 15.33 28.00 22.24
N ASN A 27 16.50 27.76 21.64
CA ASN A 27 16.66 26.73 20.64
C ASN A 27 15.63 26.74 19.49
N ALA A 28 15.19 27.93 19.07
CA ALA A 28 14.33 28.06 17.90
C ALA A 28 15.08 27.57 16.69
N LEU A 29 14.31 27.04 15.73
CA LEU A 29 14.86 26.58 14.45
C LEU A 29 14.66 27.64 13.38
N ASN A 30 15.79 28.20 12.93
CA ASN A 30 15.84 28.96 11.69
C ASN A 30 16.53 28.11 10.61
N THR A 31 16.75 28.66 9.42
CA THR A 31 17.39 27.91 8.31
C THR A 31 18.81 27.37 8.65
N GLU A 32 19.65 28.22 9.24
CA GLU A 32 21.01 27.88 9.65
C GLU A 32 21.01 26.66 10.57
N VAL A 33 20.17 26.72 11.61
CA VAL A 33 20.09 25.68 12.67
C VAL A 33 19.68 24.33 12.06
N ILE A 34 18.63 24.35 11.26
CA ILE A 34 18.17 23.17 10.55
C ILE A 34 19.26 22.50 9.69
N LYS A 35 20.02 23.28 8.94
CA LYS A 35 20.98 22.66 8.02
C LYS A 35 22.21 22.12 8.78
N GLU A 36 22.56 22.76 9.90
CA GLU A 36 23.54 22.19 10.85
C GLU A 36 23.10 20.84 11.42
N MET A 37 21.84 20.78 11.88
CA MET A 37 21.26 19.54 12.40
C MET A 37 21.25 18.41 11.36
N VAL A 38 20.85 18.73 10.14
CA VAL A 38 20.86 17.76 9.04
C VAL A 38 22.30 17.28 8.78
N ASN A 39 23.23 18.23 8.69
CA ASN A 39 24.65 17.90 8.53
C ASN A 39 25.19 16.96 9.63
N ALA A 40 24.85 17.27 10.87
CA ALA A 40 25.30 16.49 12.00
C ALA A 40 24.64 15.12 12.01
N LEU A 41 23.36 15.07 11.66
CA LEU A 41 22.70 13.78 11.56
C LEU A 41 23.33 12.92 10.45
N ASN A 42 23.58 13.51 9.27
CA ASN A 42 24.27 12.79 8.16
C ASN A 42 25.64 12.23 8.56
N SER A 43 26.45 13.01 9.29
CA SER A 43 27.71 12.52 9.89
C SER A 43 27.55 11.35 10.84
N ALA A 44 26.49 11.42 11.64
CA ALA A 44 26.18 10.43 12.64
C ALA A 44 25.76 9.11 11.99
N ALA A 45 24.95 9.21 10.94
CA ALA A 45 24.64 8.07 10.06
C ALA A 45 25.87 7.36 9.47
N ALA A 46 26.90 8.13 9.12
CA ALA A 46 28.09 7.56 8.49
C ALA A 46 29.15 7.05 9.51
N ASP A 47 29.05 7.48 10.77
CA ASP A 47 30.09 7.11 11.75
C ASP A 47 29.86 5.72 12.37
N ASP A 48 30.74 5.28 13.25
CA ASP A 48 30.66 3.91 13.80
C ASP A 48 29.76 3.76 15.04
N SER A 49 29.07 4.83 15.43
CA SER A 49 28.15 4.77 16.55
C SER A 49 26.98 3.81 16.30
N LYS A 50 26.47 3.22 17.37
CA LYS A 50 25.31 2.34 17.30
C LYS A 50 23.98 3.11 17.34
N LEU A 51 24.00 4.27 17.97
CA LEU A 51 22.80 5.06 18.13
C LEU A 51 23.18 6.53 18.29
N VAL A 52 22.17 7.38 18.21
CA VAL A 52 22.31 8.81 18.42
C VAL A 52 21.48 9.24 19.65
N LEU A 53 22.12 10.01 20.53
CA LEU A 53 21.44 10.83 21.52
C LEU A 53 21.26 12.29 21.02
N PHE A 54 20.00 12.70 20.86
CA PHE A 54 19.64 14.06 20.46
C PHE A 54 19.15 14.81 21.70
N SER A 55 19.92 15.78 22.13
CA SER A 55 19.57 16.48 23.34
C SER A 55 19.69 18.01 23.16
N ALA A 56 19.48 18.76 24.23
CA ALA A 56 19.52 20.22 24.14
C ALA A 56 20.14 20.86 25.36
N ALA A 57 20.77 22.01 25.14
CA ALA A 57 21.31 22.80 26.24
C ALA A 57 20.32 23.94 26.53
N GLY A 58 20.35 24.42 27.77
CA GLY A 58 19.46 25.50 28.19
C GLY A 58 18.20 25.00 28.87
N SER A 59 17.29 25.92 29.10
CA SER A 59 16.07 25.63 29.84
C SER A 59 14.94 25.12 28.93
N VAL A 60 15.11 25.24 27.62
CA VAL A 60 14.08 24.75 26.71
C VAL A 60 14.70 23.76 25.74
N PHE A 61 13.97 22.68 25.44
CA PHE A 61 14.46 21.73 24.46
C PHE A 61 14.44 22.36 23.04
N CYS A 62 13.26 22.77 22.60
CA CYS A 62 13.13 23.41 21.28
C CYS A 62 11.76 24.05 21.17
N CYS A 63 11.73 25.35 20.86
CA CYS A 63 10.46 26.05 20.71
C CYS A 63 9.94 26.00 19.26
N GLY A 64 10.62 25.24 18.40
CA GLY A 64 10.22 25.01 17.02
C GLY A 64 10.65 26.12 16.08
N LEU A 65 9.88 26.34 15.02
CA LEU A 65 10.19 27.35 14.02
C LEU A 65 10.40 28.71 14.66
N ASP A 66 11.45 29.42 14.22
CA ASP A 66 11.69 30.82 14.61
C ASP A 66 10.84 31.71 13.67
N PHE A 67 9.60 31.93 14.08
CA PHE A 67 8.68 32.68 13.24
C PHE A 67 9.10 34.12 13.03
N GLY A 68 9.75 34.73 14.01
CA GLY A 68 10.26 36.09 13.85
C GLY A 68 11.25 36.15 12.70
N TYR A 69 12.10 35.13 12.62
CA TYR A 69 13.08 35.02 11.58
C TYR A 69 12.43 34.77 10.22
N PHE A 70 11.48 33.83 10.17
CA PHE A 70 10.82 33.45 8.89
C PHE A 70 9.83 34.48 8.34
N VAL A 71 9.11 35.19 9.21
CA VAL A 71 8.08 36.14 8.75
C VAL A 71 8.72 37.37 8.05
N ARG A 72 9.95 37.68 8.42
CA ARG A 72 10.69 38.71 7.71
C ARG A 72 10.86 38.31 6.23
N HIS A 73 11.29 37.07 6.00
CA HIS A 73 11.50 36.56 4.65
C HIS A 73 10.20 36.44 3.86
N LEU A 74 9.18 35.80 4.44
CA LEU A 74 7.84 35.68 3.84
C LEU A 74 7.25 37.04 3.45
N ARG A 75 7.49 38.05 4.28
CA ARG A 75 6.87 39.36 4.08
C ARG A 75 7.54 40.13 2.92
N ASN A 76 8.82 39.89 2.69
CA ASN A 76 9.50 40.36 1.47
C ASN A 76 8.91 39.66 0.23
N ASP A 77 9.06 38.34 0.17
CA ASP A 77 8.62 37.59 -1.00
C ASP A 77 7.88 36.33 -0.60
N ARG A 78 6.55 36.41 -0.63
CA ARG A 78 5.66 35.29 -0.32
C ARG A 78 6.06 34.02 -1.08
N ASN A 79 6.17 34.15 -2.40
CA ASN A 79 6.31 32.99 -3.29
C ASN A 79 7.61 32.23 -3.09
N THR A 80 8.72 32.96 -3.16
CA THR A 80 10.04 32.38 -3.11
C THR A 80 10.40 31.93 -1.69
N ALA A 81 10.02 32.74 -0.71
CA ALA A 81 10.32 32.44 0.68
C ALA A 81 9.53 31.24 1.20
N SER A 82 8.27 31.08 0.79
CA SER A 82 7.49 29.91 1.21
C SER A 82 8.00 28.62 0.56
N LEU A 83 8.43 28.71 -0.70
CA LEU A 83 9.11 27.60 -1.39
C LEU A 83 10.37 27.13 -0.66
N GLU A 84 11.20 28.08 -0.24
CA GLU A 84 12.48 27.80 0.43
C GLU A 84 12.25 27.22 1.81
N MET A 85 11.39 27.88 2.56
CA MET A 85 10.97 27.46 3.88
C MET A 85 10.43 26.02 3.94
N VAL A 86 9.51 25.68 3.04
CA VAL A 86 8.94 24.34 2.99
C VAL A 86 9.97 23.30 2.58
N ASP A 87 10.80 23.66 1.60
CA ASP A 87 11.92 22.84 1.19
C ASP A 87 12.83 22.50 2.39
N THR A 88 13.16 23.47 3.23
CA THR A 88 14.07 23.19 4.36
C THR A 88 13.45 22.33 5.48
N ILE A 89 12.17 22.51 5.74
CA ILE A 89 11.41 21.72 6.70
C ILE A 89 11.23 20.29 6.20
N LYS A 90 10.74 20.14 4.98
CA LYS A 90 10.60 18.83 4.36
C LYS A 90 11.87 18.01 4.46
N ASN A 91 12.99 18.62 4.10
CA ASN A 91 14.26 17.93 4.14
C ASN A 91 14.76 17.63 5.56
N PHE A 92 14.54 18.57 6.49
CA PHE A 92 14.74 18.32 7.93
C PHE A 92 13.95 17.09 8.42
N VAL A 93 12.64 17.14 8.19
CA VAL A 93 11.75 16.07 8.61
C VAL A 93 12.18 14.76 7.95
N ASN A 94 12.46 14.80 6.65
CA ASN A 94 12.92 13.61 5.91
C ASN A 94 14.21 12.97 6.44
N THR A 95 15.17 13.78 6.90
CA THR A 95 16.38 13.28 7.58
C THR A 95 16.04 12.37 8.80
N PHE A 96 15.05 12.77 9.58
CA PHE A 96 14.57 11.95 10.70
C PHE A 96 13.90 10.68 10.21
N ILE A 97 13.07 10.81 9.17
CA ILE A 97 12.34 9.67 8.62
C ILE A 97 13.28 8.59 8.07
N GLN A 98 14.34 9.04 7.41
CA GLN A 98 15.23 8.12 6.76
C GLN A 98 16.30 7.58 7.69
N PHE A 99 16.46 8.19 8.86
CA PHE A 99 17.60 7.84 9.73
C PHE A 99 17.56 6.37 10.15
N LYS A 100 18.67 5.66 9.94
CA LYS A 100 18.69 4.24 10.10
C LYS A 100 19.06 3.76 11.50
N LYS A 101 19.80 4.56 12.26
CA LYS A 101 20.16 4.17 13.62
C LYS A 101 19.09 4.64 14.59
N PRO A 102 18.93 3.92 15.75
CA PRO A 102 17.99 4.42 16.76
C PRO A 102 18.41 5.83 17.13
N ILE A 103 17.44 6.71 17.33
CA ILE A 103 17.66 8.02 17.93
C ILE A 103 16.93 8.09 19.28
N VAL A 104 17.68 8.23 20.36
CA VAL A 104 17.10 8.58 21.65
C VAL A 104 17.08 10.11 21.75
N VAL A 105 15.90 10.67 22.05
CA VAL A 105 15.78 12.10 22.26
C VAL A 105 15.61 12.41 23.76
N SER A 106 16.43 13.33 24.25
CA SER A 106 16.44 13.72 25.65
C SER A 106 15.86 15.15 25.78
N VAL A 107 14.65 15.24 26.36
CA VAL A 107 13.90 16.50 26.46
C VAL A 107 13.97 17.14 27.86
N ASN A 108 14.74 18.21 27.92
CA ASN A 108 15.08 18.94 29.14
C ASN A 108 14.13 20.10 29.49
N GLY A 109 13.18 20.43 28.63
CA GLY A 109 12.41 21.65 28.82
C GLY A 109 11.32 21.65 27.77
N PRO A 110 10.58 22.76 27.66
CA PRO A 110 9.46 22.77 26.70
C PRO A 110 9.86 22.39 25.25
N ALA A 111 9.12 21.45 24.68
CA ALA A 111 9.17 21.14 23.25
C ALA A 111 7.88 21.69 22.60
N ILE A 112 8.04 22.64 21.68
CA ILE A 112 6.93 23.40 21.11
C ILE A 112 6.91 23.44 19.57
N GLY A 113 5.72 23.21 18.99
CA GLY A 113 5.53 23.24 17.55
C GLY A 113 6.35 22.16 16.89
N LEU A 114 7.15 22.55 15.90
CA LEU A 114 8.06 21.61 15.24
C LEU A 114 9.06 20.94 16.21
N GLY A 115 9.41 21.60 17.32
CA GLY A 115 10.22 20.96 18.37
C GLY A 115 9.58 19.80 19.12
N ALA A 116 8.24 19.70 19.07
CA ALA A 116 7.51 18.56 19.62
C ALA A 116 7.07 17.58 18.52
N SER A 117 6.78 18.11 17.33
CA SER A 117 6.34 17.28 16.22
C SER A 117 7.43 16.34 15.68
N ILE A 118 8.71 16.72 15.83
CA ILE A 118 9.82 15.79 15.49
C ILE A 118 10.02 14.64 16.46
N LEU A 119 9.63 14.82 17.72
CA LEU A 119 9.86 13.76 18.72
C LEU A 119 9.37 12.36 18.32
N PRO A 120 8.15 12.22 17.77
CA PRO A 120 7.72 10.89 17.29
C PRO A 120 8.50 10.27 16.13
N LEU A 121 9.39 11.02 15.49
CA LEU A 121 10.24 10.51 14.41
C LEU A 121 11.55 9.90 14.96
N CYS A 122 11.76 10.08 16.27
CA CYS A 122 12.85 9.44 16.98
C CYS A 122 12.31 8.11 17.55
N ASP A 123 13.14 7.38 18.27
CA ASP A 123 12.81 6.01 18.66
C ASP A 123 12.49 5.83 20.15
N LEU A 124 13.14 6.63 20.98
CA LEU A 124 12.83 6.71 22.43
C LEU A 124 12.81 8.20 22.80
N VAL A 125 11.85 8.56 23.67
CA VAL A 125 11.69 9.94 24.14
C VAL A 125 11.75 9.97 25.64
N TRP A 126 12.85 10.54 26.13
CA TRP A 126 13.13 10.63 27.54
C TRP A 126 13.03 12.07 27.98
N ALA A 127 12.17 12.33 28.96
CA ALA A 127 11.82 13.68 29.32
C ALA A 127 11.97 13.93 30.81
N ASN A 128 12.59 15.06 31.12
CA ASN A 128 12.50 15.68 32.42
C ASN A 128 11.04 15.84 32.84
N GLU A 129 10.71 15.54 34.11
CA GLU A 129 9.31 15.70 34.61
C GLU A 129 8.76 17.11 34.47
N LYS A 130 9.67 18.09 34.35
CA LYS A 130 9.30 19.49 34.26
C LYS A 130 9.11 20.00 32.82
N ALA A 131 9.42 19.15 31.84
CA ALA A 131 9.21 19.51 30.44
C ALA A 131 7.73 19.42 30.15
N TRP A 132 7.30 20.22 29.18
CA TRP A 132 5.97 20.11 28.63
C TRP A 132 5.97 20.22 27.12
N PHE A 133 4.85 19.83 26.54
CA PHE A 133 4.74 19.59 25.11
C PHE A 133 3.53 20.28 24.54
N GLN A 134 3.73 20.99 23.43
CA GLN A 134 2.67 21.72 22.80
C GLN A 134 2.86 21.87 21.28
N THR A 135 1.76 21.71 20.55
CA THR A 135 1.80 21.97 19.11
C THR A 135 0.74 23.01 18.74
N PRO A 136 0.98 24.30 19.12
CA PRO A 136 -0.08 25.30 19.01
C PRO A 136 -0.27 25.82 17.58
N TYR A 137 -0.54 24.91 16.65
CA TYR A 137 -0.68 25.24 15.23
C TYR A 137 -1.75 26.27 14.89
N THR A 138 -2.90 26.19 15.54
CA THR A 138 -4.00 27.10 15.28
C THR A 138 -3.70 28.51 15.82
N THR A 139 -2.86 28.58 16.85
CA THR A 139 -2.32 29.86 17.35
C THR A 139 -1.30 30.45 16.39
N PHE A 140 -0.40 29.61 15.85
CA PHE A 140 0.54 30.05 14.80
C PHE A 140 -0.25 30.48 13.54
N GLY A 141 -1.27 29.71 13.18
CA GLY A 141 -2.02 29.90 11.93
C GLY A 141 -1.54 28.98 10.81
N GLN A 142 -1.18 27.75 11.16
CA GLN A 142 -0.69 26.78 10.17
C GLN A 142 -1.35 25.43 10.42
N SER A 143 -1.32 24.57 9.42
CA SER A 143 -1.62 23.15 9.56
C SER A 143 -0.41 22.40 10.16
N PRO A 144 -0.57 21.09 10.49
CA PRO A 144 0.55 20.43 11.21
C PRO A 144 1.86 20.28 10.40
N ASP A 145 2.97 20.10 11.10
CA ASP A 145 4.24 19.75 10.47
C ASP A 145 4.88 18.53 11.17
N GLY A 146 6.05 18.09 10.70
CA GLY A 146 6.77 16.93 11.25
C GLY A 146 6.09 15.57 11.15
N CYS A 147 5.09 15.43 10.26
CA CYS A 147 4.24 14.20 10.17
C CYS A 147 3.29 14.01 11.35
N SER A 148 3.10 15.04 12.16
CA SER A 148 2.24 14.92 13.34
C SER A 148 0.76 14.74 12.98
N SER A 149 0.40 15.03 11.72
CA SER A 149 -0.95 14.76 11.22
C SER A 149 -1.32 13.26 11.25
N ILE A 150 -0.31 12.39 11.23
CA ILE A 150 -0.51 10.92 11.32
C ILE A 150 0.12 10.30 12.56
N THR A 151 1.26 10.84 13.03
CA THR A 151 1.94 10.23 14.16
C THR A 151 1.24 10.43 15.51
N PHE A 152 0.57 11.58 15.67
CA PHE A 152 -0.19 11.87 16.90
C PHE A 152 -1.46 11.02 16.98
N PRO A 153 -2.31 11.00 15.91
CA PRO A 153 -3.47 10.09 15.92
C PRO A 153 -3.07 8.63 16.09
N LYS A 154 -1.92 8.26 15.57
CA LYS A 154 -1.45 6.87 15.66
C LYS A 154 -1.01 6.45 17.05
N MET A 155 -0.47 7.35 17.86
CA MET A 155 -0.01 6.97 19.21
C MET A 155 -1.09 7.15 20.30
N MET A 156 -2.02 8.07 20.06
CA MET A 156 -3.00 8.47 21.09
C MET A 156 -4.46 8.57 20.63
N GLY A 157 -4.74 8.16 19.41
CA GLY A 157 -6.10 8.30 18.85
C GLY A 157 -6.35 9.70 18.34
N LYS A 158 -7.25 9.85 17.39
CA LYS A 158 -7.50 11.12 16.72
C LYS A 158 -8.06 12.25 17.60
N ALA A 159 -8.98 11.89 18.52
CA ALA A 159 -9.61 12.87 19.40
C ALA A 159 -8.55 13.56 20.29
N SER A 160 -7.69 12.75 20.92
CA SER A 160 -6.58 13.27 21.74
C SER A 160 -5.50 13.98 20.93
N ALA A 161 -5.26 13.50 19.71
CA ALA A 161 -4.32 14.15 18.84
C ALA A 161 -4.79 15.57 18.50
N ASN A 162 -6.08 15.72 18.20
CA ASN A 162 -6.66 17.03 17.87
C ASN A 162 -6.72 18.01 19.05
N GLU A 163 -6.81 17.52 20.28
CA GLU A 163 -6.61 18.39 21.46
C GLU A 163 -5.24 19.09 21.38
N MET A 164 -4.22 18.38 20.91
CA MET A 164 -2.95 19.06 20.62
C MET A 164 -2.94 19.89 19.33
N LEU A 165 -3.31 19.28 18.20
CA LEU A 165 -3.22 19.90 16.88
C LEU A 165 -4.23 21.03 16.58
N ILE A 166 -5.47 20.86 17.06
CA ILE A 166 -6.52 21.89 16.90
C ILE A 166 -6.68 22.81 18.11
N ALA A 167 -6.85 22.22 19.28
CA ALA A 167 -7.14 22.99 20.48
C ALA A 167 -5.93 23.68 21.10
N GLY A 168 -4.73 23.21 20.78
CA GLY A 168 -3.49 23.85 21.24
C GLY A 168 -3.15 23.56 22.68
N ARG A 169 -3.60 22.42 23.18
CA ARG A 169 -3.40 22.07 24.58
C ARG A 169 -1.96 21.63 24.89
N LYS A 170 -1.51 21.96 26.10
CA LYS A 170 -0.21 21.53 26.61
C LYS A 170 -0.36 20.21 27.35
N LEU A 171 0.64 19.36 27.20
CA LEU A 171 0.79 18.13 27.99
C LEU A 171 2.02 18.26 28.89
N THR A 172 1.88 17.99 30.18
CA THR A 172 3.06 17.80 31.03
C THR A 172 3.84 16.56 30.50
N ALA A 173 5.08 16.36 30.97
CA ALA A 173 5.86 15.16 30.63
C ALA A 173 5.12 13.88 30.96
N ARG A 174 4.42 13.90 32.09
CA ARG A 174 3.69 12.74 32.58
C ARG A 174 2.49 12.43 31.73
N GLU A 175 1.76 13.44 31.32
CA GLU A 175 0.59 13.17 30.50
C GLU A 175 0.94 12.86 29.03
N ALA A 176 2.05 13.44 28.54
CA ALA A 176 2.63 13.04 27.26
C ALA A 176 3.10 11.60 27.34
N CYS A 177 3.55 11.14 28.50
CA CYS A 177 3.94 9.75 28.65
C CYS A 177 2.74 8.78 28.56
N ALA A 178 1.66 9.12 29.26
CA ALA A 178 0.42 8.37 29.19
C ALA A 178 -0.17 8.39 27.76
N LYS A 179 0.17 9.42 26.98
CA LYS A 179 -0.33 9.53 25.62
C LYS A 179 0.68 9.05 24.57
N GLY A 180 1.81 8.50 25.02
CA GLY A 180 2.76 7.84 24.14
C GLY A 180 3.79 8.70 23.42
N LEU A 181 3.73 10.01 23.67
CA LEU A 181 4.66 10.95 23.07
C LEU A 181 6.02 10.89 23.77
N VAL A 182 5.98 10.76 25.09
CA VAL A 182 7.17 10.51 25.92
C VAL A 182 7.10 9.03 26.26
N SER A 183 8.25 8.37 26.35
CA SER A 183 8.31 6.95 26.63
C SER A 183 8.92 6.68 28.01
N GLN A 184 9.64 7.67 28.54
CA GLN A 184 10.16 7.65 29.91
C GLN A 184 10.26 9.03 30.54
N VAL A 185 9.74 9.16 31.76
CA VAL A 185 9.86 10.39 32.54
C VAL A 185 10.94 10.21 33.60
N PHE A 186 11.78 11.24 33.77
CA PHE A 186 12.87 11.24 34.75
C PHE A 186 12.69 12.41 35.70
N LEU A 187 13.22 12.24 36.91
CA LEU A 187 13.27 13.35 37.87
C LEU A 187 14.26 14.44 37.43
N THR A 188 13.95 15.68 37.84
CA THR A 188 14.65 16.88 37.33
C THR A 188 16.11 17.08 37.84
N GLY A 189 16.40 16.71 39.09
CA GLY A 189 17.71 17.01 39.67
C GLY A 189 18.94 16.50 38.92
N THR A 190 18.89 15.25 38.48
CA THR A 190 20.04 14.64 37.84
C THR A 190 19.61 14.00 36.52
N PHE A 191 18.74 14.71 35.79
CA PHE A 191 18.23 14.26 34.48
C PHE A 191 19.35 13.79 33.54
N THR A 192 20.38 14.61 33.38
CA THR A 192 21.45 14.32 32.43
C THR A 192 22.30 13.13 32.89
N GLN A 193 22.56 13.03 34.20
CA GLN A 193 23.33 11.87 34.71
C GLN A 193 22.57 10.54 34.47
N GLU A 194 21.26 10.54 34.66
N GLU A 194 21.26 10.58 34.72
CA GLU A 194 20.50 9.31 34.54
CA GLU A 194 20.32 9.46 34.60
C GLU A 194 20.30 8.95 33.08
C GLU A 194 20.30 9.00 33.13
N VAL A 195 20.07 9.97 32.24
CA VAL A 195 20.03 9.75 30.80
C VAL A 195 21.34 9.16 30.28
N MET A 196 22.47 9.70 30.76
CA MET A 196 23.74 9.23 30.29
C MET A 196 24.03 7.79 30.69
N ILE A 197 23.62 7.35 31.87
CA ILE A 197 23.88 5.95 32.19
C ILE A 197 23.07 4.95 31.35
N GLN A 198 21.81 5.29 31.06
CA GLN A 198 20.93 4.46 30.25
C GLN A 198 21.36 4.42 28.78
N ILE A 199 21.86 5.55 28.26
CA ILE A 199 22.41 5.58 26.92
C ILE A 199 23.64 4.68 26.80
N LYS A 200 24.48 4.65 27.83
CA LYS A 200 25.64 3.78 27.87
C LYS A 200 25.27 2.31 27.92
N GLU A 201 24.22 1.97 28.67
CA GLU A 201 23.62 0.64 28.67
C GLU A 201 23.16 0.25 27.26
N LEU A 202 22.44 1.14 26.58
CA LEU A 202 21.96 0.89 25.20
C LEU A 202 23.12 0.72 24.20
N ALA A 203 24.14 1.54 24.36
CA ALA A 203 25.35 1.44 23.56
C ALA A 203 26.17 0.15 23.84
N SER A 204 25.83 -0.61 24.91
CA SER A 204 26.51 -1.93 25.14
C SER A 204 25.92 -3.06 24.29
N TYR A 205 24.75 -2.82 23.69
CA TYR A 205 24.06 -3.81 22.88
C TYR A 205 24.71 -4.01 21.52
N ASN A 206 24.42 -5.16 20.92
CA ASN A 206 24.89 -5.47 19.58
C ASN A 206 24.43 -4.39 18.57
N ALA A 207 25.38 -3.86 17.78
CA ALA A 207 25.06 -2.82 16.80
C ALA A 207 24.02 -3.23 15.72
N ILE A 208 24.08 -4.50 15.31
CA ILE A 208 23.21 -5.05 14.26
C ILE A 208 21.82 -5.29 14.81
N VAL A 209 21.72 -5.86 16.01
CA VAL A 209 20.44 -6.00 16.70
C VAL A 209 19.72 -4.64 16.82
N LEU A 210 20.42 -3.60 17.31
CA LEU A 210 19.84 -2.26 17.46
C LEU A 210 19.30 -1.67 16.15
N GLU A 211 20.07 -1.86 15.09
CA GLU A 211 19.75 -1.36 13.78
C GLU A 211 18.62 -2.19 13.11
N GLU A 212 18.59 -3.50 13.37
CA GLU A 212 17.50 -4.34 12.89
C GLU A 212 16.15 -4.04 13.58
N CYS A 213 16.18 -3.80 14.89
CA CYS A 213 15.02 -3.31 15.63
C CYS A 213 14.45 -2.00 15.05
N LYS A 214 15.33 -1.03 14.82
CA LYS A 214 14.95 0.23 14.13
C LYS A 214 14.30 -0.11 12.79
N ALA A 215 15.02 -0.88 11.97
CA ALA A 215 14.59 -1.22 10.61
C ALA A 215 13.25 -1.95 10.53
N LEU A 216 13.00 -2.85 11.49
CA LEU A 216 11.76 -3.65 11.46
C LEU A 216 10.51 -2.85 11.88
N VAL A 217 10.71 -1.90 12.80
CA VAL A 217 9.70 -0.93 13.17
C VAL A 217 9.50 0.12 12.04
N ARG A 218 10.54 0.92 11.72
CA ARG A 218 10.41 1.99 10.70
C ARG A 218 9.78 1.46 9.42
N CYS A 219 10.06 0.19 9.16
CA CYS A 219 9.55 -0.61 8.06
C CYS A 219 8.08 -0.44 7.75
N ASN A 220 7.25 -0.59 8.77
CA ASN A 220 5.81 -0.63 8.61
C ASN A 220 5.26 0.75 8.26
N ILE A 221 6.03 1.80 8.54
CA ILE A 221 5.45 3.14 8.59
C ILE A 221 6.19 4.22 7.80
N LYS A 222 7.37 3.86 7.28
CA LYS A 222 8.24 4.79 6.58
C LYS A 222 7.55 5.54 5.41
N LEU A 223 6.91 4.79 4.52
CA LEU A 223 6.19 5.38 3.38
C LEU A 223 5.05 6.35 3.78
N GLU A 224 4.27 5.96 4.80
CA GLU A 224 3.22 6.80 5.36
C GLU A 224 3.79 8.09 5.91
N LEU A 225 4.93 7.99 6.57
CA LEU A 225 5.64 9.17 7.04
C LEU A 225 6.07 10.10 5.89
N GLU A 226 6.66 9.54 4.83
CA GLU A 226 7.08 10.31 3.68
C GLU A 226 5.88 10.96 3.01
N GLN A 227 4.80 10.19 2.84
CA GLN A 227 3.55 10.74 2.34
C GLN A 227 2.92 11.84 3.22
N ALA A 228 2.91 11.67 4.54
CA ALA A 228 2.41 12.73 5.44
C ALA A 228 3.25 14.05 5.35
N ASN A 229 4.57 13.91 5.39
CA ASN A 229 5.54 14.97 5.19
C ASN A 229 5.26 15.74 3.90
N GLU A 230 5.08 14.99 2.82
CA GLU A 230 4.79 15.56 1.51
C GLU A 230 3.50 16.38 1.46
N ARG A 231 2.40 15.76 1.90
CA ARG A 231 1.11 16.44 1.97
C ARG A 231 1.10 17.69 2.86
N GLU A 232 1.66 17.61 4.09
CA GLU A 232 1.78 18.76 5.01
C GLU A 232 2.53 19.94 4.41
N CYS A 233 3.69 19.66 3.82
CA CYS A 233 4.49 20.68 3.14
C CYS A 233 3.77 21.34 1.96
N GLU A 234 3.03 20.55 1.17
CA GLU A 234 2.15 21.07 0.12
C GLU A 234 1.16 22.07 0.69
N VAL A 235 0.50 21.69 1.78
CA VAL A 235 -0.45 22.59 2.45
C VAL A 235 0.20 23.85 3.03
N LEU A 236 1.37 23.69 3.63
CA LEU A 236 2.07 24.81 4.22
C LEU A 236 2.57 25.79 3.17
N ARG A 237 2.96 25.27 1.98
CA ARG A 237 3.31 26.09 0.83
C ARG A 237 2.15 27.00 0.44
N LYS A 238 0.92 26.47 0.43
CA LYS A 238 -0.30 27.28 0.20
C LYS A 238 -0.66 28.27 1.34
N ILE A 239 -0.52 27.86 2.60
CA ILE A 239 -0.86 28.76 3.70
C ILE A 239 0.15 29.91 3.83
N TRP A 240 1.44 29.58 3.72
CA TRP A 240 2.51 30.55 3.93
C TRP A 240 2.78 31.49 2.77
N SER A 241 2.26 31.16 1.59
CA SER A 241 2.29 32.08 0.47
C SER A 241 0.98 32.83 0.28
N SER A 242 0.06 32.71 1.24
CA SER A 242 -1.22 33.43 1.16
C SER A 242 -1.18 34.66 2.06
N ALA A 243 -2.09 35.61 1.83
CA ALA A 243 -2.21 36.81 2.67
C ALA A 243 -2.69 36.46 4.08
N GLN A 244 -3.67 35.55 4.19
CA GLN A 244 -4.14 35.06 5.48
C GLN A 244 -3.01 34.42 6.28
N GLY A 245 -2.19 33.61 5.61
CA GLY A 245 -1.07 32.96 6.27
C GLY A 245 0.00 33.89 6.80
N ILE A 246 0.44 34.83 5.97
CA ILE A 246 1.41 35.84 6.41
C ILE A 246 0.82 36.65 7.57
N GLU A 247 -0.42 37.10 7.40
CA GLU A 247 -1.16 37.86 8.40
C GLU A 247 -1.20 37.15 9.76
N SER A 248 -1.55 35.86 9.76
CA SER A 248 -1.58 35.02 10.97
C SER A 248 -0.21 34.96 11.65
N MET A 249 0.85 34.85 10.86
CA MET A 249 2.22 34.74 11.36
C MET A 249 2.74 36.04 11.96
N LEU A 250 2.38 37.17 11.36
CA LEU A 250 2.73 38.48 11.95
C LEU A 250 1.99 38.73 13.26
N LYS A 251 0.68 38.57 13.24
CA LYS A 251 -0.14 38.60 14.45
C LYS A 251 0.56 37.80 15.57
N TYR A 252 0.86 36.53 15.30
CA TYR A 252 1.54 35.69 16.28
C TYR A 252 2.83 36.32 16.78
N VAL A 253 3.70 36.75 15.86
CA VAL A 253 5.03 37.27 16.23
C VAL A 253 4.92 38.55 17.06
N GLU A 254 4.02 39.44 16.65
CA GLU A 254 3.86 40.73 17.33
C GLU A 254 3.14 40.62 18.68
N ASN A 255 2.11 39.77 18.75
CA ASN A 255 1.24 39.68 19.92
C ASN A 255 1.67 38.59 20.87
N LYS A 256 1.50 38.84 22.16
CA LYS A 256 1.83 37.86 23.21
C LYS A 256 3.15 37.12 23.01
N ILE A 257 4.04 37.21 23.98
CA ILE A 257 5.30 36.46 23.95
C ILE A 257 5.28 35.20 24.85
N ASP A 258 6.46 34.61 24.99
CA ASP A 258 6.66 33.21 25.32
C ASP A 258 6.33 32.75 26.74
N GLU A 259 5.81 31.51 26.83
CA GLU A 259 5.51 30.86 28.11
C GLU A 259 6.60 29.88 28.54
N PHE A 260 7.63 29.77 27.71
CA PHE A 260 8.84 28.97 27.94
C PHE A 260 10.05 29.87 28.19
N ILE B 1 -34.54 23.03 7.19
CA ILE B 1 -34.00 23.65 8.44
C ILE B 1 -34.83 23.33 9.69
N THR B 2 -36.15 23.17 9.50
CA THR B 2 -37.04 22.56 10.50
C THR B 2 -36.73 21.08 10.65
N TYR B 3 -36.58 20.60 11.88
CA TYR B 3 -36.51 19.16 12.12
C TYR B 3 -37.34 18.73 13.33
N ARG B 4 -38.00 17.58 13.18
CA ARG B 4 -38.74 16.93 14.26
C ARG B 4 -37.87 16.47 15.43
N ASP B 5 -36.68 15.94 15.12
CA ASP B 5 -35.84 15.26 16.11
C ASP B 5 -34.49 15.90 16.43
N ILE B 6 -34.16 17.00 15.77
CA ILE B 6 -32.91 17.73 16.03
C ILE B 6 -33.10 19.24 16.04
N VAL B 7 -32.35 19.93 16.90
CA VAL B 7 -32.31 21.39 16.89
C VAL B 7 -30.97 21.83 16.29
N VAL B 8 -31.04 22.57 15.18
CA VAL B 8 -29.84 23.11 14.54
C VAL B 8 -29.72 24.59 14.92
N LYS B 9 -28.52 25.00 15.30
CA LYS B 9 -28.24 26.40 15.60
C LYS B 9 -27.07 26.91 14.76
N LYS B 10 -27.38 27.73 13.73
CA LYS B 10 -26.36 28.37 12.87
C LYS B 10 -25.71 29.56 13.59
N GLU B 11 -24.77 29.28 14.49
CA GLU B 11 -24.15 30.27 15.37
C GLU B 11 -22.96 31.03 14.73
N ASP B 12 -22.32 31.91 15.51
CA ASP B 12 -21.23 32.76 15.00
C ASP B 12 -19.86 32.04 14.95
N GLY B 13 -19.52 31.53 13.77
CA GLY B 13 -18.30 30.75 13.55
C GLY B 13 -18.49 29.23 13.61
N PHE B 14 -19.64 28.77 14.11
CA PHE B 14 -19.89 27.34 14.27
C PHE B 14 -21.37 27.03 14.20
N THR B 15 -21.71 25.81 13.81
CA THR B 15 -23.11 25.37 13.78
C THR B 15 -23.29 24.22 14.76
N GLN B 16 -24.27 24.34 15.64
CA GLN B 16 -24.55 23.30 16.62
C GLN B 16 -25.80 22.53 16.21
N ILE B 17 -25.65 21.20 16.13
CA ILE B 17 -26.75 20.29 15.85
C ILE B 17 -27.01 19.55 17.15
N VAL B 18 -28.24 19.68 17.67
CA VAL B 18 -28.63 19.05 18.94
C VAL B 18 -29.58 17.89 18.64
N LEU B 19 -29.18 16.66 18.99
CA LEU B 19 -30.06 15.49 18.95
C LEU B 19 -31.06 15.58 20.08
N SER B 20 -32.34 15.66 19.74
CA SER B 20 -33.40 15.79 20.72
C SER B 20 -34.66 15.11 20.16
N THR B 21 -34.66 13.78 20.24
CA THR B 21 -35.68 12.99 19.56
C THR B 21 -37.02 13.02 20.30
N ARG B 22 -38.07 12.80 19.53
CA ARG B 22 -39.43 12.61 20.06
C ARG B 22 -39.99 11.29 19.54
N SER B 23 -39.63 10.95 18.31
CA SER B 23 -40.11 9.71 17.68
C SER B 23 -39.49 8.43 18.32
N THR B 24 -38.41 8.61 19.08
CA THR B 24 -37.79 7.51 19.84
C THR B 24 -37.49 7.88 21.31
N GLU B 25 -37.26 6.85 22.13
CA GLU B 25 -36.74 7.00 23.51
C GLU B 25 -35.23 7.31 23.51
N LYS B 26 -34.77 7.97 24.57
CA LYS B 26 -33.33 8.19 24.86
C LYS B 26 -32.46 8.53 23.63
N ASN B 27 -32.92 9.47 22.82
CA ASN B 27 -32.22 9.87 21.59
C ASN B 27 -31.83 8.68 20.71
N ALA B 28 -32.70 7.69 20.64
CA ALA B 28 -32.43 6.50 19.85
C ALA B 28 -32.52 6.84 18.39
N LEU B 29 -31.90 6.02 17.55
CA LEU B 29 -31.83 6.28 16.09
C LEU B 29 -32.74 5.34 15.32
N ASN B 30 -33.65 5.93 14.54
CA ASN B 30 -34.38 5.17 13.52
C ASN B 30 -34.11 5.76 12.14
N THR B 31 -34.72 5.19 11.10
CA THR B 31 -34.51 5.68 9.72
C THR B 31 -34.69 7.20 9.55
N GLU B 32 -35.79 7.74 10.08
CA GLU B 32 -36.12 9.17 10.00
C GLU B 32 -35.16 10.07 10.75
N VAL B 33 -34.75 9.67 11.95
CA VAL B 33 -33.79 10.46 12.75
C VAL B 33 -32.42 10.47 12.05
N ILE B 34 -32.04 9.30 11.52
CA ILE B 34 -30.79 9.20 10.78
C ILE B 34 -30.84 10.09 9.53
N LYS B 35 -31.94 10.02 8.78
CA LYS B 35 -32.10 10.86 7.60
C LYS B 35 -32.14 12.35 7.91
N GLU B 36 -32.60 12.72 9.10
CA GLU B 36 -32.59 14.12 9.55
C GLU B 36 -31.17 14.59 9.85
N MET B 37 -30.39 13.76 10.57
CA MET B 37 -28.99 14.02 10.89
C MET B 37 -28.12 14.24 9.65
N VAL B 38 -28.34 13.38 8.65
CA VAL B 38 -27.62 13.44 7.38
C VAL B 38 -27.91 14.77 6.69
N ASN B 39 -29.19 15.14 6.61
CA ASN B 39 -29.62 16.43 6.03
C ASN B 39 -29.07 17.63 6.79
N ALA B 40 -29.07 17.55 8.11
CA ALA B 40 -28.58 18.61 8.97
C ALA B 40 -27.06 18.77 8.86
N LEU B 41 -26.34 17.65 8.74
CA LEU B 41 -24.90 17.62 8.50
C LEU B 41 -24.52 18.18 7.13
N ASN B 42 -25.24 17.73 6.10
CA ASN B 42 -25.09 18.23 4.73
C ASN B 42 -25.29 19.73 4.61
N SER B 43 -26.17 20.29 5.45
CA SER B 43 -26.45 21.73 5.44
C SER B 43 -25.35 22.51 6.16
N ALA B 44 -24.90 21.97 7.28
CA ALA B 44 -23.77 22.49 8.06
C ALA B 44 -22.52 22.57 7.21
N ALA B 45 -22.27 21.50 6.44
CA ALA B 45 -21.20 21.45 5.47
C ALA B 45 -21.25 22.64 4.51
N ALA B 46 -22.45 23.03 4.09
CA ALA B 46 -22.63 24.06 3.07
C ALA B 46 -22.61 25.50 3.59
N ASP B 47 -22.94 25.71 4.87
CA ASP B 47 -22.97 27.06 5.47
C ASP B 47 -21.57 27.64 5.75
N ASP B 48 -21.49 28.82 6.38
CA ASP B 48 -20.17 29.45 6.57
C ASP B 48 -19.52 29.23 7.95
N SER B 49 -20.04 28.28 8.72
CA SER B 49 -19.40 27.87 9.97
C SER B 49 -18.02 27.27 9.67
N LYS B 50 -17.10 27.40 10.61
CA LYS B 50 -15.77 26.80 10.51
C LYS B 50 -15.71 25.39 11.13
N LEU B 51 -16.69 25.08 11.97
CA LEU B 51 -16.79 23.77 12.59
C LEU B 51 -18.21 23.45 13.06
N VAL B 52 -18.48 22.16 13.23
CA VAL B 52 -19.77 21.70 13.71
C VAL B 52 -19.64 21.24 15.16
N LEU B 53 -20.64 21.58 15.97
CA LEU B 53 -20.74 21.04 17.32
C LEU B 53 -21.96 20.11 17.35
N PHE B 54 -21.69 18.85 17.68
CA PHE B 54 -22.69 17.82 17.75
C PHE B 54 -22.96 17.58 19.22
N SER B 55 -24.14 18.00 19.66
CA SER B 55 -24.59 17.86 21.04
C SER B 55 -25.91 17.11 21.08
N ALA B 56 -26.35 16.80 22.30
CA ALA B 56 -27.65 16.19 22.57
C ALA B 56 -28.30 16.86 23.77
N ALA B 57 -29.63 16.84 23.77
CA ALA B 57 -30.45 17.41 24.83
C ALA B 57 -30.78 16.37 25.90
N GLY B 58 -30.89 16.84 27.14
CA GLY B 58 -31.21 15.96 28.26
C GLY B 58 -30.02 15.25 28.89
N SER B 59 -30.26 14.02 29.32
CA SER B 59 -29.35 13.32 30.21
C SER B 59 -28.66 12.11 29.56
N VAL B 60 -29.15 11.71 28.40
CA VAL B 60 -28.47 10.72 27.57
C VAL B 60 -28.01 11.31 26.22
N PHE B 61 -26.85 10.87 25.73
CA PHE B 61 -26.37 11.32 24.43
C PHE B 61 -27.12 10.63 23.28
N CYS B 62 -27.01 9.32 23.23
CA CYS B 62 -27.57 8.52 22.15
C CYS B 62 -27.36 7.06 22.51
N CYS B 63 -28.47 6.36 22.62
CA CYS B 63 -28.48 4.93 22.94
C CYS B 63 -28.40 4.07 21.66
N GLY B 64 -28.07 4.68 20.53
CA GLY B 64 -27.85 3.96 19.28
C GLY B 64 -29.14 3.61 18.56
N LEU B 65 -29.08 2.55 17.76
CA LEU B 65 -30.23 2.10 16.98
C LEU B 65 -31.38 1.64 17.85
N ASP B 66 -32.59 2.05 17.45
CA ASP B 66 -33.84 1.63 18.08
C ASP B 66 -34.20 0.25 17.54
N PHE B 67 -33.83 -0.81 18.25
CA PHE B 67 -34.13 -2.17 17.79
C PHE B 67 -35.62 -2.54 17.85
N GLY B 68 -36.39 -1.86 18.69
CA GLY B 68 -37.85 -2.07 18.80
C GLY B 68 -38.55 -1.63 17.53
N TYR B 69 -38.05 -0.52 16.98
CA TYR B 69 -38.45 -0.01 15.68
C TYR B 69 -38.05 -0.98 14.57
N PHE B 70 -36.78 -1.38 14.54
CA PHE B 70 -36.23 -2.08 13.38
C PHE B 70 -36.65 -3.54 13.26
N VAL B 71 -36.84 -4.19 14.39
CA VAL B 71 -37.13 -5.64 14.41
C VAL B 71 -38.48 -6.00 13.84
N ARG B 72 -39.45 -5.09 13.96
CA ARG B 72 -40.77 -5.31 13.37
C ARG B 72 -40.62 -5.35 11.85
N HIS B 73 -39.80 -4.45 11.31
CA HIS B 73 -39.49 -4.38 9.88
C HIS B 73 -38.79 -5.62 9.33
N LEU B 74 -37.75 -6.06 10.05
CA LEU B 74 -37.02 -7.28 9.75
C LEU B 74 -37.91 -8.51 9.75
N ARG B 75 -38.73 -8.66 10.77
CA ARG B 75 -39.66 -9.77 10.83
C ARG B 75 -40.63 -9.73 9.66
N ASN B 76 -41.15 -8.53 9.37
CA ASN B 76 -42.06 -8.34 8.24
C ASN B 76 -41.44 -8.73 6.90
N ASP B 77 -40.23 -8.26 6.61
CA ASP B 77 -39.64 -8.49 5.30
C ASP B 77 -38.11 -8.45 5.38
N ARG B 78 -37.52 -9.58 5.77
CA ARG B 78 -36.11 -9.59 6.18
C ARG B 78 -35.12 -9.15 5.08
N ASN B 79 -35.33 -9.58 3.85
CA ASN B 79 -34.41 -9.24 2.78
C ASN B 79 -34.45 -7.74 2.42
N THR B 80 -35.65 -7.20 2.25
CA THR B 80 -35.83 -5.79 1.92
C THR B 80 -35.44 -4.87 3.08
N ALA B 81 -35.83 -5.25 4.29
CA ALA B 81 -35.62 -4.42 5.47
C ALA B 81 -34.19 -4.43 5.94
N SER B 82 -33.50 -5.57 5.82
CA SER B 82 -32.08 -5.65 6.21
C SER B 82 -31.20 -4.86 5.25
N LEU B 83 -31.61 -4.79 3.98
CA LEU B 83 -30.91 -3.99 2.96
C LEU B 83 -31.14 -2.49 3.13
N GLU B 84 -32.41 -2.09 3.32
CA GLU B 84 -32.75 -0.70 3.62
C GLU B 84 -32.05 -0.14 4.85
N MET B 85 -32.08 -0.92 5.94
CA MET B 85 -31.46 -0.61 7.21
C MET B 85 -29.93 -0.45 7.07
N VAL B 86 -29.31 -1.39 6.37
CA VAL B 86 -27.87 -1.37 6.12
C VAL B 86 -27.44 -0.23 5.17
N ASP B 87 -28.31 0.14 4.24
CA ASP B 87 -28.03 1.25 3.35
C ASP B 87 -28.08 2.62 4.06
N THR B 88 -29.00 2.77 5.02
CA THR B 88 -29.11 4.05 5.70
C THR B 88 -28.01 4.22 6.79
N ILE B 89 -27.57 3.12 7.37
CA ILE B 89 -26.43 3.14 8.26
C ILE B 89 -25.16 3.52 7.51
N LYS B 90 -24.95 2.91 6.35
CA LYS B 90 -23.81 3.20 5.50
C LYS B 90 -23.69 4.66 5.09
N ASN B 91 -24.83 5.27 4.73
CA ASN B 91 -24.84 6.66 4.26
C ASN B 91 -24.62 7.65 5.42
N PHE B 92 -25.18 7.32 6.58
CA PHE B 92 -24.98 8.04 7.85
C PHE B 92 -23.49 8.03 8.26
N VAL B 93 -22.94 6.83 8.34
CA VAL B 93 -21.53 6.63 8.65
C VAL B 93 -20.62 7.33 7.62
N ASN B 94 -20.94 7.21 6.33
CA ASN B 94 -20.19 7.86 5.25
C ASN B 94 -20.26 9.39 5.31
N THR B 95 -21.40 9.93 5.77
CA THR B 95 -21.52 11.38 5.97
C THR B 95 -20.48 11.90 6.95
N PHE B 96 -20.24 11.15 8.02
CA PHE B 96 -19.19 11.53 8.96
C PHE B 96 -17.80 11.37 8.32
N ILE B 97 -17.57 10.25 7.63
CA ILE B 97 -16.27 9.99 7.00
C ILE B 97 -15.89 11.11 6.05
N GLN B 98 -16.85 11.57 5.24
CA GLN B 98 -16.58 12.52 4.16
C GLN B 98 -16.58 13.98 4.58
N PHE B 99 -16.95 14.23 5.84
CA PHE B 99 -17.15 15.59 6.37
C PHE B 99 -15.86 16.39 6.43
N LYS B 100 -15.89 17.61 5.89
CA LYS B 100 -14.69 18.42 5.70
C LYS B 100 -14.36 19.37 6.86
N LYS B 101 -15.39 19.82 7.59
CA LYS B 101 -15.18 20.70 8.72
C LYS B 101 -14.96 19.83 9.93
N PRO B 102 -14.17 20.30 10.92
CA PRO B 102 -14.12 19.55 12.17
C PRO B 102 -15.51 19.43 12.82
N ILE B 103 -15.74 18.30 13.48
CA ILE B 103 -16.91 18.08 14.33
C ILE B 103 -16.46 17.87 15.76
N VAL B 104 -16.90 18.75 16.65
CA VAL B 104 -16.74 18.53 18.09
C VAL B 104 -17.99 17.82 18.59
N VAL B 105 -17.84 16.78 19.39
CA VAL B 105 -19.02 16.18 19.95
C VAL B 105 -19.04 16.31 21.45
N SER B 106 -20.17 16.80 21.92
CA SER B 106 -20.43 17.10 23.29
C SER B 106 -21.27 15.97 23.89
N VAL B 107 -20.66 15.14 24.73
CA VAL B 107 -21.35 13.94 25.23
C VAL B 107 -21.83 14.12 26.67
N ASN B 108 -23.15 14.25 26.81
CA ASN B 108 -23.81 14.63 28.05
C ASN B 108 -24.20 13.46 28.94
N GLY B 109 -24.26 12.27 28.36
CA GLY B 109 -24.70 11.06 29.05
C GLY B 109 -24.33 9.87 28.21
N PRO B 110 -24.92 8.69 28.49
CA PRO B 110 -24.54 7.42 27.81
C PRO B 110 -24.52 7.48 26.27
N ALA B 111 -23.48 6.89 25.68
CA ALA B 111 -23.36 6.69 24.25
C ALA B 111 -23.25 5.18 24.03
N ILE B 112 -24.21 4.61 23.30
CA ILE B 112 -24.38 3.15 23.22
C ILE B 112 -24.54 2.71 21.78
N GLY B 113 -23.89 1.59 21.42
CA GLY B 113 -23.91 1.00 20.07
C GLY B 113 -23.41 2.00 19.06
N LEU B 114 -24.25 2.31 18.06
CA LEU B 114 -23.95 3.28 17.02
C LEU B 114 -23.80 4.71 17.57
N GLY B 115 -24.44 4.99 18.70
CA GLY B 115 -24.21 6.25 19.41
C GLY B 115 -22.79 6.44 19.94
N ALA B 116 -22.10 5.35 20.29
CA ALA B 116 -20.68 5.39 20.67
C ALA B 116 -19.76 5.19 19.49
N SER B 117 -20.16 4.35 18.54
CA SER B 117 -19.29 4.01 17.43
C SER B 117 -19.07 5.12 16.39
N ILE B 118 -19.97 6.11 16.29
CA ILE B 118 -19.70 7.27 15.41
C ILE B 118 -18.71 8.27 16.02
N LEU B 119 -18.48 8.17 17.32
CA LEU B 119 -17.61 9.12 18.04
C LEU B 119 -16.19 9.26 17.46
N PRO B 120 -15.51 8.12 17.11
CA PRO B 120 -14.20 8.14 16.43
C PRO B 120 -14.17 8.75 15.02
N LEU B 121 -15.34 8.87 14.38
CA LEU B 121 -15.44 9.51 13.06
C LEU B 121 -15.44 11.04 13.18
N CYS B 122 -15.74 11.55 14.36
CA CYS B 122 -15.62 12.97 14.67
C CYS B 122 -14.18 13.33 15.12
N ASP B 123 -13.93 14.60 15.42
CA ASP B 123 -12.57 15.13 15.62
C ASP B 123 -12.15 15.45 17.06
N LEU B 124 -13.06 16.01 17.84
CA LEU B 124 -12.90 16.19 19.27
C LEU B 124 -14.12 15.62 19.95
N VAL B 125 -13.94 15.08 21.15
CA VAL B 125 -15.03 14.46 21.89
C VAL B 125 -14.94 14.93 23.32
N TRP B 126 -15.87 15.78 23.71
CA TRP B 126 -15.90 16.34 25.05
C TRP B 126 -17.03 15.69 25.83
N ALA B 127 -16.67 15.09 26.94
CA ALA B 127 -17.63 14.33 27.72
C ALA B 127 -17.79 14.85 29.15
N ASN B 128 -19.04 14.88 29.58
CA ASN B 128 -19.42 15.10 30.96
C ASN B 128 -18.83 13.89 31.71
N GLU B 129 -18.32 14.10 32.91
CA GLU B 129 -17.71 13.01 33.68
C GLU B 129 -18.62 11.82 34.00
N LYS B 130 -19.93 12.06 34.07
CA LYS B 130 -20.91 11.01 34.34
C LYS B 130 -21.33 10.27 33.07
N ALA B 131 -20.94 10.80 31.90
CA ALA B 131 -21.11 10.10 30.62
C ALA B 131 -20.39 8.75 30.63
N TRP B 132 -21.01 7.74 30.02
CA TRP B 132 -20.32 6.47 29.86
C TRP B 132 -20.57 5.92 28.46
N PHE B 133 -19.80 4.90 28.09
CA PHE B 133 -19.68 4.42 26.70
C PHE B 133 -19.71 2.91 26.61
N GLN B 134 -20.50 2.40 25.67
CA GLN B 134 -20.58 0.96 25.43
C GLN B 134 -20.93 0.67 23.97
N THR B 135 -20.39 -0.42 23.43
CA THR B 135 -20.81 -0.90 22.10
C THR B 135 -21.16 -2.40 22.21
N PRO B 136 -22.29 -2.73 22.87
CA PRO B 136 -22.50 -4.12 23.29
C PRO B 136 -23.05 -5.03 22.18
N TYR B 137 -22.31 -5.12 21.09
CA TYR B 137 -22.73 -5.80 19.87
C TYR B 137 -23.15 -7.25 20.10
N THR B 138 -22.44 -7.91 21.01
CA THR B 138 -22.67 -9.31 21.35
C THR B 138 -23.93 -9.51 22.17
N THR B 139 -24.39 -8.46 22.86
CA THR B 139 -25.70 -8.46 23.51
C THR B 139 -26.84 -8.26 22.50
N PHE B 140 -26.73 -7.24 21.62
CA PHE B 140 -27.66 -7.03 20.49
C PHE B 140 -27.77 -8.28 19.59
N GLY B 141 -26.63 -8.91 19.34
CA GLY B 141 -26.54 -10.07 18.46
C GLY B 141 -26.12 -9.65 17.07
N GLN B 142 -25.20 -8.68 17.00
CA GLN B 142 -24.69 -8.19 15.72
C GLN B 142 -23.17 -8.02 15.73
N SER B 143 -22.62 -7.80 14.55
CA SER B 143 -21.22 -7.45 14.40
C SER B 143 -21.04 -5.91 14.47
N PRO B 144 -19.78 -5.42 14.51
CA PRO B 144 -19.62 -3.96 14.69
C PRO B 144 -20.14 -3.10 13.53
N ASP B 145 -20.46 -1.85 13.86
CA ASP B 145 -20.87 -0.82 12.90
C ASP B 145 -20.10 0.48 13.20
N GLY B 146 -20.21 1.48 12.33
CA GLY B 146 -19.62 2.80 12.61
C GLY B 146 -18.13 2.89 12.33
N CYS B 147 -17.59 1.86 11.69
CA CYS B 147 -16.15 1.67 11.45
C CYS B 147 -15.37 1.21 12.68
N SER B 148 -16.08 1.00 13.79
CA SER B 148 -15.44 0.65 15.06
C SER B 148 -14.59 -0.62 15.01
N SER B 149 -14.78 -1.45 13.99
CA SER B 149 -13.93 -2.64 13.78
C SER B 149 -12.49 -2.26 13.41
N ILE B 150 -12.28 -1.03 12.94
CA ILE B 150 -10.92 -0.51 12.74
C ILE B 150 -10.59 0.64 13.69
N THR B 151 -11.56 1.51 13.98
CA THR B 151 -11.25 2.70 14.76
C THR B 151 -10.93 2.41 16.24
N PHE B 152 -11.63 1.42 16.81
CA PHE B 152 -11.37 1.01 18.18
C PHE B 152 -9.97 0.40 18.34
N PRO B 153 -9.62 -0.63 17.54
CA PRO B 153 -8.23 -1.10 17.65
C PRO B 153 -7.13 -0.06 17.36
N LYS B 154 -7.38 0.91 16.47
CA LYS B 154 -6.39 1.94 16.15
C LYS B 154 -6.18 2.96 17.29
N MET B 155 -7.16 3.10 18.18
CA MET B 155 -7.01 4.07 19.26
C MET B 155 -6.54 3.43 20.55
N MET B 156 -6.86 2.14 20.73
CA MET B 156 -6.65 1.51 22.04
C MET B 156 -5.95 0.16 22.00
N GLY B 157 -5.60 -0.29 20.79
CA GLY B 157 -5.13 -1.65 20.59
C GLY B 157 -6.28 -2.64 20.42
N LYS B 158 -5.97 -3.78 19.83
CA LYS B 158 -6.95 -4.82 19.54
C LYS B 158 -7.60 -5.44 20.82
N ALA B 159 -6.79 -5.74 21.84
CA ALA B 159 -7.29 -6.32 23.10
C ALA B 159 -8.35 -5.45 23.84
N SER B 160 -7.99 -4.22 24.18
CA SER B 160 -8.94 -3.23 24.72
C SER B 160 -10.13 -2.91 23.80
N ALA B 161 -9.91 -2.90 22.48
CA ALA B 161 -11.04 -2.81 21.53
C ALA B 161 -12.05 -3.98 21.68
N ASN B 162 -11.56 -5.21 21.78
CA ASN B 162 -12.47 -6.37 21.94
C ASN B 162 -13.16 -6.44 23.31
N GLU B 163 -12.60 -5.76 24.32
CA GLU B 163 -13.29 -5.62 25.60
C GLU B 163 -14.62 -4.90 25.36
N MET B 164 -14.56 -3.88 24.51
CA MET B 164 -15.75 -3.21 24.10
C MET B 164 -16.59 -3.93 23.02
N LEU B 165 -15.93 -4.42 21.97
CA LEU B 165 -16.63 -4.99 20.82
C LEU B 165 -17.26 -6.37 21.04
N ILE B 166 -16.57 -7.22 21.81
CA ILE B 166 -16.99 -8.57 22.15
C ILE B 166 -17.51 -8.68 23.57
N ALA B 167 -16.85 -8.01 24.52
CA ALA B 167 -17.11 -8.20 25.95
C ALA B 167 -18.12 -7.26 26.64
N GLY B 168 -18.77 -6.38 25.89
CA GLY B 168 -19.83 -5.50 26.43
C GLY B 168 -19.37 -4.48 27.45
N ARG B 169 -18.06 -4.23 27.53
CA ARG B 169 -17.46 -3.29 28.48
C ARG B 169 -18.05 -1.88 28.39
N LYS B 170 -18.30 -1.28 29.55
CA LYS B 170 -18.72 0.12 29.63
C LYS B 170 -17.55 0.91 30.18
N LEU B 171 -17.23 2.00 29.51
CA LEU B 171 -16.18 2.91 29.92
C LEU B 171 -16.83 4.12 30.58
N THR B 172 -16.30 4.56 31.73
CA THR B 172 -16.62 5.90 32.27
C THR B 172 -15.98 6.95 31.36
N ALA B 173 -16.36 8.21 31.48
CA ALA B 173 -15.72 9.24 30.64
C ALA B 173 -14.22 9.27 30.86
N ARG B 174 -13.78 9.04 32.10
CA ARG B 174 -12.36 9.03 32.42
C ARG B 174 -11.59 7.88 31.76
N GLU B 175 -12.11 6.66 31.84
CA GLU B 175 -11.52 5.49 31.16
C GLU B 175 -11.51 5.62 29.63
N ALA B 176 -12.59 6.17 29.07
CA ALA B 176 -12.70 6.40 27.64
C ALA B 176 -11.67 7.43 27.19
N CYS B 177 -11.44 8.46 28.01
CA CYS B 177 -10.40 9.48 27.76
C CYS B 177 -9.01 8.82 27.80
N ALA B 178 -8.74 8.01 28.83
CA ALA B 178 -7.52 7.20 28.90
C ALA B 178 -7.34 6.26 27.71
N LYS B 179 -8.44 5.81 27.12
CA LYS B 179 -8.40 4.94 25.94
C LYS B 179 -8.44 5.69 24.60
N GLY B 180 -8.54 7.01 24.66
CA GLY B 180 -8.52 7.82 23.44
C GLY B 180 -9.85 8.03 22.72
N LEU B 181 -10.93 7.57 23.32
CA LEU B 181 -12.28 7.71 22.76
C LEU B 181 -12.85 9.10 23.07
N VAL B 182 -12.51 9.57 24.26
CA VAL B 182 -12.84 10.92 24.71
C VAL B 182 -11.55 11.73 24.75
N SER B 183 -11.63 12.98 24.30
CA SER B 183 -10.43 13.84 24.35
C SER B 183 -10.39 14.76 25.56
N GLN B 184 -11.56 15.08 26.12
CA GLN B 184 -11.62 15.91 27.31
C GLN B 184 -12.82 15.58 28.18
N VAL B 185 -12.57 15.54 29.49
CA VAL B 185 -13.57 15.28 30.52
C VAL B 185 -13.82 16.56 31.35
N PHE B 186 -15.10 16.87 31.54
CA PHE B 186 -15.56 18.08 32.21
C PHE B 186 -16.36 17.66 33.43
N LEU B 187 -16.04 18.25 34.58
CA LEU B 187 -16.79 18.04 35.83
C LEU B 187 -18.27 18.43 35.66
N THR B 188 -19.14 17.70 36.36
CA THR B 188 -20.59 17.81 36.12
C THR B 188 -21.17 19.23 36.15
N GLY B 189 -21.03 19.93 37.27
CA GLY B 189 -21.70 21.21 37.43
C GLY B 189 -21.64 22.14 36.24
N THR B 190 -20.53 22.07 35.50
CA THR B 190 -20.17 23.07 34.51
C THR B 190 -19.87 22.49 33.11
N PHE B 191 -20.66 21.52 32.65
CA PHE B 191 -20.42 20.92 31.34
C PHE B 191 -20.75 21.87 30.16
N THR B 192 -22.00 22.34 30.13
CA THR B 192 -22.53 23.10 29.00
C THR B 192 -21.89 24.48 28.93
N GLN B 193 -21.68 25.06 30.11
CA GLN B 193 -20.96 26.31 30.18
C GLN B 193 -19.59 26.18 29.48
N GLU B 194 -18.83 25.15 29.86
CA GLU B 194 -17.46 24.96 29.39
C GLU B 194 -17.39 24.60 27.90
N VAL B 195 -18.25 23.68 27.48
CA VAL B 195 -18.35 23.33 26.08
C VAL B 195 -18.54 24.60 25.23
N MET B 196 -19.44 25.49 25.66
CA MET B 196 -19.77 26.69 24.87
C MET B 196 -18.61 27.69 24.81
N ILE B 197 -17.92 27.86 25.92
CA ILE B 197 -16.70 28.67 25.98
C ILE B 197 -15.64 28.13 25.02
N GLN B 198 -15.42 26.81 25.04
CA GLN B 198 -14.34 26.24 24.26
C GLN B 198 -14.60 26.21 22.76
N ILE B 199 -15.85 25.98 22.36
CA ILE B 199 -16.23 25.95 20.95
C ILE B 199 -16.16 27.35 20.31
N LYS B 200 -16.39 28.38 21.13
CA LYS B 200 -16.23 29.75 20.68
C LYS B 200 -14.75 30.11 20.53
N GLU B 201 -13.92 29.55 21.40
CA GLU B 201 -12.45 29.64 21.25
C GLU B 201 -11.98 29.08 19.89
N LEU B 202 -12.40 27.87 19.55
CA LEU B 202 -12.05 27.22 18.28
C LEU B 202 -12.61 27.90 17.03
N ALA B 203 -13.81 28.44 17.12
CA ALA B 203 -14.44 29.17 16.03
C ALA B 203 -13.76 30.52 15.74
N SER B 204 -12.88 30.96 16.66
CA SER B 204 -12.09 32.19 16.46
C SER B 204 -10.82 31.92 15.63
N TYR B 205 -10.46 30.64 15.48
CA TYR B 205 -9.33 30.25 14.63
C TYR B 205 -9.62 30.37 13.12
N ASN B 206 -8.56 30.47 12.33
CA ASN B 206 -8.64 30.50 10.87
C ASN B 206 -9.42 29.31 10.27
N ALA B 207 -10.38 29.60 9.39
CA ALA B 207 -11.24 28.56 8.79
C ALA B 207 -10.45 27.53 7.96
N ILE B 208 -9.59 28.04 7.07
CA ILE B 208 -8.83 27.19 6.16
C ILE B 208 -7.88 26.29 6.96
N VAL B 209 -7.24 26.87 7.98
CA VAL B 209 -6.40 26.14 8.91
C VAL B 209 -7.14 24.96 9.56
N LEU B 210 -8.33 25.22 10.12
CA LEU B 210 -9.19 24.18 10.68
C LEU B 210 -9.54 23.08 9.68
N GLU B 211 -9.91 23.47 8.46
CA GLU B 211 -10.28 22.53 7.43
C GLU B 211 -9.07 21.72 6.97
N GLU B 212 -7.93 22.40 6.85
CA GLU B 212 -6.68 21.72 6.53
C GLU B 212 -6.17 20.72 7.56
N CYS B 213 -6.28 21.04 8.85
CA CYS B 213 -5.91 20.06 9.89
C CYS B 213 -6.79 18.82 9.79
N LYS B 214 -8.08 19.02 9.53
CA LYS B 214 -9.04 17.95 9.36
C LYS B 214 -8.69 17.13 8.13
N ALA B 215 -8.35 17.79 7.03
CA ALA B 215 -8.04 17.09 5.78
C ALA B 215 -6.75 16.31 5.89
N LEU B 216 -5.75 16.88 6.55
CA LEU B 216 -4.48 16.16 6.80
C LEU B 216 -4.62 14.96 7.73
N VAL B 217 -5.38 15.10 8.81
CA VAL B 217 -5.57 14.01 9.76
C VAL B 217 -6.41 12.88 9.17
N ARG B 218 -7.42 13.24 8.37
CA ARG B 218 -8.36 12.26 7.78
C ARG B 218 -7.74 11.50 6.63
N CYS B 219 -6.95 12.22 5.84
CA CYS B 219 -6.16 11.74 4.71
C CYS B 219 -5.71 10.30 4.76
N ASN B 220 -5.00 10.00 5.84
CA ASN B 220 -4.29 8.74 6.06
C ASN B 220 -5.22 7.54 6.25
N ILE B 221 -6.44 7.81 6.75
CA ILE B 221 -7.34 6.76 7.19
C ILE B 221 -8.63 6.68 6.37
N LYS B 222 -8.80 7.58 5.40
CA LYS B 222 -10.07 7.73 4.68
C LYS B 222 -10.55 6.44 3.98
N LEU B 223 -9.71 5.90 3.09
CA LEU B 223 -10.02 4.68 2.37
C LEU B 223 -10.31 3.50 3.30
N GLU B 224 -9.50 3.33 4.35
CA GLU B 224 -9.72 2.29 5.36
C GLU B 224 -11.07 2.41 6.04
N LEU B 225 -11.45 3.62 6.39
CA LEU B 225 -12.77 3.86 6.97
C LEU B 225 -13.89 3.46 6.01
N GLU B 226 -13.78 3.90 4.75
CA GLU B 226 -14.72 3.56 3.71
C GLU B 226 -14.80 2.06 3.49
N GLN B 227 -13.64 1.39 3.44
CA GLN B 227 -13.64 -0.06 3.24
C GLN B 227 -14.23 -0.79 4.46
N ALA B 228 -13.96 -0.29 5.66
CA ALA B 228 -14.53 -0.86 6.90
C ALA B 228 -16.05 -0.67 6.96
N ASN B 229 -16.53 0.53 6.58
CA ASN B 229 -17.96 0.82 6.56
C ASN B 229 -18.70 -0.12 5.59
N GLU B 230 -18.21 -0.21 4.35
CA GLU B 230 -18.72 -1.16 3.36
C GLU B 230 -18.74 -2.60 3.86
N ARG B 231 -17.62 -3.02 4.42
CA ARG B 231 -17.44 -4.37 4.93
C ARG B 231 -18.38 -4.70 6.10
N GLU B 232 -18.50 -3.78 7.04
CA GLU B 232 -19.36 -4.00 8.21
C GLU B 232 -20.82 -4.14 7.76
N CYS B 233 -21.23 -3.24 6.87
CA CYS B 233 -22.60 -3.20 6.37
C CYS B 233 -22.98 -4.49 5.63
N GLU B 234 -22.06 -5.00 4.81
CA GLU B 234 -22.21 -6.32 4.16
C GLU B 234 -22.52 -7.46 5.15
N VAL B 235 -21.76 -7.53 6.24
CA VAL B 235 -21.92 -8.58 7.26
C VAL B 235 -23.25 -8.42 8.04
N LEU B 236 -23.58 -7.18 8.38
CA LEU B 236 -24.81 -6.84 9.04
C LEU B 236 -26.01 -7.20 8.18
N ARG B 237 -25.91 -6.96 6.88
CA ARG B 237 -26.95 -7.35 5.95
C ARG B 237 -27.23 -8.85 6.05
N LYS B 238 -26.15 -9.62 6.13
CA LYS B 238 -26.20 -11.06 6.25
C LYS B 238 -26.84 -11.51 7.58
N ILE B 239 -26.40 -10.91 8.67
CA ILE B 239 -26.90 -11.26 10.00
C ILE B 239 -28.37 -10.83 10.18
N TRP B 240 -28.69 -9.60 9.78
CA TRP B 240 -30.03 -9.08 9.93
C TRP B 240 -31.08 -9.73 9.01
N SER B 241 -30.63 -10.47 8.00
CA SER B 241 -31.56 -11.17 7.14
C SER B 241 -31.53 -12.67 7.43
N SER B 242 -30.84 -13.06 8.50
CA SER B 242 -30.81 -14.47 8.90
C SER B 242 -31.80 -14.70 10.02
N ALA B 243 -32.26 -15.94 10.17
CA ALA B 243 -33.10 -16.36 11.27
C ALA B 243 -32.45 -16.11 12.64
N GLN B 244 -31.20 -16.50 12.80
CA GLN B 244 -30.49 -16.33 14.09
C GLN B 244 -30.32 -14.86 14.45
N GLY B 245 -30.14 -14.02 13.44
CA GLY B 245 -30.02 -12.57 13.64
C GLY B 245 -31.32 -11.92 14.07
N ILE B 246 -32.40 -12.31 13.40
CA ILE B 246 -33.72 -11.83 13.74
C ILE B 246 -34.10 -12.31 15.17
N GLU B 247 -33.82 -13.58 15.45
CA GLU B 247 -33.96 -14.24 16.76
C GLU B 247 -33.21 -13.45 17.86
N SER B 248 -31.96 -13.08 17.58
CA SER B 248 -31.14 -12.27 18.51
C SER B 248 -31.76 -10.91 18.83
N MET B 249 -32.17 -10.16 17.81
CA MET B 249 -32.77 -8.84 18.02
C MET B 249 -34.11 -8.95 18.79
N LEU B 250 -34.94 -9.91 18.40
CA LEU B 250 -36.23 -10.15 19.05
C LEU B 250 -36.06 -10.39 20.57
N LYS B 251 -35.16 -11.32 20.92
CA LYS B 251 -34.74 -11.58 22.30
C LYS B 251 -34.27 -10.31 23.02
N TYR B 252 -33.35 -9.58 22.37
CA TYR B 252 -32.89 -8.32 22.90
C TYR B 252 -34.02 -7.35 23.23
N VAL B 253 -34.94 -7.18 22.28
CA VAL B 253 -36.10 -6.29 22.46
C VAL B 253 -37.07 -6.77 23.56
N GLU B 254 -37.41 -8.07 23.56
CA GLU B 254 -38.21 -8.69 24.63
C GLU B 254 -37.59 -8.60 26.03
N ASN B 255 -36.25 -8.69 26.10
CA ASN B 255 -35.51 -8.41 27.34
C ASN B 255 -35.23 -6.92 27.44
N ILE C 1 -6.60 -37.02 21.42
CA ILE C 1 -5.16 -36.66 21.24
C ILE C 1 -4.53 -36.25 22.57
N THR C 2 -3.49 -36.99 22.96
CA THR C 2 -2.73 -36.70 24.17
C THR C 2 -1.48 -35.87 23.84
N TYR C 3 -1.09 -35.03 24.79
CA TYR C 3 0.07 -34.17 24.65
C TYR C 3 0.92 -34.32 25.88
N ARG C 4 2.23 -34.13 25.70
CA ARG C 4 3.18 -34.18 26.82
C ARG C 4 3.40 -32.82 27.50
N ASP C 5 3.16 -31.72 26.78
CA ASP C 5 3.50 -30.39 27.27
C ASP C 5 2.30 -29.43 27.41
N ILE C 6 1.13 -29.88 26.97
CA ILE C 6 -0.08 -29.07 27.06
C ILE C 6 -1.25 -29.94 27.52
N VAL C 7 -2.24 -29.33 28.17
CA VAL C 7 -3.50 -30.00 28.51
C VAL C 7 -4.62 -29.31 27.74
N VAL C 8 -5.41 -30.09 27.01
CA VAL C 8 -6.56 -29.55 26.30
C VAL C 8 -7.85 -29.96 27.04
N LYS C 9 -8.71 -28.99 27.26
CA LYS C 9 -10.03 -29.25 27.83
C LYS C 9 -11.14 -28.79 26.88
N LYS C 10 -11.97 -29.72 26.42
CA LYS C 10 -13.12 -29.34 25.62
C LYS C 10 -14.30 -29.09 26.57
N GLU C 11 -14.56 -27.82 26.84
CA GLU C 11 -15.68 -27.48 27.69
C GLU C 11 -16.91 -27.11 26.88
N ASP C 12 -17.95 -26.66 27.55
CA ASP C 12 -19.21 -26.37 26.90
C ASP C 12 -19.20 -24.94 26.35
N GLY C 13 -18.96 -24.82 25.05
CA GLY C 13 -18.91 -23.53 24.35
C GLY C 13 -17.51 -22.98 24.17
N PHE C 14 -16.53 -23.57 24.83
CA PHE C 14 -15.15 -23.12 24.71
C PHE C 14 -14.17 -24.27 24.89
N THR C 15 -13.00 -24.15 24.25
CA THR C 15 -11.87 -25.05 24.47
C THR C 15 -10.73 -24.35 25.20
N GLN C 16 -10.24 -25.02 26.24
CA GLN C 16 -9.19 -24.53 27.11
C GLN C 16 -7.89 -25.23 26.70
N ILE C 17 -6.89 -24.47 26.27
CA ILE C 17 -5.53 -25.03 25.99
C ILE C 17 -4.54 -24.53 27.05
N VAL C 18 -4.02 -25.44 27.87
CA VAL C 18 -3.14 -25.09 29.00
C VAL C 18 -1.67 -25.45 28.69
N LEU C 19 -0.81 -24.43 28.59
CA LEU C 19 0.63 -24.62 28.46
C LEU C 19 1.13 -25.11 29.80
N SER C 20 1.77 -26.27 29.83
CA SER C 20 2.15 -26.92 31.09
C SER C 20 3.31 -27.86 30.83
N THR C 21 4.44 -27.31 30.40
CA THR C 21 5.53 -28.09 29.84
C THR C 21 6.21 -29.04 30.81
N ARG C 22 6.65 -30.16 30.26
CA ARG C 22 7.43 -31.15 30.99
C ARG C 22 8.86 -31.27 30.47
N SER C 23 9.06 -30.95 29.19
CA SER C 23 10.39 -31.07 28.59
C SER C 23 11.19 -29.77 28.64
N THR C 24 10.57 -28.72 29.16
CA THR C 24 11.25 -27.44 29.35
C THR C 24 10.93 -26.94 30.76
N GLU C 25 11.74 -26.00 31.22
CA GLU C 25 11.46 -25.29 32.48
C GLU C 25 10.72 -23.97 32.23
N LYS C 26 9.91 -23.57 33.22
CA LYS C 26 9.20 -22.26 33.22
C LYS C 26 8.36 -22.05 31.96
N ASN C 27 7.82 -23.14 31.42
CA ASN C 27 6.98 -23.12 30.22
C ASN C 27 7.68 -22.56 28.98
N ALA C 28 9.00 -22.72 28.94
CA ALA C 28 9.81 -22.35 27.76
C ALA C 28 9.36 -23.14 26.54
N LEU C 29 9.63 -22.58 25.36
CA LEU C 29 9.17 -23.15 24.11
C LEU C 29 10.34 -23.72 23.34
N ASN C 30 10.28 -25.02 23.05
CA ASN C 30 11.22 -25.65 22.12
C ASN C 30 10.40 -26.16 20.92
N THR C 31 11.04 -26.85 19.98
CA THR C 31 10.34 -27.30 18.77
C THR C 31 9.10 -28.14 19.07
N GLU C 32 9.24 -29.15 19.92
CA GLU C 32 8.12 -30.06 20.20
C GLU C 32 6.93 -29.40 20.91
N VAL C 33 7.22 -28.46 21.84
CA VAL C 33 6.19 -27.67 22.53
C VAL C 33 5.39 -26.80 21.57
N ILE C 34 6.10 -26.11 20.68
CA ILE C 34 5.46 -25.31 19.62
C ILE C 34 4.60 -26.18 18.68
N LYS C 35 5.13 -27.31 18.24
CA LYS C 35 4.36 -28.28 17.46
C LYS C 35 3.07 -28.78 18.14
N GLU C 36 3.13 -29.08 19.45
CA GLU C 36 1.95 -29.50 20.21
C GLU C 36 0.90 -28.37 20.32
N MET C 37 1.37 -27.13 20.34
CA MET C 37 0.47 -26.00 20.44
C MET C 37 -0.23 -25.75 19.13
N VAL C 38 0.53 -25.77 18.03
CA VAL C 38 -0.02 -25.62 16.70
C VAL C 38 -1.08 -26.71 16.46
N ASN C 39 -0.77 -27.93 16.91
CA ASN C 39 -1.70 -29.05 16.76
C ASN C 39 -2.99 -28.89 17.56
N ALA C 40 -2.86 -28.47 18.81
CA ALA C 40 -4.04 -28.22 19.64
C ALA C 40 -4.81 -26.97 19.17
N LEU C 41 -4.09 -25.99 18.64
CA LEU C 41 -4.78 -24.84 18.04
C LEU C 41 -5.60 -25.21 16.79
N ASN C 42 -5.01 -25.99 15.87
CA ASN C 42 -5.77 -26.55 14.72
C ASN C 42 -6.98 -27.40 15.13
N SER C 43 -6.86 -28.18 16.19
CA SER C 43 -7.96 -29.03 16.67
C SER C 43 -9.12 -28.21 17.21
N ALA C 44 -8.78 -27.18 17.97
CA ALA C 44 -9.76 -26.25 18.52
C ALA C 44 -10.44 -25.39 17.45
N ALA C 45 -9.71 -25.04 16.40
CA ALA C 45 -10.26 -24.38 15.21
C ALA C 45 -11.39 -25.21 14.61
N ALA C 46 -11.16 -26.53 14.58
CA ALA C 46 -12.09 -27.49 13.99
C ALA C 46 -13.26 -27.92 14.88
N ASP C 47 -13.09 -27.90 16.21
CA ASP C 47 -14.14 -28.36 17.12
C ASP C 47 -15.34 -27.39 17.21
N ASP C 48 -16.35 -27.71 18.04
CA ASP C 48 -17.59 -26.92 18.07
C ASP C 48 -17.57 -25.67 18.98
N SER C 49 -16.43 -25.40 19.61
CA SER C 49 -16.15 -24.18 20.40
C SER C 49 -16.56 -22.88 19.71
N LYS C 50 -16.97 -21.91 20.52
CA LYS C 50 -17.18 -20.55 20.04
C LYS C 50 -15.88 -19.76 20.18
N LEU C 51 -15.03 -20.21 21.10
CA LEU C 51 -13.78 -19.50 21.39
C LEU C 51 -12.76 -20.36 22.16
N VAL C 52 -11.52 -19.91 22.17
CA VAL C 52 -10.48 -20.63 22.89
C VAL C 52 -10.00 -19.83 24.09
N LEU C 53 -9.85 -20.51 25.23
CA LEU C 53 -9.12 -20.01 26.38
C LEU C 53 -7.69 -20.57 26.34
N PHE C 54 -6.71 -19.67 26.32
CA PHE C 54 -5.30 -20.02 26.31
C PHE C 54 -4.73 -19.64 27.67
N SER C 55 -4.27 -20.62 28.43
CA SER C 55 -3.60 -20.34 29.68
C SER C 55 -2.41 -21.26 29.92
N ALA C 56 -1.88 -21.21 31.14
CA ALA C 56 -0.67 -21.95 31.52
C ALA C 56 -0.72 -22.38 32.99
N ALA C 57 0.05 -23.42 33.35
CA ALA C 57 0.12 -23.87 34.73
C ALA C 57 1.54 -23.64 35.24
N GLY C 58 1.67 -23.34 36.54
CA GLY C 58 2.97 -23.02 37.11
C GLY C 58 3.10 -21.56 37.50
N SER C 59 4.29 -21.21 37.97
CA SER C 59 4.59 -19.86 38.44
C SER C 59 4.80 -18.88 37.30
N VAL C 60 5.16 -19.39 36.13
CA VAL C 60 5.43 -18.57 34.93
C VAL C 60 4.44 -18.90 33.81
N PHE C 61 3.85 -17.89 33.20
CA PHE C 61 3.02 -18.13 32.04
C PHE C 61 3.84 -18.71 30.87
N CYS C 62 4.87 -17.97 30.43
CA CYS C 62 5.74 -18.46 29.37
C CYS C 62 7.01 -17.61 29.27
N CYS C 63 8.17 -18.25 29.36
CA CYS C 63 9.43 -17.52 29.33
C CYS C 63 9.96 -17.39 27.90
N GLY C 64 9.15 -17.81 26.92
CA GLY C 64 9.52 -17.65 25.52
C GLY C 64 10.39 -18.78 25.01
N LEU C 65 11.23 -18.48 24.02
CA LEU C 65 12.10 -19.50 23.41
C LEU C 65 13.05 -20.12 24.42
N ASP C 66 13.23 -21.43 24.30
CA ASP C 66 14.18 -22.17 25.12
C ASP C 66 15.56 -22.04 24.47
N PHE C 67 16.31 -21.00 24.82
CA PHE C 67 17.61 -20.75 24.19
C PHE C 67 18.65 -21.86 24.49
N GLY C 68 18.56 -22.49 25.66
CA GLY C 68 19.40 -23.65 25.96
C GLY C 68 19.24 -24.69 24.87
N TYR C 69 17.98 -25.02 24.58
CA TYR C 69 17.62 -26.01 23.59
C TYR C 69 18.10 -25.63 22.19
N PHE C 70 17.72 -24.43 21.76
CA PHE C 70 18.06 -23.95 20.44
C PHE C 70 19.55 -23.74 20.21
N VAL C 71 20.29 -23.25 21.20
CA VAL C 71 21.72 -22.97 20.96
C VAL C 71 22.52 -24.24 20.67
N ARG C 72 22.13 -25.35 21.31
CA ARG C 72 22.71 -26.66 21.08
C ARG C 72 22.60 -27.02 19.59
N HIS C 73 21.40 -26.85 19.03
CA HIS C 73 21.12 -27.17 17.62
C HIS C 73 21.81 -26.21 16.67
N LEU C 74 21.89 -24.94 17.04
CA LEU C 74 22.55 -23.91 16.23
C LEU C 74 24.07 -24.10 16.19
N ARG C 75 24.64 -24.61 17.28
CA ARG C 75 26.07 -24.91 17.38
C ARG C 75 26.51 -25.90 16.33
N ASN C 76 25.73 -26.99 16.23
CA ASN C 76 25.95 -28.08 15.30
C ASN C 76 26.09 -27.58 13.85
N ASP C 77 25.04 -26.92 13.35
CA ASP C 77 24.98 -26.42 11.97
C ASP C 77 24.03 -25.21 11.97
N ARG C 78 24.61 -24.01 12.06
CA ARG C 78 23.83 -22.77 12.27
C ARG C 78 22.97 -22.44 11.08
N ASN C 79 23.53 -22.69 9.91
CA ASN C 79 22.86 -22.49 8.64
C ASN C 79 21.54 -23.24 8.56
N THR C 80 21.62 -24.56 8.66
CA THR C 80 20.47 -25.44 8.62
C THR C 80 19.55 -25.26 9.85
N ALA C 81 20.15 -25.16 11.04
CA ALA C 81 19.36 -25.03 12.27
C ALA C 81 18.62 -23.70 12.38
N SER C 82 19.22 -22.60 11.93
CA SER C 82 18.54 -21.29 12.01
C SER C 82 17.28 -21.27 11.14
N LEU C 83 17.31 -21.99 10.02
CA LEU C 83 16.12 -22.13 9.17
C LEU C 83 14.99 -22.90 9.85
N GLU C 84 15.33 -24.06 10.43
N GLU C 84 15.33 -24.07 10.40
CA GLU C 84 14.37 -24.90 11.14
CA GLU C 84 14.40 -24.89 11.16
C GLU C 84 13.74 -24.11 12.29
C GLU C 84 13.74 -24.04 12.23
N MET C 85 14.59 -23.50 13.12
CA MET C 85 14.17 -22.66 14.24
C MET C 85 13.20 -21.53 13.82
N VAL C 86 13.60 -20.82 12.76
CA VAL C 86 12.86 -19.69 12.23
C VAL C 86 11.52 -20.09 11.55
N ASP C 87 11.53 -21.24 10.86
CA ASP C 87 10.34 -21.80 10.24
C ASP C 87 9.30 -22.31 11.25
N THR C 88 9.74 -22.93 12.34
CA THR C 88 8.76 -23.35 13.35
C THR C 88 8.15 -22.18 14.11
N ILE C 89 8.94 -21.13 14.34
CA ILE C 89 8.48 -19.85 14.92
C ILE C 89 7.46 -19.14 14.02
N LYS C 90 7.82 -18.99 12.74
CA LYS C 90 6.94 -18.41 11.75
C LYS C 90 5.57 -19.09 11.72
N ASN C 91 5.58 -20.41 11.68
CA ASN C 91 4.37 -21.23 11.63
C ASN C 91 3.49 -21.10 12.88
N PHE C 92 4.13 -21.11 14.05
CA PHE C 92 3.51 -20.83 15.34
C PHE C 92 2.79 -19.48 15.34
N VAL C 93 3.51 -18.45 14.92
CA VAL C 93 3.01 -17.10 14.89
C VAL C 93 1.87 -17.00 13.86
N ASN C 94 2.07 -17.59 12.69
CA ASN C 94 1.03 -17.59 11.67
C ASN C 94 -0.26 -18.33 12.12
N THR C 95 -0.11 -19.32 13.00
CA THR C 95 -1.24 -20.07 13.50
C THR C 95 -2.16 -19.16 14.31
N PHE C 96 -1.58 -18.17 15.01
CA PHE C 96 -2.36 -17.21 15.76
C PHE C 96 -2.97 -16.16 14.84
N ILE C 97 -2.23 -15.78 13.81
CA ILE C 97 -2.67 -14.78 12.85
C ILE C 97 -3.92 -15.24 12.10
N GLN C 98 -3.90 -16.49 11.62
CA GLN C 98 -4.97 -17.06 10.81
C GLN C 98 -6.13 -17.58 11.64
N PHE C 99 -5.98 -17.64 12.96
CA PHE C 99 -6.97 -18.29 13.81
C PHE C 99 -8.28 -17.50 13.75
N LYS C 100 -9.36 -18.18 13.38
CA LYS C 100 -10.63 -17.52 13.10
C LYS C 100 -11.57 -17.29 14.29
N LYS C 101 -11.40 -18.08 15.35
CA LYS C 101 -12.19 -17.92 16.56
C LYS C 101 -11.50 -16.96 17.52
N PRO C 102 -12.27 -16.34 18.44
CA PRO C 102 -11.61 -15.51 19.44
C PRO C 102 -10.71 -16.38 20.31
N ILE C 103 -9.54 -15.86 20.66
CA ILE C 103 -8.68 -16.53 21.64
C ILE C 103 -8.58 -15.57 22.82
N VAL C 104 -8.85 -16.09 24.01
CA VAL C 104 -8.70 -15.34 25.23
C VAL C 104 -7.48 -15.90 25.94
N VAL C 105 -6.50 -15.04 26.17
CA VAL C 105 -5.32 -15.51 26.88
C VAL C 105 -5.30 -14.99 28.31
N SER C 106 -5.09 -15.93 29.22
CA SER C 106 -5.12 -15.73 30.65
C SER C 106 -3.70 -15.90 31.21
N VAL C 107 -3.13 -14.81 31.75
CA VAL C 107 -1.73 -14.75 32.22
C VAL C 107 -1.58 -14.54 33.75
N ASN C 108 -1.01 -15.55 34.42
CA ASN C 108 -0.94 -15.67 35.90
C ASN C 108 0.52 -15.79 36.36
N GLY C 109 1.46 -15.28 35.56
CA GLY C 109 2.89 -15.40 35.81
C GLY C 109 3.57 -14.57 34.76
N PRO C 110 4.90 -14.40 34.86
CA PRO C 110 5.66 -13.66 33.84
C PRO C 110 5.48 -14.17 32.38
N ALA C 111 5.31 -13.23 31.45
CA ALA C 111 5.30 -13.55 30.03
C ALA C 111 6.52 -12.88 29.39
N ILE C 112 7.46 -13.68 28.88
CA ILE C 112 8.76 -13.15 28.44
C ILE C 112 9.14 -13.57 27.01
N GLY C 113 9.64 -12.61 26.22
CA GLY C 113 10.12 -12.91 24.88
C GLY C 113 8.96 -13.24 23.98
N LEU C 114 9.11 -14.30 23.17
CA LEU C 114 8.01 -14.90 22.42
C LEU C 114 6.78 -15.17 23.29
N GLY C 115 6.98 -15.41 24.59
CA GLY C 115 5.88 -15.58 25.52
C GLY C 115 4.97 -14.37 25.69
N ALA C 116 5.51 -13.17 25.47
CA ALA C 116 4.75 -11.89 25.54
C ALA C 116 4.30 -11.37 24.18
N SER C 117 5.06 -11.67 23.14
CA SER C 117 4.84 -11.05 21.80
C SER C 117 3.73 -11.74 21.04
N ILE C 118 3.41 -12.97 21.41
CA ILE C 118 2.20 -13.63 20.90
C ILE C 118 0.89 -13.04 21.47
N LEU C 119 0.93 -12.44 22.67
CA LEU C 119 -0.30 -11.88 23.31
C LEU C 119 -1.10 -10.91 22.42
N PRO C 120 -0.42 -9.95 21.74
CA PRO C 120 -1.18 -9.08 20.79
C PRO C 120 -1.84 -9.82 19.61
N LEU C 121 -1.52 -11.10 19.44
CA LEU C 121 -2.10 -11.89 18.38
C LEU C 121 -3.41 -12.54 18.84
N CYS C 122 -3.60 -12.58 20.16
CA CYS C 122 -4.83 -13.08 20.75
C CYS C 122 -5.89 -11.97 20.75
N ASP C 123 -7.09 -12.29 21.20
CA ASP C 123 -8.16 -11.29 21.14
C ASP C 123 -8.41 -10.50 22.42
N LEU C 124 -8.25 -11.17 23.56
CA LEU C 124 -8.39 -10.54 24.90
C LEU C 124 -7.25 -11.05 25.77
N VAL C 125 -6.66 -10.14 26.55
CA VAL C 125 -5.56 -10.51 27.43
C VAL C 125 -5.92 -10.21 28.87
N TRP C 126 -6.10 -11.28 29.64
CA TRP C 126 -6.49 -11.18 31.05
C TRP C 126 -5.32 -11.64 31.91
N ALA C 127 -4.89 -10.77 32.82
CA ALA C 127 -3.67 -11.01 33.57
C ALA C 127 -3.91 -10.79 35.05
N ASN C 128 -3.32 -11.67 35.85
CA ASN C 128 -3.17 -11.43 37.27
C ASN C 128 -2.39 -10.11 37.44
N GLU C 129 -2.79 -9.31 38.43
CA GLU C 129 -2.04 -8.11 38.86
C GLU C 129 -0.55 -8.37 39.14
N LYS C 130 -0.23 -9.60 39.53
CA LYS C 130 1.16 -10.02 39.80
C LYS C 130 1.95 -10.46 38.55
N ALA C 131 1.25 -10.67 37.43
CA ALA C 131 1.94 -10.92 36.17
C ALA C 131 2.76 -9.71 35.74
N TRP C 132 3.89 -9.98 35.12
CA TRP C 132 4.62 -8.94 34.43
C TRP C 132 5.06 -9.41 33.03
N PHE C 133 5.52 -8.44 32.23
CA PHE C 133 5.67 -8.62 30.78
C PHE C 133 6.97 -8.00 30.33
N GLN C 134 7.71 -8.74 29.49
CA GLN C 134 9.03 -8.34 29.03
C GLN C 134 9.39 -8.97 27.68
N THR C 135 10.05 -8.20 26.80
CA THR C 135 10.62 -8.70 25.54
C THR C 135 12.08 -8.27 25.47
N PRO C 136 12.96 -8.94 26.25
CA PRO C 136 14.33 -8.43 26.34
C PRO C 136 15.23 -8.87 25.18
N TYR C 137 14.78 -8.58 23.97
CA TYR C 137 15.47 -9.00 22.74
C TYR C 137 16.93 -8.56 22.68
N THR C 138 17.22 -7.37 23.21
CA THR C 138 18.57 -6.82 23.12
C THR C 138 19.51 -7.50 24.10
N THR C 139 18.92 -8.11 25.12
CA THR C 139 19.62 -8.96 26.06
C THR C 139 19.85 -10.33 25.44
N PHE C 140 18.83 -10.88 24.77
CA PHE C 140 18.99 -12.16 24.07
C PHE C 140 20.03 -12.01 22.95
N GLY C 141 20.05 -10.84 22.32
CA GLY C 141 20.78 -10.64 21.09
C GLY C 141 19.99 -10.94 19.80
N GLN C 142 18.71 -10.58 19.77
CA GLN C 142 17.89 -10.79 18.56
C GLN C 142 17.06 -9.57 18.29
N SER C 143 16.57 -9.49 17.05
CA SER C 143 15.54 -8.54 16.68
C SER C 143 14.14 -9.06 17.11
N PRO C 144 13.08 -8.24 16.97
CA PRO C 144 11.73 -8.72 17.40
C PRO C 144 11.13 -9.98 16.71
N ASP C 145 10.28 -10.67 17.47
CA ASP C 145 9.51 -11.80 16.98
C ASP C 145 8.00 -11.59 17.30
N GLY C 146 7.15 -12.50 16.82
CA GLY C 146 5.72 -12.51 17.13
C GLY C 146 4.92 -11.36 16.52
N CYS C 147 5.50 -10.68 15.52
CA CYS C 147 4.91 -9.44 14.95
C CYS C 147 5.02 -8.22 15.88
N SER C 148 5.75 -8.34 16.98
CA SER C 148 5.82 -7.27 17.98
C SER C 148 6.45 -6.00 17.40
N SER C 149 7.13 -6.09 16.26
CA SER C 149 7.71 -4.91 15.61
C SER C 149 6.64 -3.96 15.05
N ILE C 150 5.42 -4.47 14.87
CA ILE C 150 4.29 -3.66 14.46
C ILE C 150 3.16 -3.63 15.51
N THR C 151 2.94 -4.73 16.23
CA THR C 151 1.87 -4.79 17.25
C THR C 151 2.12 -3.88 18.46
N PHE C 152 3.37 -3.79 18.92
CA PHE C 152 3.69 -2.87 20.02
C PHE C 152 3.61 -1.38 19.63
N PRO C 153 4.24 -0.95 18.50
CA PRO C 153 3.99 0.46 18.17
C PRO C 153 2.53 0.80 17.90
N LYS C 154 1.75 -0.13 17.34
CA LYS C 154 0.37 0.14 16.99
C LYS C 154 -0.55 0.28 18.19
N MET C 155 -0.22 -0.35 19.31
CA MET C 155 -1.04 -0.26 20.52
C MET C 155 -0.55 0.83 21.50
N MET C 156 0.76 1.09 21.55
CA MET C 156 1.36 2.06 22.50
C MET C 156 2.12 3.25 21.91
N GLY C 157 2.17 3.37 20.58
CA GLY C 157 3.12 4.30 19.95
C GLY C 157 4.55 3.73 19.92
N LYS C 158 5.33 4.22 18.97
CA LYS C 158 6.68 3.72 18.73
C LYS C 158 7.68 3.91 19.91
N ALA C 159 7.68 5.08 20.53
CA ALA C 159 8.61 5.35 21.62
C ALA C 159 8.36 4.39 22.79
N SER C 160 7.12 4.23 23.20
CA SER C 160 6.77 3.26 24.25
C SER C 160 7.06 1.81 23.87
N ALA C 161 6.76 1.47 22.62
CA ALA C 161 7.07 0.13 22.09
C ALA C 161 8.56 -0.19 22.24
N ASN C 162 9.41 0.78 21.91
CA ASN C 162 10.86 0.60 21.97
C ASN C 162 11.46 0.51 23.36
N GLU C 163 10.76 1.06 24.36
CA GLU C 163 11.15 0.83 25.75
C GLU C 163 11.10 -0.67 26.05
N MET C 164 10.19 -1.39 25.41
CA MET C 164 10.21 -2.84 25.50
C MET C 164 11.19 -3.50 24.55
N LEU C 165 11.10 -3.14 23.25
CA LEU C 165 11.84 -3.82 22.19
C LEU C 165 13.33 -3.54 22.18
N ILE C 166 13.72 -2.29 22.44
CA ILE C 166 15.13 -1.92 22.48
C ILE C 166 15.67 -1.92 23.92
N ALA C 167 14.94 -1.29 24.85
CA ALA C 167 15.48 -1.09 26.21
C ALA C 167 15.17 -2.28 27.13
N GLY C 168 14.35 -3.22 26.65
CA GLY C 168 14.06 -4.47 27.38
C GLY C 168 13.45 -4.25 28.75
N ARG C 169 12.61 -3.22 28.87
CA ARG C 169 11.94 -2.94 30.14
C ARG C 169 10.77 -3.86 30.40
N LYS C 170 10.51 -4.04 31.69
CA LYS C 170 9.44 -4.89 32.21
C LYS C 170 8.27 -3.98 32.52
N LEU C 171 7.09 -4.47 32.19
CA LEU C 171 5.87 -3.78 32.47
C LEU C 171 5.09 -4.65 33.44
N THR C 172 4.58 -4.03 34.49
CA THR C 172 3.70 -4.75 35.44
C THR C 172 2.39 -4.96 34.71
N ALA C 173 1.51 -5.83 35.22
CA ALA C 173 0.21 -6.07 34.59
C ALA C 173 -0.57 -4.76 34.43
N ARG C 174 -0.57 -3.93 35.48
CA ARG C 174 -1.20 -2.60 35.41
C ARG C 174 -0.63 -1.69 34.31
N GLU C 175 0.70 -1.55 34.28
CA GLU C 175 1.38 -0.77 33.23
C GLU C 175 1.10 -1.33 31.83
N ALA C 176 1.07 -2.65 31.70
CA ALA C 176 0.83 -3.29 30.40
C ALA C 176 -0.61 -3.08 30.00
N CYS C 177 -1.50 -2.96 30.97
CA CYS C 177 -2.90 -2.62 30.68
C CYS C 177 -3.06 -1.19 30.18
N ALA C 178 -2.42 -0.24 30.87
CA ALA C 178 -2.34 1.14 30.37
C ALA C 178 -1.71 1.25 28.97
N LYS C 179 -0.83 0.30 28.61
CA LYS C 179 -0.16 0.32 27.30
C LYS C 179 -0.87 -0.51 26.21
N GLY C 180 -2.01 -1.12 26.57
CA GLY C 180 -2.82 -1.90 25.64
C GLY C 180 -2.43 -3.35 25.45
N LEU C 181 -1.33 -3.77 26.09
CA LEU C 181 -0.87 -5.16 25.99
C LEU C 181 -1.82 -6.10 26.75
N VAL C 182 -2.27 -5.66 27.91
CA VAL C 182 -3.21 -6.42 28.72
C VAL C 182 -4.52 -5.69 28.57
N SER C 183 -5.64 -6.41 28.47
CA SER C 183 -6.97 -5.77 28.32
C SER C 183 -7.80 -5.77 29.61
N GLN C 184 -7.49 -6.67 30.52
CA GLN C 184 -8.11 -6.66 31.86
C GLN C 184 -7.16 -7.22 32.92
N VAL C 185 -7.04 -6.47 34.02
CA VAL C 185 -6.22 -6.86 35.17
C VAL C 185 -7.14 -7.36 36.29
N PHE C 186 -6.78 -8.50 36.89
CA PHE C 186 -7.55 -9.15 37.97
C PHE C 186 -6.72 -9.16 39.24
N LEU C 187 -7.37 -8.91 40.37
CA LEU C 187 -6.78 -9.14 41.69
C LEU C 187 -6.48 -10.64 41.87
N THR C 188 -5.40 -10.93 42.57
CA THR C 188 -4.78 -12.26 42.52
C THR C 188 -5.57 -13.38 43.20
N GLY C 189 -6.31 -13.04 44.26
CA GLY C 189 -6.89 -14.00 45.18
C GLY C 189 -7.78 -15.07 44.57
N THR C 190 -8.65 -14.64 43.66
CA THR C 190 -9.59 -15.53 42.98
C THR C 190 -9.46 -15.43 41.47
N PHE C 191 -8.23 -15.18 41.01
CA PHE C 191 -7.96 -14.97 39.59
C PHE C 191 -8.53 -16.03 38.64
N THR C 192 -8.24 -17.31 38.87
CA THR C 192 -8.68 -18.35 37.92
C THR C 192 -10.20 -18.58 37.90
N GLN C 193 -10.84 -18.56 39.08
CA GLN C 193 -12.32 -18.62 39.16
C GLN C 193 -13.01 -17.44 38.46
N GLU C 194 -12.46 -16.23 38.65
CA GLU C 194 -12.90 -15.03 37.93
C GLU C 194 -12.76 -15.20 36.42
N VAL C 195 -11.63 -15.73 35.96
CA VAL C 195 -11.42 -15.95 34.54
C VAL C 195 -12.43 -16.97 34.02
N MET C 196 -12.65 -18.03 34.79
CA MET C 196 -13.55 -19.08 34.38
C MET C 196 -14.99 -18.62 34.32
N ILE C 197 -15.40 -17.79 35.29
CA ILE C 197 -16.74 -17.17 35.25
C ILE C 197 -16.96 -16.38 33.94
N GLN C 198 -15.96 -15.58 33.54
CA GLN C 198 -16.04 -14.67 32.40
C GLN C 198 -15.97 -15.37 31.05
N ILE C 199 -15.19 -16.44 30.96
CA ILE C 199 -15.16 -17.23 29.73
C ILE C 199 -16.49 -17.96 29.44
N LYS C 200 -17.18 -18.42 30.49
CA LYS C 200 -18.51 -19.02 30.32
C LYS C 200 -19.53 -17.98 29.89
N GLU C 201 -19.35 -16.73 30.36
CA GLU C 201 -20.18 -15.59 29.95
C GLU C 201 -20.06 -15.26 28.47
N LEU C 202 -18.82 -15.27 27.97
CA LEU C 202 -18.51 -15.03 26.58
C LEU C 202 -19.02 -16.14 25.67
N ALA C 203 -18.98 -17.36 26.21
CA ALA C 203 -19.40 -18.53 25.45
C ALA C 203 -20.91 -18.59 25.33
N SER C 204 -21.62 -17.67 25.99
CA SER C 204 -23.08 -17.62 25.94
C SER C 204 -23.54 -16.86 24.70
N TYR C 205 -22.64 -16.09 24.09
CA TYR C 205 -22.95 -15.30 22.91
C TYR C 205 -23.08 -16.12 21.62
N ASN C 206 -23.71 -15.52 20.61
CA ASN C 206 -23.91 -16.20 19.32
C ASN C 206 -22.56 -16.45 18.65
N ALA C 207 -22.31 -17.70 18.26
CA ALA C 207 -21.04 -18.13 17.70
C ALA C 207 -20.66 -17.37 16.42
N ILE C 208 -21.64 -17.16 15.53
CA ILE C 208 -21.45 -16.41 14.27
C ILE C 208 -21.06 -14.95 14.55
N VAL C 209 -21.77 -14.30 15.46
CA VAL C 209 -21.43 -12.94 15.88
C VAL C 209 -19.98 -12.86 16.35
N LEU C 210 -19.56 -13.87 17.11
CA LEU C 210 -18.22 -13.91 17.68
C LEU C 210 -17.17 -14.07 16.58
N GLU C 211 -17.43 -14.97 15.63
CA GLU C 211 -16.52 -15.21 14.54
C GLU C 211 -16.48 -13.99 13.60
N GLU C 212 -17.60 -13.30 13.46
CA GLU C 212 -17.71 -12.13 12.60
C GLU C 212 -17.08 -10.87 13.19
N CYS C 213 -17.20 -10.67 14.49
CA CYS C 213 -16.46 -9.60 15.15
C CYS C 213 -14.95 -9.80 14.95
N LYS C 214 -14.48 -11.06 15.05
CA LYS C 214 -13.06 -11.35 14.93
C LYS C 214 -12.57 -11.12 13.50
N ALA C 215 -13.35 -11.57 12.52
CA ALA C 215 -12.99 -11.51 11.11
C ALA C 215 -12.90 -10.06 10.62
N LEU C 216 -13.80 -9.20 11.09
CA LEU C 216 -13.87 -7.78 10.72
C LEU C 216 -12.76 -6.96 11.36
N VAL C 217 -12.44 -7.26 12.60
CA VAL C 217 -11.26 -6.67 13.26
C VAL C 217 -9.93 -7.08 12.57
N ARG C 218 -9.76 -8.38 12.31
CA ARG C 218 -8.49 -8.95 11.80
C ARG C 218 -8.22 -8.59 10.34
N CYS C 219 -9.31 -8.47 9.61
CA CYS C 219 -9.34 -8.06 8.23
C CYS C 219 -8.42 -6.87 7.89
N ASN C 220 -8.46 -5.83 8.73
CA ASN C 220 -7.71 -4.60 8.45
C ASN C 220 -6.20 -4.74 8.68
N ILE C 221 -5.79 -5.77 9.41
CA ILE C 221 -4.41 -5.87 9.88
C ILE C 221 -3.72 -7.18 9.49
N LYS C 222 -4.47 -8.10 8.86
CA LYS C 222 -3.99 -9.45 8.63
C LYS C 222 -2.75 -9.54 7.76
N LEU C 223 -2.77 -8.84 6.62
CA LEU C 223 -1.63 -8.74 5.70
C LEU C 223 -0.40 -8.16 6.40
N GLU C 224 -0.59 -7.04 7.10
CA GLU C 224 0.47 -6.39 7.86
C GLU C 224 1.12 -7.35 8.84
N LEU C 225 0.32 -8.12 9.56
CA LEU C 225 0.86 -9.12 10.49
C LEU C 225 1.66 -10.18 9.76
N GLU C 226 1.12 -10.66 8.64
CA GLU C 226 1.74 -11.73 7.90
C GLU C 226 3.06 -11.23 7.35
N GLN C 227 3.08 -9.99 6.85
CA GLN C 227 4.30 -9.38 6.32
C GLN C 227 5.34 -9.10 7.40
N ALA C 228 4.87 -8.65 8.57
CA ALA C 228 5.70 -8.44 9.77
C ALA C 228 6.37 -9.74 10.19
N ASN C 229 5.58 -10.82 10.28
CA ASN C 229 6.08 -12.15 10.62
C ASN C 229 7.17 -12.58 9.62
N GLU C 230 6.88 -12.41 8.33
CA GLU C 230 7.82 -12.62 7.22
C GLU C 230 9.15 -11.87 7.39
N ARG C 231 9.10 -10.54 7.51
CA ARG C 231 10.32 -9.73 7.68
C ARG C 231 11.11 -10.15 8.93
N GLU C 232 10.40 -10.24 10.06
CA GLU C 232 10.99 -10.62 11.34
C GLU C 232 11.74 -11.94 11.27
N CYS C 233 11.13 -12.95 10.67
CA CYS C 233 11.76 -14.27 10.54
C CYS C 233 12.94 -14.29 9.58
N GLU C 234 12.86 -13.51 8.50
CA GLU C 234 14.00 -13.31 7.59
C GLU C 234 15.23 -12.70 8.27
N VAL C 235 14.98 -11.78 9.18
CA VAL C 235 16.04 -11.08 9.90
C VAL C 235 16.59 -11.95 11.03
N LEU C 236 15.71 -12.69 11.70
CA LEU C 236 16.13 -13.61 12.76
C LEU C 236 17.00 -14.72 12.20
N ARG C 237 16.69 -15.15 10.98
CA ARG C 237 17.48 -16.16 10.33
C ARG C 237 18.87 -15.64 10.00
N LYS C 238 18.98 -14.38 9.62
CA LYS C 238 20.30 -13.90 9.32
C LYS C 238 21.10 -13.53 10.58
N ILE C 239 20.41 -13.23 11.69
CA ILE C 239 21.07 -13.06 12.98
C ILE C 239 21.51 -14.43 13.58
N TRP C 240 20.62 -15.42 13.58
CA TRP C 240 20.96 -16.72 14.17
C TRP C 240 21.86 -17.59 13.31
N SER C 241 22.06 -17.21 12.05
CA SER C 241 23.01 -17.92 11.21
C SER C 241 24.37 -17.20 11.15
N SER C 242 24.55 -16.17 11.98
CA SER C 242 25.81 -15.43 12.00
C SER C 242 26.62 -15.82 13.23
N ALA C 243 27.93 -15.61 13.16
CA ALA C 243 28.84 -15.73 14.32
C ALA C 243 28.38 -14.86 15.49
N GLN C 244 28.17 -13.57 15.23
CA GLN C 244 27.70 -12.65 16.26
C GLN C 244 26.43 -13.11 16.97
N GLY C 245 25.50 -13.70 16.22
CA GLY C 245 24.20 -14.08 16.73
C GLY C 245 24.25 -15.32 17.60
N ILE C 246 25.05 -16.30 17.17
CA ILE C 246 25.34 -17.45 18.01
C ILE C 246 26.13 -17.07 19.29
N GLU C 247 27.08 -16.13 19.19
CA GLU C 247 27.82 -15.63 20.36
C GLU C 247 26.86 -15.05 21.38
N SER C 248 25.93 -14.22 20.88
CA SER C 248 24.93 -13.56 21.71
C SER C 248 24.11 -14.59 22.46
N MET C 249 23.63 -15.60 21.74
CA MET C 249 22.83 -16.68 22.33
C MET C 249 23.65 -17.56 23.28
N LEU C 250 24.91 -17.84 22.91
CA LEU C 250 25.84 -18.57 23.78
C LEU C 250 26.07 -17.87 25.11
N LYS C 251 26.45 -16.59 25.04
CA LYS C 251 26.63 -15.73 26.21
C LYS C 251 25.38 -15.71 27.09
N TYR C 252 24.23 -15.49 26.47
CA TYR C 252 22.97 -15.47 27.23
C TYR C 252 22.70 -16.79 28.01
N VAL C 253 22.89 -17.93 27.34
CA VAL C 253 22.60 -19.27 27.91
C VAL C 253 23.61 -19.67 28.98
N GLU C 254 24.88 -19.26 28.76
CA GLU C 254 25.99 -19.53 29.68
C GLU C 254 25.86 -18.74 30.96
N ASN C 255 25.59 -17.43 30.83
CA ASN C 255 25.40 -16.56 31.97
C ASN C 255 24.27 -17.07 32.87
N LYS C 256 23.35 -17.82 32.28
CA LYS C 256 22.19 -18.39 33.00
C LYS C 256 22.52 -19.63 33.84
N THR D 2 42.05 -12.20 -9.84
CA THR D 2 41.93 -13.53 -10.52
C THR D 2 40.48 -14.04 -10.47
N TYR D 3 39.97 -14.52 -11.60
CA TYR D 3 38.65 -15.17 -11.70
C TYR D 3 38.68 -16.38 -12.68
N ARG D 4 38.25 -17.55 -12.18
CA ARG D 4 38.14 -18.79 -12.98
C ARG D 4 37.02 -18.80 -14.05
N ASP D 5 35.85 -18.27 -13.70
CA ASP D 5 34.67 -18.39 -14.54
C ASP D 5 34.22 -17.08 -15.17
N ILE D 6 34.84 -15.97 -14.76
CA ILE D 6 34.52 -14.67 -15.33
C ILE D 6 35.77 -13.84 -15.71
N VAL D 7 35.57 -12.81 -16.51
CA VAL D 7 36.60 -11.83 -16.85
C VAL D 7 36.02 -10.45 -16.48
N VAL D 8 36.86 -9.63 -15.84
CA VAL D 8 36.48 -8.27 -15.46
C VAL D 8 37.39 -7.25 -16.16
N LYS D 9 36.78 -6.34 -16.91
CA LYS D 9 37.50 -5.32 -17.68
C LYS D 9 37.14 -3.92 -17.21
N LYS D 10 38.09 -3.26 -16.55
CA LYS D 10 37.91 -1.86 -16.13
C LYS D 10 38.21 -0.91 -17.29
N GLU D 11 37.17 -0.24 -17.77
CA GLU D 11 37.26 0.59 -18.96
C GLU D 11 36.93 2.02 -18.54
N ASP D 12 36.96 2.96 -19.48
CA ASP D 12 36.76 4.38 -19.14
C ASP D 12 35.28 4.74 -18.89
N GLY D 13 34.92 4.90 -17.62
CA GLY D 13 33.53 5.16 -17.23
C GLY D 13 32.67 3.93 -17.02
N PHE D 14 33.22 2.74 -17.30
CA PHE D 14 32.46 1.49 -17.09
C PHE D 14 33.29 0.26 -16.77
N THR D 15 32.62 -0.74 -16.18
CA THR D 15 33.26 -2.02 -15.87
C THR D 15 32.54 -3.16 -16.62
N GLN D 16 33.29 -3.99 -17.34
CA GLN D 16 32.66 -5.11 -18.03
C GLN D 16 32.91 -6.41 -17.31
N ILE D 17 31.82 -7.11 -16.98
CA ILE D 17 31.92 -8.43 -16.38
C ILE D 17 31.44 -9.40 -17.44
N VAL D 18 32.30 -10.33 -17.82
CA VAL D 18 32.00 -11.27 -18.88
C VAL D 18 31.86 -12.66 -18.28
N LEU D 19 30.71 -13.29 -18.51
CA LEU D 19 30.47 -14.68 -18.07
C LEU D 19 31.21 -15.63 -19.01
N SER D 20 32.09 -16.47 -18.46
CA SER D 20 33.00 -17.30 -19.27
C SER D 20 33.48 -18.54 -18.49
N THR D 21 32.54 -19.47 -18.26
CA THR D 21 32.69 -20.48 -17.22
C THR D 21 33.66 -21.60 -17.59
N ARG D 22 34.36 -22.10 -16.58
CA ARG D 22 35.29 -23.20 -16.78
C ARG D 22 34.85 -24.43 -16.01
N SER D 23 34.18 -24.23 -14.88
CA SER D 23 33.67 -25.37 -14.10
C SER D 23 32.32 -25.89 -14.61
N THR D 24 31.72 -25.15 -15.53
CA THR D 24 30.47 -25.58 -16.19
C THR D 24 30.56 -25.47 -17.70
N GLU D 25 29.66 -26.18 -18.38
CA GLU D 25 29.47 -26.05 -19.82
C GLU D 25 28.40 -25.02 -20.09
N LYS D 26 28.57 -24.26 -21.18
CA LYS D 26 27.53 -23.39 -21.72
C LYS D 26 27.16 -22.25 -20.77
N ASN D 27 28.14 -21.76 -20.01
CA ASN D 27 27.92 -20.70 -19.01
C ASN D 27 26.83 -21.03 -17.99
N ALA D 28 26.73 -22.30 -17.58
CA ALA D 28 25.77 -22.72 -16.58
C ALA D 28 26.19 -22.23 -15.19
N LEU D 29 25.20 -22.02 -14.33
CA LEU D 29 25.47 -21.45 -13.01
C LEU D 29 25.50 -22.51 -11.92
N ASN D 30 26.66 -22.69 -11.32
CA ASN D 30 26.76 -23.37 -10.03
C ASN D 30 27.05 -22.36 -8.93
N THR D 31 27.08 -22.82 -7.69
CA THR D 31 27.31 -21.94 -6.54
C THR D 31 28.61 -21.16 -6.72
N GLU D 32 29.65 -21.81 -7.23
CA GLU D 32 30.95 -21.18 -7.49
C GLU D 32 30.90 -20.01 -8.46
N VAL D 33 30.24 -20.20 -9.62
CA VAL D 33 30.08 -19.15 -10.63
C VAL D 33 29.29 -17.97 -10.04
N ILE D 34 28.20 -18.25 -9.32
CA ILE D 34 27.40 -17.19 -8.68
C ILE D 34 28.26 -16.33 -7.74
N LYS D 35 29.04 -17.00 -6.92
CA LYS D 35 29.95 -16.36 -5.96
C LYS D 35 30.86 -15.34 -6.63
N GLU D 36 31.49 -15.74 -7.73
CA GLU D 36 32.36 -14.86 -8.51
C GLU D 36 31.66 -13.60 -9.04
N MET D 37 30.51 -13.80 -9.67
CA MET D 37 29.68 -12.71 -10.20
C MET D 37 29.24 -11.70 -9.14
N VAL D 38 28.81 -12.19 -7.98
CA VAL D 38 28.40 -11.34 -6.86
C VAL D 38 29.58 -10.48 -6.42
N ASN D 39 30.73 -11.11 -6.22
CA ASN D 39 31.95 -10.38 -5.85
C ASN D 39 32.37 -9.37 -6.93
N ALA D 40 32.29 -9.77 -8.20
CA ALA D 40 32.57 -8.87 -9.33
C ALA D 40 31.63 -7.67 -9.31
N LEU D 41 30.34 -7.94 -9.04
CA LEU D 41 29.33 -6.91 -8.92
C LEU D 41 29.53 -6.04 -7.69
N ASN D 42 29.93 -6.64 -6.56
CA ASN D 42 30.26 -5.88 -5.34
C ASN D 42 31.44 -4.93 -5.59
N SER D 43 32.41 -5.42 -6.35
CA SER D 43 33.60 -4.62 -6.70
C SER D 43 33.25 -3.47 -7.66
N ALA D 44 32.35 -3.72 -8.60
CA ALA D 44 31.98 -2.73 -9.62
C ALA D 44 31.16 -1.59 -9.05
N ALA D 45 30.38 -1.91 -8.02
CA ALA D 45 29.54 -0.97 -7.26
C ALA D 45 30.35 0.03 -6.44
N ALA D 46 31.56 -0.38 -6.06
CA ALA D 46 32.42 0.41 -5.19
C ALA D 46 33.52 1.11 -5.98
N ASP D 47 33.68 0.75 -7.26
CA ASP D 47 34.68 1.39 -8.12
C ASP D 47 34.18 2.73 -8.71
N ASP D 48 35.01 3.38 -9.53
CA ASP D 48 34.65 4.70 -10.07
C ASP D 48 34.11 4.67 -11.52
N SER D 49 33.39 3.60 -11.85
CA SER D 49 32.68 3.49 -13.11
C SER D 49 31.27 4.04 -12.95
N LYS D 50 30.67 4.44 -14.08
CA LYS D 50 29.33 5.02 -14.06
C LYS D 50 28.26 3.95 -14.25
N LEU D 51 28.68 2.81 -14.80
CA LEU D 51 27.76 1.72 -15.12
C LEU D 51 28.52 0.42 -15.34
N VAL D 52 27.76 -0.67 -15.36
CA VAL D 52 28.30 -2.00 -15.59
C VAL D 52 27.72 -2.60 -16.85
N LEU D 53 28.58 -3.16 -17.70
CA LEU D 53 28.17 -3.99 -18.84
C LEU D 53 28.39 -5.46 -18.50
N PHE D 54 27.29 -6.21 -18.48
CA PHE D 54 27.29 -7.62 -18.18
C PHE D 54 27.08 -8.38 -19.52
N SER D 55 28.09 -9.12 -19.93
CA SER D 55 28.02 -9.86 -21.16
C SER D 55 28.51 -11.28 -20.91
N ALA D 56 28.72 -12.05 -21.97
CA ALA D 56 29.17 -13.45 -21.82
C ALA D 56 29.94 -13.84 -23.07
N ALA D 57 30.66 -14.95 -22.96
CA ALA D 57 31.45 -15.50 -24.06
C ALA D 57 30.95 -16.92 -24.40
N GLY D 58 31.13 -17.31 -25.66
CA GLY D 58 30.66 -18.61 -26.16
C GLY D 58 29.41 -18.58 -27.03
N SER D 59 28.97 -19.77 -27.44
CA SER D 59 27.74 -19.97 -28.20
C SER D 59 26.46 -19.62 -27.40
N VAL D 60 26.50 -19.73 -26.07
CA VAL D 60 25.34 -19.39 -25.23
C VAL D 60 25.59 -18.24 -24.23
N PHE D 61 24.58 -17.41 -23.99
CA PHE D 61 24.70 -16.39 -22.95
C PHE D 61 24.76 -17.00 -21.52
N CYS D 62 23.74 -17.76 -21.15
CA CYS D 62 23.67 -18.47 -19.87
C CYS D 62 22.49 -19.43 -19.89
N CYS D 63 22.77 -20.73 -19.74
CA CYS D 63 21.71 -21.75 -19.75
C CYS D 63 21.05 -21.95 -18.38
N GLY D 64 21.30 -21.04 -17.44
CA GLY D 64 20.76 -21.09 -16.07
C GLY D 64 21.51 -21.98 -15.09
N LEU D 65 20.81 -22.41 -14.05
CA LEU D 65 21.35 -23.33 -13.06
C LEU D 65 21.88 -24.64 -13.68
N ASP D 66 23.04 -25.08 -13.20
CA ASP D 66 23.63 -26.35 -13.61
C ASP D 66 22.99 -27.50 -12.82
N PHE D 67 21.87 -28.03 -13.32
CA PHE D 67 21.09 -29.06 -12.61
C PHE D 67 21.80 -30.41 -12.49
N GLY D 68 22.68 -30.70 -13.45
CA GLY D 68 23.53 -31.91 -13.40
C GLY D 68 24.43 -31.87 -12.17
N TYR D 69 25.05 -30.72 -11.93
CA TYR D 69 25.80 -30.42 -10.72
C TYR D 69 24.91 -30.39 -9.46
N PHE D 70 23.76 -29.72 -9.53
CA PHE D 70 22.90 -29.57 -8.37
C PHE D 70 22.17 -30.83 -7.88
N VAL D 71 21.64 -31.64 -8.82
CA VAL D 71 20.89 -32.86 -8.44
C VAL D 71 21.75 -33.85 -7.62
N ARG D 72 23.03 -33.96 -8.00
CA ARG D 72 24.02 -34.74 -7.24
C ARG D 72 24.14 -34.27 -5.81
N HIS D 73 24.30 -32.96 -5.63
CA HIS D 73 24.33 -32.36 -4.29
C HIS D 73 23.01 -32.49 -3.50
N LEU D 74 21.87 -32.37 -4.17
CA LEU D 74 20.59 -32.60 -3.50
C LEU D 74 20.39 -34.05 -3.05
N ARG D 75 20.95 -35.00 -3.80
CA ARG D 75 20.84 -36.41 -3.42
C ARG D 75 21.77 -36.76 -2.27
N ASN D 76 22.92 -36.09 -2.19
CA ASN D 76 23.82 -36.19 -1.04
C ASN D 76 23.12 -35.80 0.26
N ASP D 77 22.71 -34.54 0.34
CA ASP D 77 22.07 -33.98 1.54
C ASP D 77 21.04 -32.94 1.12
N ARG D 78 19.78 -33.38 1.02
CA ARG D 78 18.62 -32.60 0.59
C ARG D 78 18.43 -31.27 1.28
N ASN D 79 18.53 -31.30 2.61
CA ASN D 79 18.21 -30.13 3.42
C ASN D 79 19.34 -29.10 3.36
N THR D 80 20.58 -29.53 3.59
CA THR D 80 21.75 -28.68 3.42
C THR D 80 21.87 -28.09 2.00
N ALA D 81 21.77 -28.93 0.98
CA ALA D 81 22.11 -28.52 -0.37
C ALA D 81 21.04 -27.61 -0.98
N SER D 82 19.77 -27.93 -0.75
CA SER D 82 18.65 -27.07 -1.23
C SER D 82 18.69 -25.72 -0.53
N LEU D 83 19.09 -25.72 0.74
CA LEU D 83 19.21 -24.48 1.48
C LEU D 83 20.37 -23.63 0.95
N GLU D 84 21.57 -24.18 0.84
CA GLU D 84 22.71 -23.41 0.27
C GLU D 84 22.41 -22.88 -1.12
N MET D 85 21.82 -23.74 -1.96
CA MET D 85 21.43 -23.45 -3.32
C MET D 85 20.45 -22.25 -3.34
N VAL D 86 19.34 -22.34 -2.61
CA VAL D 86 18.38 -21.22 -2.46
C VAL D 86 18.96 -19.93 -1.86
N ASP D 87 19.79 -20.06 -0.82
CA ASP D 87 20.48 -18.90 -0.22
C ASP D 87 21.40 -18.17 -1.19
N THR D 88 22.11 -18.93 -2.03
CA THR D 88 23.02 -18.30 -2.98
C THR D 88 22.27 -17.63 -4.15
N ILE D 89 21.13 -18.20 -4.53
CA ILE D 89 20.28 -17.59 -5.55
C ILE D 89 19.68 -16.30 -5.02
N LYS D 90 19.06 -16.35 -3.84
CA LYS D 90 18.53 -15.15 -3.18
C LYS D 90 19.53 -14.00 -3.19
N ASN D 91 20.74 -14.27 -2.70
CA ASN D 91 21.82 -13.28 -2.66
C ASN D 91 22.19 -12.80 -4.06
N PHE D 92 22.26 -13.72 -5.02
CA PHE D 92 22.56 -13.40 -6.39
C PHE D 92 21.53 -12.41 -6.93
N VAL D 93 20.25 -12.74 -6.76
CA VAL D 93 19.12 -11.93 -7.23
C VAL D 93 19.08 -10.56 -6.55
N ASN D 94 19.25 -10.55 -5.22
CA ASN D 94 19.24 -9.34 -4.41
C ASN D 94 20.34 -8.36 -4.78
N THR D 95 21.50 -8.86 -5.21
CA THR D 95 22.62 -8.03 -5.66
C THR D 95 22.18 -7.15 -6.84
N PHE D 96 21.43 -7.74 -7.77
CA PHE D 96 20.81 -6.99 -8.86
C PHE D 96 19.76 -6.00 -8.35
N ILE D 97 18.89 -6.44 -7.45
CA ILE D 97 17.88 -5.58 -6.84
C ILE D 97 18.50 -4.38 -6.08
N GLN D 98 19.59 -4.60 -5.34
CA GLN D 98 20.18 -3.52 -4.53
C GLN D 98 21.13 -2.60 -5.30
N PHE D 99 21.53 -3.00 -6.51
CA PHE D 99 22.59 -2.35 -7.29
C PHE D 99 22.18 -0.91 -7.71
N LYS D 100 23.05 0.06 -7.41
CA LYS D 100 22.72 1.47 -7.59
C LYS D 100 23.12 1.99 -8.96
N LYS D 101 24.14 1.39 -9.56
CA LYS D 101 24.59 1.79 -10.88
C LYS D 101 23.78 1.12 -11.98
N PRO D 102 23.60 1.78 -13.14
CA PRO D 102 22.91 1.08 -14.22
C PRO D 102 23.69 -0.14 -14.73
N ILE D 103 22.98 -1.25 -14.94
CA ILE D 103 23.54 -2.47 -15.52
C ILE D 103 22.96 -2.70 -16.91
N VAL D 104 23.82 -2.75 -17.91
CA VAL D 104 23.40 -3.11 -19.25
C VAL D 104 23.77 -4.57 -19.43
N VAL D 105 22.85 -5.37 -19.92
CA VAL D 105 23.19 -6.77 -20.19
C VAL D 105 23.17 -7.02 -21.69
N SER D 106 24.27 -7.61 -22.16
CA SER D 106 24.48 -7.94 -23.54
C SER D 106 24.35 -9.45 -23.73
N VAL D 107 23.36 -9.87 -24.51
CA VAL D 107 23.04 -11.29 -24.67
C VAL D 107 23.45 -11.73 -26.09
N ASN D 108 24.53 -12.50 -26.17
CA ASN D 108 25.04 -12.98 -27.46
C ASN D 108 24.52 -14.36 -27.89
N GLY D 109 23.82 -15.07 -26.99
CA GLY D 109 23.26 -16.38 -27.31
C GLY D 109 22.03 -16.67 -26.48
N PRO D 110 21.53 -17.92 -26.51
CA PRO D 110 20.37 -18.35 -25.71
C PRO D 110 20.51 -18.07 -24.21
N ALA D 111 19.43 -17.63 -23.58
CA ALA D 111 19.39 -17.39 -22.14
C ALA D 111 18.19 -18.17 -21.59
N ILE D 112 18.48 -19.09 -20.68
CA ILE D 112 17.49 -20.10 -20.29
C ILE D 112 17.40 -20.11 -18.78
N GLY D 113 16.17 -20.16 -18.28
CA GLY D 113 15.94 -20.33 -16.85
C GLY D 113 16.38 -19.10 -16.09
N LEU D 114 17.23 -19.29 -15.08
CA LEU D 114 17.80 -18.19 -14.29
C LEU D 114 18.66 -17.25 -15.15
N GLY D 115 19.22 -17.76 -16.25
CA GLY D 115 19.92 -16.90 -17.23
C GLY D 115 19.04 -15.85 -17.91
N ALA D 116 17.75 -16.16 -18.04
CA ALA D 116 16.76 -15.22 -18.61
C ALA D 116 15.97 -14.40 -17.56
N SER D 117 15.63 -15.01 -16.42
CA SER D 117 14.85 -14.30 -15.37
C SER D 117 15.58 -13.15 -14.65
N ILE D 118 16.91 -13.14 -14.71
CA ILE D 118 17.72 -12.06 -14.12
C ILE D 118 17.76 -10.78 -14.97
N LEU D 119 17.45 -10.93 -16.25
CA LEU D 119 17.57 -9.86 -17.24
C LEU D 119 16.65 -8.67 -16.94
N PRO D 120 15.37 -8.95 -16.54
CA PRO D 120 14.51 -7.87 -16.08
C PRO D 120 15.02 -7.07 -14.87
N LEU D 121 15.99 -7.61 -14.12
CA LEU D 121 16.53 -6.89 -12.95
C LEU D 121 17.61 -5.90 -13.38
N CYS D 122 18.03 -6.00 -14.64
CA CYS D 122 19.01 -5.10 -15.22
C CYS D 122 18.30 -3.96 -15.91
N ASP D 123 19.08 -2.97 -16.31
CA ASP D 123 18.50 -1.70 -16.76
C ASP D 123 18.17 -1.64 -18.25
N LEU D 124 19.05 -2.22 -19.05
CA LEU D 124 18.90 -2.36 -20.49
C LEU D 124 19.29 -3.77 -20.87
N VAL D 125 18.59 -4.32 -21.87
CA VAL D 125 18.88 -5.68 -22.34
C VAL D 125 19.16 -5.63 -23.84
N TRP D 126 20.43 -5.82 -24.19
CA TRP D 126 20.82 -5.77 -25.57
C TRP D 126 21.02 -7.20 -26.08
N ALA D 127 20.36 -7.54 -27.19
CA ALA D 127 20.40 -8.90 -27.67
C ALA D 127 20.81 -9.03 -29.11
N ASN D 128 21.68 -10.00 -29.36
CA ASN D 128 21.97 -10.41 -30.72
C ASN D 128 20.67 -10.99 -31.31
N GLU D 129 20.40 -10.67 -32.58
CA GLU D 129 19.20 -11.20 -33.26
C GLU D 129 19.06 -12.75 -33.20
N LYS D 130 20.17 -13.45 -32.98
CA LYS D 130 20.18 -14.93 -32.94
C LYS D 130 19.98 -15.50 -31.52
N ALA D 131 19.93 -14.61 -30.52
CA ALA D 131 19.65 -14.98 -29.14
C ALA D 131 18.21 -15.41 -29.03
N TRP D 132 17.95 -16.35 -28.14
CA TRP D 132 16.57 -16.68 -27.77
C TRP D 132 16.42 -16.89 -26.27
N PHE D 133 15.17 -16.95 -25.81
CA PHE D 133 14.82 -16.79 -24.39
C PHE D 133 13.75 -17.77 -23.97
N GLN D 134 13.98 -18.41 -22.84
CA GLN D 134 13.06 -19.38 -22.31
C GLN D 134 13.24 -19.52 -20.81
N THR D 135 12.12 -19.71 -20.13
CA THR D 135 12.13 -20.04 -18.71
C THR D 135 11.30 -21.29 -18.51
N PRO D 136 11.87 -22.47 -18.89
CA PRO D 136 11.10 -23.68 -18.93
C PRO D 136 11.03 -24.35 -17.55
N TYR D 137 10.56 -23.58 -16.57
CA TYR D 137 10.44 -24.00 -15.17
C TYR D 137 9.67 -25.33 -14.97
N THR D 138 8.61 -25.52 -15.76
CA THR D 138 7.76 -26.72 -15.63
C THR D 138 8.41 -27.95 -16.26
N THR D 139 9.32 -27.71 -17.19
CA THR D 139 10.20 -28.76 -17.68
C THR D 139 11.23 -29.15 -16.63
N PHE D 140 11.85 -28.15 -15.99
CA PHE D 140 12.79 -28.34 -14.90
C PHE D 140 12.14 -29.07 -13.72
N GLY D 141 10.90 -28.71 -13.42
CA GLY D 141 10.21 -29.17 -12.22
C GLY D 141 10.31 -28.18 -11.07
N GLN D 142 10.26 -26.88 -11.39
CA GLN D 142 10.37 -25.81 -10.38
C GLN D 142 9.40 -24.65 -10.61
N SER D 143 9.18 -23.87 -9.57
CA SER D 143 8.46 -22.61 -9.68
C SER D 143 9.45 -21.50 -10.13
N PRO D 144 8.95 -20.27 -10.43
CA PRO D 144 9.83 -19.16 -10.88
C PRO D 144 10.97 -18.72 -9.95
N ASP D 145 12.06 -18.26 -10.55
CA ASP D 145 13.18 -17.64 -9.84
C ASP D 145 13.49 -16.29 -10.48
N GLY D 146 14.36 -15.50 -9.83
CA GLY D 146 14.85 -14.25 -10.40
C GLY D 146 13.84 -13.13 -10.35
N CYS D 147 12.72 -13.36 -9.67
CA CYS D 147 11.66 -12.37 -9.47
C CYS D 147 10.69 -12.39 -10.63
N SER D 148 10.90 -13.33 -11.57
CA SER D 148 10.16 -13.41 -12.83
C SER D 148 8.67 -13.62 -12.61
N SER D 149 8.30 -14.06 -11.41
CA SER D 149 6.86 -14.28 -11.08
C SER D 149 6.08 -12.95 -10.97
N ILE D 150 6.82 -11.88 -10.69
CA ILE D 150 6.26 -10.53 -10.83
C ILE D 150 6.80 -9.75 -12.03
N THR D 151 8.05 -9.94 -12.45
CA THR D 151 8.57 -9.09 -13.51
C THR D 151 7.99 -9.41 -14.89
N PHE D 152 7.81 -10.69 -15.17
CA PHE D 152 7.23 -11.14 -16.44
C PHE D 152 5.77 -10.65 -16.58
N PRO D 153 4.88 -10.93 -15.60
CA PRO D 153 3.53 -10.34 -15.66
C PRO D 153 3.51 -8.82 -15.80
N LYS D 154 4.48 -8.13 -15.19
CA LYS D 154 4.53 -6.66 -15.25
C LYS D 154 4.87 -6.09 -16.62
N MET D 155 5.79 -6.73 -17.34
CA MET D 155 6.19 -6.26 -18.67
C MET D 155 5.26 -6.73 -19.81
N MET D 156 4.65 -7.91 -19.66
CA MET D 156 3.84 -8.49 -20.74
C MET D 156 2.41 -8.89 -20.42
N GLY D 157 1.97 -8.66 -19.19
CA GLY D 157 0.64 -9.12 -18.79
C GLY D 157 0.74 -10.57 -18.38
N LYS D 158 -0.19 -10.99 -17.53
CA LYS D 158 -0.15 -12.29 -16.90
C LYS D 158 -0.18 -13.47 -17.90
N ALA D 159 -1.09 -13.41 -18.88
CA ALA D 159 -1.26 -14.46 -19.89
C ALA D 159 0.03 -14.74 -20.70
N SER D 160 0.52 -13.70 -21.39
CA SER D 160 1.81 -13.81 -22.11
C SER D 160 2.95 -14.25 -21.19
N ALA D 161 2.96 -13.75 -19.95
CA ALA D 161 3.97 -14.16 -18.96
C ALA D 161 3.86 -15.64 -18.59
N ASN D 162 2.63 -16.14 -18.44
CA ASN D 162 2.42 -17.56 -18.19
C ASN D 162 2.79 -18.49 -19.35
N GLU D 163 2.71 -17.99 -20.58
CA GLU D 163 3.21 -18.72 -21.76
C GLU D 163 4.67 -19.07 -21.56
N MET D 164 5.38 -18.18 -20.91
CA MET D 164 6.78 -18.46 -20.59
C MET D 164 6.96 -19.25 -19.29
N LEU D 165 6.28 -18.81 -18.22
CA LEU D 165 6.40 -19.41 -16.89
C LEU D 165 5.83 -20.84 -16.80
N ILE D 166 4.66 -21.07 -17.41
CA ILE D 166 3.95 -22.39 -17.34
C ILE D 166 4.16 -23.26 -18.58
N ALA D 167 4.00 -22.65 -19.75
CA ALA D 167 3.99 -23.39 -21.00
C ALA D 167 5.40 -23.58 -21.57
N GLY D 168 6.39 -22.90 -21.00
CA GLY D 168 7.78 -23.05 -21.41
C GLY D 168 8.14 -22.57 -22.80
N ARG D 169 7.39 -21.58 -23.31
CA ARG D 169 7.60 -21.01 -24.66
C ARG D 169 8.91 -20.27 -24.83
N LYS D 170 9.53 -20.43 -26.00
CA LYS D 170 10.75 -19.72 -26.33
C LYS D 170 10.40 -18.48 -27.12
N LEU D 171 11.20 -17.44 -26.91
CA LEU D 171 11.08 -16.20 -27.65
C LEU D 171 12.39 -15.92 -28.39
N THR D 172 12.27 -15.52 -29.66
CA THR D 172 13.39 -14.95 -30.41
C THR D 172 13.72 -13.57 -29.82
N ALA D 173 14.90 -13.03 -30.14
CA ALA D 173 15.25 -11.71 -29.64
C ALA D 173 14.23 -10.66 -30.07
N ARG D 174 13.69 -10.82 -31.28
CA ARG D 174 12.69 -9.91 -31.83
C ARG D 174 11.36 -9.97 -31.05
N GLU D 175 10.92 -11.19 -30.74
CA GLU D 175 9.68 -11.47 -29.98
C GLU D 175 9.77 -10.97 -28.54
N ALA D 176 10.94 -11.18 -27.93
CA ALA D 176 11.26 -10.72 -26.58
C ALA D 176 11.24 -9.19 -26.50
N CYS D 177 11.81 -8.55 -27.53
CA CYS D 177 11.87 -7.10 -27.65
C CYS D 177 10.46 -6.52 -27.63
N ALA D 178 9.55 -7.11 -28.43
CA ALA D 178 8.15 -6.74 -28.49
C ALA D 178 7.44 -7.01 -27.18
N LYS D 179 7.86 -8.06 -26.47
CA LYS D 179 7.27 -8.43 -25.18
C LYS D 179 7.91 -7.72 -23.98
N GLY D 180 8.97 -6.97 -24.25
CA GLY D 180 9.59 -6.13 -23.23
C GLY D 180 10.75 -6.76 -22.50
N LEU D 181 11.07 -8.01 -22.80
CA LEU D 181 12.22 -8.65 -22.15
C LEU D 181 13.56 -8.09 -22.65
N VAL D 182 13.59 -7.74 -23.94
CA VAL D 182 14.77 -7.21 -24.62
C VAL D 182 14.42 -5.77 -24.93
N SER D 183 15.38 -4.85 -24.80
CA SER D 183 15.14 -3.44 -25.15
C SER D 183 15.72 -3.03 -26.51
N GLN D 184 16.75 -3.74 -26.95
CA GLN D 184 17.31 -3.51 -28.29
C GLN D 184 17.87 -4.77 -28.90
N VAL D 185 17.57 -4.99 -30.17
CA VAL D 185 18.10 -6.10 -30.95
C VAL D 185 19.22 -5.57 -31.85
N PHE D 186 20.36 -6.28 -31.84
CA PHE D 186 21.54 -5.93 -32.64
C PHE D 186 21.77 -6.97 -33.74
N LEU D 187 22.21 -6.48 -34.89
CA LEU D 187 22.55 -7.31 -36.04
C LEU D 187 23.83 -8.13 -35.76
N THR D 188 23.87 -9.33 -36.33
CA THR D 188 24.85 -10.35 -36.01
C THR D 188 26.30 -9.96 -36.39
N GLY D 189 26.46 -9.35 -37.57
CA GLY D 189 27.78 -9.04 -38.13
C GLY D 189 28.60 -8.03 -37.34
N THR D 190 27.92 -7.04 -36.75
CA THR D 190 28.60 -5.98 -36.01
C THR D 190 28.32 -6.02 -34.50
N PHE D 191 27.75 -7.13 -34.03
CA PHE D 191 27.27 -7.20 -32.66
C PHE D 191 28.19 -6.60 -31.59
N THR D 192 29.43 -7.09 -31.50
CA THR D 192 30.28 -6.70 -30.36
C THR D 192 30.81 -5.27 -30.47
N GLN D 193 31.27 -4.87 -31.63
CA GLN D 193 31.67 -3.47 -31.86
C GLN D 193 30.54 -2.48 -31.57
N GLU D 194 29.32 -2.80 -32.00
CA GLU D 194 28.16 -1.94 -31.75
C GLU D 194 27.80 -1.79 -30.27
N VAL D 195 27.79 -2.92 -29.55
CA VAL D 195 27.54 -2.93 -28.11
C VAL D 195 28.58 -2.05 -27.40
N MET D 196 29.85 -2.20 -27.80
CA MET D 196 30.93 -1.35 -27.25
C MET D 196 30.77 0.14 -27.58
N ILE D 197 30.38 0.47 -28.81
CA ILE D 197 30.14 1.88 -29.14
C ILE D 197 29.03 2.49 -28.26
N GLN D 198 27.94 1.74 -28.08
CA GLN D 198 26.77 2.19 -27.31
C GLN D 198 27.01 2.30 -25.80
N ILE D 199 27.80 1.38 -25.25
CA ILE D 199 28.12 1.43 -23.82
C ILE D 199 29.01 2.64 -23.49
N LYS D 200 29.99 2.91 -24.38
CA LYS D 200 30.87 4.08 -24.26
C LYS D 200 30.09 5.40 -24.33
N GLU D 201 29.10 5.49 -25.22
CA GLU D 201 28.28 6.69 -25.25
C GLU D 201 27.42 6.83 -23.97
N LEU D 202 26.91 5.73 -23.46
CA LEU D 202 26.17 5.75 -22.17
C LEU D 202 27.06 6.22 -21.01
N ALA D 203 28.31 5.77 -21.03
CA ALA D 203 29.30 6.12 -20.03
C ALA D 203 29.78 7.57 -20.16
N SER D 204 29.36 8.27 -21.22
CA SER D 204 29.67 9.68 -21.43
C SER D 204 28.62 10.58 -20.80
N TYR D 205 27.51 9.98 -20.38
CA TYR D 205 26.40 10.72 -19.78
C TYR D 205 26.73 11.07 -18.33
N ASN D 206 26.08 12.11 -17.79
CA ASN D 206 26.30 12.54 -16.40
C ASN D 206 26.01 11.40 -15.44
N ALA D 207 26.96 11.11 -14.56
CA ALA D 207 26.83 10.01 -13.63
C ALA D 207 25.64 10.18 -12.69
N ILE D 208 25.44 11.40 -12.19
CA ILE D 208 24.38 11.70 -11.23
C ILE D 208 23.00 11.58 -11.86
N VAL D 209 22.87 12.10 -13.09
CA VAL D 209 21.66 11.91 -13.89
C VAL D 209 21.34 10.41 -14.06
N LEU D 210 22.34 9.62 -14.45
CA LEU D 210 22.19 8.16 -14.57
C LEU D 210 21.73 7.45 -13.29
N GLU D 211 22.36 7.77 -12.15
CA GLU D 211 21.99 7.14 -10.88
C GLU D 211 20.60 7.60 -10.43
N GLU D 212 20.29 8.88 -10.62
CA GLU D 212 19.03 9.44 -10.13
C GLU D 212 17.89 8.83 -10.89
N CYS D 213 18.08 8.76 -12.18
CA CYS D 213 17.18 8.14 -13.11
C CYS D 213 16.86 6.69 -12.71
N LYS D 214 17.91 5.87 -12.48
CA LYS D 214 17.72 4.50 -12.00
C LYS D 214 17.03 4.47 -10.64
N ALA D 215 17.41 5.41 -9.76
CA ALA D 215 16.84 5.51 -8.42
C ALA D 215 15.35 5.83 -8.47
N LEU D 216 14.96 6.65 -9.43
CA LEU D 216 13.57 7.03 -9.61
C LEU D 216 12.72 5.91 -10.22
N VAL D 217 13.30 5.16 -11.14
CA VAL D 217 12.62 3.99 -11.69
C VAL D 217 12.52 2.79 -10.70
N ARG D 218 13.62 2.41 -10.07
CA ARG D 218 13.65 1.25 -9.13
C ARG D 218 12.71 1.46 -7.95
N CYS D 219 12.29 2.71 -7.79
CA CYS D 219 11.71 3.24 -6.59
C CYS D 219 10.38 2.63 -6.13
N ASN D 220 9.42 2.50 -7.05
CA ASN D 220 8.12 1.97 -6.62
C ASN D 220 7.95 0.45 -6.81
N ILE D 221 9.00 -0.19 -7.32
CA ILE D 221 9.08 -1.66 -7.53
C ILE D 221 9.99 -2.43 -6.53
N LYS D 222 10.92 -1.74 -5.88
CA LYS D 222 11.99 -2.40 -5.10
C LYS D 222 11.52 -3.36 -4.01
N LEU D 223 10.60 -2.92 -3.15
CA LEU D 223 10.03 -3.77 -2.09
C LEU D 223 9.33 -5.01 -2.65
N GLU D 224 8.49 -4.82 -3.66
CA GLU D 224 7.85 -5.93 -4.40
C GLU D 224 8.89 -6.93 -4.89
N LEU D 225 9.97 -6.45 -5.48
CA LEU D 225 11.06 -7.31 -5.96
C LEU D 225 11.68 -8.13 -4.83
N GLU D 226 11.93 -7.46 -3.71
CA GLU D 226 12.48 -8.09 -2.51
C GLU D 226 11.55 -9.15 -1.94
N GLN D 227 10.28 -8.77 -1.81
CA GLN D 227 9.24 -9.67 -1.32
C GLN D 227 9.07 -10.89 -2.21
N ALA D 228 9.11 -10.65 -3.52
CA ALA D 228 8.99 -11.69 -4.54
C ALA D 228 10.19 -12.65 -4.52
N ASN D 229 11.40 -12.09 -4.38
CA ASN D 229 12.63 -12.89 -4.25
C ASN D 229 12.54 -13.85 -3.07
N GLU D 230 12.16 -13.32 -1.89
CA GLU D 230 12.02 -14.16 -0.70
C GLU D 230 10.93 -15.24 -0.84
N ARG D 231 9.78 -14.86 -1.38
CA ARG D 231 8.67 -15.79 -1.60
C ARG D 231 9.08 -16.89 -2.59
N GLU D 232 9.67 -16.49 -3.71
CA GLU D 232 10.19 -17.43 -4.72
C GLU D 232 11.18 -18.43 -4.11
N CYS D 233 12.17 -17.91 -3.41
CA CYS D 233 13.18 -18.76 -2.76
C CYS D 233 12.60 -19.70 -1.70
N GLU D 234 11.62 -19.25 -0.91
CA GLU D 234 10.98 -20.14 0.06
C GLU D 234 10.25 -21.34 -0.61
N VAL D 235 9.57 -21.10 -1.71
CA VAL D 235 8.92 -22.16 -2.46
C VAL D 235 9.95 -23.13 -3.06
N LEU D 236 11.04 -22.59 -3.61
CA LEU D 236 12.12 -23.42 -4.17
C LEU D 236 12.79 -24.33 -3.16
N ARG D 237 13.06 -23.81 -1.96
CA ARG D 237 13.60 -24.63 -0.88
C ARG D 237 12.70 -25.82 -0.53
N LYS D 238 11.39 -25.54 -0.52
CA LYS D 238 10.38 -26.55 -0.27
C LYS D 238 10.35 -27.60 -1.39
N ILE D 239 10.28 -27.14 -2.63
CA ILE D 239 10.37 -28.03 -3.78
C ILE D 239 11.70 -28.83 -3.85
N TRP D 240 12.84 -28.16 -3.75
CA TRP D 240 14.14 -28.86 -3.87
C TRP D 240 14.54 -29.74 -2.67
N SER D 241 13.88 -29.57 -1.53
CA SER D 241 14.13 -30.48 -0.39
C SER D 241 13.20 -31.70 -0.40
N SER D 242 12.27 -31.76 -1.35
CA SER D 242 11.28 -32.84 -1.40
C SER D 242 11.68 -33.95 -2.39
N ALA D 243 11.22 -35.18 -2.13
CA ALA D 243 11.53 -36.30 -2.99
C ALA D 243 11.04 -36.01 -4.40
N GLN D 244 9.83 -35.46 -4.47
CA GLN D 244 9.15 -35.12 -5.72
C GLN D 244 9.97 -34.13 -6.54
N GLY D 245 10.53 -33.12 -5.88
CA GLY D 245 11.37 -32.11 -6.52
C GLY D 245 12.69 -32.64 -7.07
N ILE D 246 13.34 -33.52 -6.30
CA ILE D 246 14.57 -34.20 -6.76
C ILE D 246 14.31 -35.12 -7.94
N GLU D 247 13.15 -35.79 -7.93
CA GLU D 247 12.75 -36.73 -8.98
C GLU D 247 12.59 -36.00 -10.31
N SER D 248 11.94 -34.83 -10.24
CA SER D 248 11.77 -33.94 -11.38
C SER D 248 13.12 -33.52 -11.93
N MET D 249 14.01 -33.04 -11.05
CA MET D 249 15.36 -32.62 -11.48
C MET D 249 16.16 -33.77 -12.16
N LEU D 250 16.07 -34.97 -11.58
CA LEU D 250 16.66 -36.18 -12.16
C LEU D 250 16.02 -36.57 -13.49
N LYS D 251 14.70 -36.47 -13.59
CA LYS D 251 14.00 -36.65 -14.87
C LYS D 251 14.62 -35.74 -15.92
N TYR D 252 14.69 -34.44 -15.59
CA TYR D 252 15.19 -33.45 -16.54
C TYR D 252 16.65 -33.70 -16.95
N VAL D 253 17.54 -33.97 -16.00
CA VAL D 253 18.97 -34.24 -16.29
C VAL D 253 19.18 -35.51 -17.15
N GLU D 254 18.41 -36.56 -16.90
CA GLU D 254 18.55 -37.83 -17.63
C GLU D 254 17.79 -37.86 -18.97
N ASN D 255 16.79 -37.00 -19.13
CA ASN D 255 15.95 -36.98 -20.32
C ASN D 255 16.22 -35.84 -21.30
N LYS D 256 16.79 -34.73 -20.80
CA LYS D 256 17.01 -33.51 -21.60
C LYS D 256 17.83 -33.71 -22.88
N ILE D 257 17.45 -33.01 -23.94
CA ILE D 257 18.17 -33.07 -25.22
C ILE D 257 18.69 -31.69 -25.65
N ASP D 258 18.01 -30.63 -25.24
CA ASP D 258 18.46 -29.23 -25.46
C ASP D 258 18.38 -28.76 -26.92
N THR E 2 -25.02 -33.07 -14.52
CA THR E 2 -25.97 -32.31 -15.38
C THR E 2 -26.15 -30.84 -14.94
N TYR E 3 -25.95 -29.94 -15.91
CA TYR E 3 -26.32 -28.54 -15.79
C TYR E 3 -27.09 -28.19 -17.05
N ARG E 4 -28.01 -27.22 -16.95
CA ARG E 4 -28.80 -26.81 -18.11
C ARG E 4 -28.12 -25.78 -19.03
N ASP E 5 -26.94 -25.30 -18.64
CA ASP E 5 -26.26 -24.25 -19.40
C ASP E 5 -24.75 -24.47 -19.52
N ILE E 6 -24.26 -25.57 -18.99
CA ILE E 6 -22.83 -25.92 -19.10
C ILE E 6 -22.60 -27.43 -19.15
N VAL E 7 -21.53 -27.85 -19.80
CA VAL E 7 -21.08 -29.24 -19.80
C VAL E 7 -19.74 -29.30 -19.06
N VAL E 8 -19.62 -30.23 -18.11
CA VAL E 8 -18.38 -30.42 -17.34
C VAL E 8 -17.75 -31.77 -17.69
N LYS E 9 -16.53 -31.75 -18.21
CA LYS E 9 -15.85 -32.99 -18.55
C LYS E 9 -14.67 -33.18 -17.63
N LYS E 10 -14.85 -34.02 -16.62
CA LYS E 10 -13.73 -34.46 -15.80
C LYS E 10 -12.83 -35.34 -16.65
N GLU E 11 -11.56 -34.97 -16.73
CA GLU E 11 -10.62 -35.59 -17.64
C GLU E 11 -9.35 -35.95 -16.86
N ASP E 12 -8.35 -36.50 -17.54
CA ASP E 12 -7.16 -36.98 -16.84
C ASP E 12 -6.16 -35.86 -16.54
N GLY E 13 -6.18 -35.37 -15.29
CA GLY E 13 -5.33 -34.25 -14.88
C GLY E 13 -5.85 -32.84 -15.14
N PHE E 14 -7.00 -32.73 -15.79
CA PHE E 14 -7.67 -31.45 -16.01
C PHE E 14 -9.18 -31.60 -16.04
N THR E 15 -9.91 -30.55 -15.64
CA THR E 15 -11.38 -30.55 -15.75
C THR E 15 -11.84 -29.50 -16.76
N GLN E 16 -12.62 -29.94 -17.75
CA GLN E 16 -13.20 -29.02 -18.72
C GLN E 16 -14.54 -28.45 -18.30
N ILE E 17 -14.63 -27.13 -18.24
CA ILE E 17 -15.93 -26.47 -18.08
C ILE E 17 -16.27 -25.77 -19.39
N VAL E 18 -17.34 -26.24 -20.02
CA VAL E 18 -17.78 -25.77 -21.32
C VAL E 18 -19.09 -25.00 -21.14
N LEU E 19 -19.05 -23.71 -21.45
CA LEU E 19 -20.22 -22.84 -21.48
C LEU E 19 -21.03 -23.17 -22.71
N SER E 20 -22.28 -23.57 -22.50
CA SER E 20 -23.17 -23.94 -23.60
C SER E 20 -24.61 -23.70 -23.20
N THR E 21 -24.98 -22.43 -23.10
CA THR E 21 -26.23 -22.05 -22.47
C THR E 21 -27.46 -22.46 -23.29
N ARG E 22 -28.54 -22.78 -22.58
CA ARG E 22 -29.83 -23.07 -23.19
C ARG E 22 -30.81 -21.98 -22.81
N SER E 23 -30.74 -21.56 -21.55
CA SER E 23 -31.63 -20.53 -21.00
C SER E 23 -31.32 -19.13 -21.54
N THR E 24 -30.17 -18.96 -22.20
CA THR E 24 -29.79 -17.69 -22.82
C THR E 24 -29.26 -17.92 -24.22
N GLU E 25 -29.27 -16.85 -25.01
CA GLU E 25 -28.72 -16.88 -26.36
C GLU E 25 -27.23 -16.50 -26.38
N LYS E 26 -26.50 -17.05 -27.36
CA LYS E 26 -25.06 -16.87 -27.55
C LYS E 26 -24.21 -16.76 -26.27
N ASN E 27 -24.47 -17.70 -25.36
CA ASN E 27 -23.71 -17.82 -24.12
C ASN E 27 -23.72 -16.55 -23.26
N ALA E 28 -24.86 -15.85 -23.27
CA ALA E 28 -25.07 -14.69 -22.41
C ALA E 28 -25.17 -15.15 -20.96
N LEU E 29 -24.89 -14.23 -20.05
CA LEU E 29 -24.86 -14.56 -18.64
C LEU E 29 -26.06 -14.04 -17.89
N ASN E 30 -26.96 -14.94 -17.49
CA ASN E 30 -27.97 -14.60 -16.48
C ASN E 30 -27.59 -15.23 -15.13
N THR E 31 -28.42 -15.02 -14.12
CA THR E 31 -28.13 -15.44 -12.75
C THR E 31 -27.90 -16.96 -12.67
N GLU E 32 -28.76 -17.69 -13.39
CA GLU E 32 -28.70 -19.15 -13.45
C GLU E 32 -27.37 -19.67 -14.00
N VAL E 33 -26.94 -19.10 -15.14
CA VAL E 33 -25.68 -19.47 -15.81
C VAL E 33 -24.47 -19.21 -14.92
N ILE E 34 -24.42 -18.01 -14.34
CA ILE E 34 -23.38 -17.65 -13.37
C ILE E 34 -23.32 -18.66 -12.20
N LYS E 35 -24.47 -18.95 -11.57
CA LYS E 35 -24.55 -19.90 -10.46
C LYS E 35 -23.96 -21.27 -10.78
N GLU E 36 -24.27 -21.79 -11.98
CA GLU E 36 -23.71 -23.07 -12.45
C GLU E 36 -22.20 -23.02 -12.66
N MET E 37 -21.71 -21.94 -13.27
CA MET E 37 -20.28 -21.72 -13.46
C MET E 37 -19.54 -21.75 -12.12
N VAL E 38 -20.05 -21.00 -11.14
CA VAL E 38 -19.50 -20.98 -9.77
C VAL E 38 -19.50 -22.39 -9.16
N ASN E 39 -20.66 -23.07 -9.24
CA ASN E 39 -20.79 -24.48 -8.83
C ASN E 39 -19.67 -25.35 -9.39
N ALA E 40 -19.53 -25.32 -10.70
CA ALA E 40 -18.57 -26.15 -11.43
C ALA E 40 -17.14 -25.81 -11.04
N LEU E 41 -16.86 -24.52 -10.89
CA LEU E 41 -15.53 -24.04 -10.49
C LEU E 41 -15.19 -24.42 -9.05
N ASN E 42 -16.17 -24.36 -8.15
CA ASN E 42 -16.01 -24.86 -6.78
C ASN E 42 -15.73 -26.37 -6.72
N SER E 43 -16.46 -27.14 -7.52
CA SER E 43 -16.23 -28.57 -7.65
C SER E 43 -14.83 -28.87 -8.22
N ALA E 44 -14.44 -28.12 -9.23
CA ALA E 44 -13.12 -28.27 -9.88
C ALA E 44 -11.94 -27.86 -9.00
N ALA E 45 -12.18 -26.92 -8.09
CA ALA E 45 -11.21 -26.54 -7.09
C ALA E 45 -10.91 -27.70 -6.15
N ALA E 46 -11.94 -28.55 -5.92
CA ALA E 46 -11.82 -29.68 -5.01
C ALA E 46 -11.41 -31.02 -5.68
N ASP E 47 -11.59 -31.16 -6.98
CA ASP E 47 -11.13 -32.40 -7.62
C ASP E 47 -9.61 -32.45 -7.74
N ASP E 48 -9.07 -33.54 -8.27
CA ASP E 48 -7.61 -33.69 -8.31
C ASP E 48 -7.01 -33.41 -9.68
N SER E 49 -7.80 -32.73 -10.50
CA SER E 49 -7.30 -32.12 -11.72
C SER E 49 -6.22 -31.11 -11.33
N LYS E 50 -5.22 -30.98 -12.19
CA LYS E 50 -4.13 -30.07 -11.94
C LYS E 50 -4.46 -28.68 -12.46
N LEU E 51 -5.50 -28.58 -13.30
CA LEU E 51 -5.85 -27.35 -13.99
C LEU E 51 -7.25 -27.39 -14.61
N VAL E 52 -7.79 -26.22 -14.92
CA VAL E 52 -9.11 -26.13 -15.53
C VAL E 52 -9.01 -25.52 -16.94
N LEU E 53 -9.67 -26.18 -17.90
CA LEU E 53 -9.88 -25.61 -19.22
C LEU E 53 -11.30 -25.09 -19.28
N PHE E 54 -11.44 -23.78 -19.41
CA PHE E 54 -12.71 -23.09 -19.60
C PHE E 54 -12.95 -22.81 -21.10
N SER E 55 -13.83 -23.60 -21.73
CA SER E 55 -14.19 -23.38 -23.14
C SER E 55 -15.68 -23.04 -23.33
N ALA E 56 -16.11 -22.97 -24.59
CA ALA E 56 -17.50 -22.66 -24.92
C ALA E 56 -17.94 -23.39 -26.19
N ALA E 57 -19.25 -23.46 -26.39
CA ALA E 57 -19.83 -24.10 -27.57
C ALA E 57 -20.67 -23.10 -28.36
N GLY E 58 -20.76 -23.28 -29.67
CA GLY E 58 -21.46 -22.34 -30.55
C GLY E 58 -20.54 -21.33 -31.23
N SER E 59 -21.14 -20.36 -31.93
CA SER E 59 -20.40 -19.38 -32.71
C SER E 59 -19.75 -18.29 -31.86
N VAL E 60 -20.36 -17.96 -30.71
CA VAL E 60 -19.77 -16.97 -29.80
C VAL E 60 -19.27 -17.59 -28.49
N PHE E 61 -18.19 -17.05 -27.96
CA PHE E 61 -17.63 -17.54 -26.70
C PHE E 61 -18.53 -17.18 -25.51
N CYS E 62 -18.80 -15.87 -25.39
CA CYS E 62 -19.63 -15.35 -24.32
C CYS E 62 -19.85 -13.86 -24.53
N CYS E 63 -21.08 -13.51 -24.85
CA CYS E 63 -21.43 -12.12 -25.07
C CYS E 63 -21.69 -11.31 -23.79
N GLY E 64 -21.40 -11.90 -22.64
CA GLY E 64 -21.47 -11.21 -21.36
C GLY E 64 -22.86 -11.13 -20.78
N LEU E 65 -23.11 -10.11 -19.98
CA LEU E 65 -24.39 -10.02 -19.28
C LEU E 65 -25.60 -10.14 -20.22
N ASP E 66 -26.53 -11.03 -19.86
CA ASP E 66 -27.83 -11.08 -20.50
C ASP E 66 -28.70 -9.91 -20.03
N PHE E 67 -28.62 -8.80 -20.76
CA PHE E 67 -29.32 -7.56 -20.39
C PHE E 67 -30.83 -7.64 -20.57
N GLY E 68 -31.29 -8.38 -21.56
CA GLY E 68 -32.73 -8.64 -21.77
C GLY E 68 -33.35 -9.34 -20.57
N TYR E 69 -32.54 -10.14 -19.90
CA TYR E 69 -32.91 -10.83 -18.65
C TYR E 69 -32.92 -9.91 -17.43
N PHE E 70 -31.87 -9.11 -17.24
CA PHE E 70 -31.72 -8.29 -16.04
C PHE E 70 -32.56 -7.02 -16.03
N VAL E 71 -32.99 -6.56 -17.21
CA VAL E 71 -33.62 -5.25 -17.35
C VAL E 71 -35.02 -5.15 -16.73
N ARG E 72 -35.83 -6.19 -16.90
CA ARG E 72 -37.16 -6.24 -16.29
C ARG E 72 -37.01 -6.45 -14.79
N HIS E 73 -36.00 -7.24 -14.42
CA HIS E 73 -35.62 -7.49 -13.03
C HIS E 73 -35.22 -6.21 -12.28
N LEU E 74 -34.52 -5.30 -12.96
CA LEU E 74 -34.23 -3.94 -12.45
C LEU E 74 -35.45 -3.02 -12.49
N ARG E 75 -36.26 -3.15 -13.54
CA ARG E 75 -37.46 -2.32 -13.73
C ARG E 75 -38.54 -2.64 -12.68
N ASN E 76 -38.47 -3.85 -12.10
CA ASN E 76 -39.39 -4.29 -11.05
C ASN E 76 -39.07 -3.71 -9.68
N ASP E 77 -37.87 -4.01 -9.18
CA ASP E 77 -37.49 -3.77 -7.80
C ASP E 77 -36.07 -3.21 -7.71
N ARG E 78 -35.84 -2.08 -8.37
CA ARG E 78 -34.51 -1.46 -8.48
C ARG E 78 -33.55 -1.84 -7.36
N ASN E 79 -33.86 -1.40 -6.13
CA ASN E 79 -32.94 -1.49 -4.99
C ASN E 79 -32.44 -2.88 -4.60
N THR E 80 -33.37 -3.83 -4.46
CA THR E 80 -32.99 -5.19 -4.11
C THR E 80 -32.43 -5.94 -5.34
N ALA E 81 -33.03 -5.69 -6.50
CA ALA E 81 -32.71 -6.39 -7.75
C ALA E 81 -31.31 -6.09 -8.30
N SER E 82 -30.87 -4.84 -8.19
CA SER E 82 -29.52 -4.43 -8.56
C SER E 82 -28.50 -4.93 -7.54
N LEU E 83 -28.95 -5.10 -6.30
CA LEU E 83 -28.12 -5.70 -5.24
C LEU E 83 -27.87 -7.17 -5.54
N GLU E 84 -28.96 -7.91 -5.82
CA GLU E 84 -28.89 -9.31 -6.30
C GLU E 84 -27.97 -9.42 -7.51
N MET E 85 -28.34 -8.71 -8.58
CA MET E 85 -27.59 -8.66 -9.83
C MET E 85 -26.09 -8.32 -9.64
N VAL E 86 -25.82 -7.25 -8.90
CA VAL E 86 -24.44 -6.83 -8.63
C VAL E 86 -23.69 -7.81 -7.70
N ASP E 87 -24.42 -8.47 -6.81
CA ASP E 87 -23.81 -9.42 -5.87
C ASP E 87 -23.46 -10.73 -6.56
N THR E 88 -24.29 -11.14 -7.52
CA THR E 88 -24.02 -12.37 -8.26
C THR E 88 -22.82 -12.23 -9.22
N ILE E 89 -22.69 -11.06 -9.85
CA ILE E 89 -21.46 -10.71 -10.60
C ILE E 89 -20.23 -10.66 -9.70
N LYS E 90 -20.37 -10.01 -8.54
CA LYS E 90 -19.25 -9.84 -7.63
C LYS E 90 -18.71 -11.17 -7.21
N ASN E 91 -19.63 -12.07 -6.89
CA ASN E 91 -19.28 -13.43 -6.50
C ASN E 91 -18.67 -14.27 -7.59
N PHE E 92 -19.21 -14.12 -8.81
CA PHE E 92 -18.71 -14.76 -10.03
C PHE E 92 -17.26 -14.33 -10.26
N VAL E 93 -17.03 -13.03 -10.19
CA VAL E 93 -15.71 -12.45 -10.36
C VAL E 93 -14.74 -12.88 -9.25
N ASN E 94 -15.19 -12.81 -8.00
CA ASN E 94 -14.37 -13.30 -6.89
C ASN E 94 -13.94 -14.77 -7.01
N THR E 95 -14.82 -15.62 -7.53
CA THR E 95 -14.49 -17.03 -7.77
C THR E 95 -13.25 -17.19 -8.65
N PHE E 96 -13.13 -16.33 -9.65
CA PHE E 96 -11.94 -16.33 -10.49
C PHE E 96 -10.70 -15.86 -9.73
N ILE E 97 -10.88 -14.77 -8.98
CA ILE E 97 -9.84 -14.14 -8.17
C ILE E 97 -9.30 -15.15 -7.14
N GLN E 98 -10.20 -15.88 -6.49
CA GLN E 98 -9.83 -16.86 -5.44
C GLN E 98 -9.34 -18.23 -5.94
N PHE E 99 -9.44 -18.49 -7.25
CA PHE E 99 -9.18 -19.83 -7.77
C PHE E 99 -7.68 -20.21 -7.72
N LYS E 100 -7.39 -21.33 -7.06
CA LYS E 100 -6.03 -21.74 -6.72
C LYS E 100 -5.32 -22.42 -7.87
N LYS E 101 -6.09 -23.07 -8.74
CA LYS E 101 -5.53 -23.82 -9.85
C LYS E 101 -5.48 -22.99 -11.12
N PRO E 102 -4.51 -23.29 -12.02
CA PRO E 102 -4.46 -22.50 -13.25
C PRO E 102 -5.74 -22.71 -14.06
N ILE E 103 -6.25 -21.63 -14.66
CA ILE E 103 -7.34 -21.70 -15.63
C ILE E 103 -6.83 -21.32 -17.02
N VAL E 104 -6.95 -22.27 -17.96
CA VAL E 104 -6.73 -21.98 -19.36
C VAL E 104 -8.08 -21.76 -20.02
N VAL E 105 -8.28 -20.61 -20.63
CA VAL E 105 -9.56 -20.36 -21.29
C VAL E 105 -9.40 -20.44 -22.81
N SER E 106 -10.35 -21.14 -23.43
CA SER E 106 -10.34 -21.38 -24.87
C SER E 106 -11.45 -20.51 -25.50
N VAL E 107 -11.06 -19.61 -26.39
CA VAL E 107 -11.99 -18.66 -27.03
C VAL E 107 -12.15 -18.97 -28.54
N ASN E 108 -13.34 -19.41 -28.94
CA ASN E 108 -13.59 -19.86 -30.32
C ASN E 108 -14.64 -18.96 -31.00
N GLY E 109 -14.76 -17.72 -30.51
CA GLY E 109 -15.67 -16.72 -31.06
C GLY E 109 -15.57 -15.47 -30.22
N PRO E 110 -16.46 -14.48 -30.47
CA PRO E 110 -16.50 -13.22 -29.71
C PRO E 110 -16.74 -13.32 -28.21
N ALA E 111 -15.94 -12.56 -27.45
CA ALA E 111 -16.09 -12.38 -26.00
C ALA E 111 -16.37 -10.87 -25.76
N ILE E 112 -17.55 -10.54 -25.24
CA ILE E 112 -18.06 -9.16 -25.19
C ILE E 112 -18.49 -8.76 -23.78
N GLY E 113 -17.89 -7.70 -23.22
CA GLY E 113 -18.32 -7.22 -21.89
C GLY E 113 -17.78 -8.09 -20.80
N LEU E 114 -18.64 -8.55 -19.90
CA LEU E 114 -18.23 -9.48 -18.83
C LEU E 114 -17.59 -10.78 -19.38
N GLY E 115 -18.03 -11.23 -20.56
CA GLY E 115 -17.36 -12.33 -21.26
C GLY E 115 -15.90 -12.10 -21.62
N ALA E 116 -15.51 -10.85 -21.83
CA ALA E 116 -14.12 -10.48 -22.07
C ALA E 116 -13.34 -10.02 -20.82
N SER E 117 -13.98 -9.28 -19.92
CA SER E 117 -13.31 -8.75 -18.72
C SER E 117 -12.90 -9.81 -17.67
N ILE E 118 -13.52 -10.99 -17.68
CA ILE E 118 -13.08 -12.08 -16.81
C ILE E 118 -11.84 -12.84 -17.32
N LEU E 119 -11.46 -12.60 -18.58
CA LEU E 119 -10.32 -13.31 -19.16
C LEU E 119 -9.00 -13.02 -18.44
N PRO E 120 -8.69 -11.73 -18.12
CA PRO E 120 -7.46 -11.43 -17.36
C PRO E 120 -7.39 -12.03 -15.97
N LEU E 121 -8.48 -12.63 -15.50
CA LEU E 121 -8.50 -13.28 -14.19
C LEU E 121 -8.10 -14.75 -14.33
N CYS E 122 -8.02 -15.21 -15.59
CA CYS E 122 -7.58 -16.55 -15.91
C CYS E 122 -6.06 -16.57 -16.14
N ASP E 123 -5.51 -17.72 -16.53
CA ASP E 123 -4.06 -17.84 -16.48
C ASP E 123 -3.37 -17.85 -17.85
N LEU E 124 -4.02 -18.52 -18.79
CA LEU E 124 -3.63 -18.53 -20.19
C LEU E 124 -4.90 -18.31 -21.01
N VAL E 125 -4.80 -17.49 -22.07
CA VAL E 125 -5.94 -17.23 -22.96
C VAL E 125 -5.61 -17.70 -24.38
N TRP E 126 -6.24 -18.80 -24.79
CA TRP E 126 -6.06 -19.37 -26.12
C TRP E 126 -7.26 -19.02 -27.02
N ALA E 127 -6.99 -18.20 -28.03
CA ALA E 127 -8.00 -17.67 -28.90
C ALA E 127 -7.83 -18.14 -30.35
N ASN E 128 -8.91 -18.63 -30.95
CA ASN E 128 -9.01 -18.76 -32.39
C ASN E 128 -8.70 -17.40 -33.02
N GLU E 129 -7.94 -17.42 -34.12
CA GLU E 129 -7.63 -16.20 -34.86
C GLU E 129 -8.87 -15.40 -35.27
N LYS E 130 -10.01 -16.08 -35.36
CA LYS E 130 -11.30 -15.49 -35.73
C LYS E 130 -12.04 -14.90 -34.54
N ALA E 131 -11.62 -15.21 -33.31
CA ALA E 131 -12.20 -14.59 -32.12
C ALA E 131 -11.92 -13.08 -32.01
N TRP E 132 -12.89 -12.35 -31.47
CA TRP E 132 -12.65 -10.95 -31.18
C TRP E 132 -13.17 -10.55 -29.80
N PHE E 133 -12.75 -9.38 -29.34
CA PHE E 133 -12.87 -8.99 -27.93
C PHE E 133 -13.29 -7.54 -27.82
N GLN E 134 -14.31 -7.29 -26.99
CA GLN E 134 -14.81 -5.95 -26.78
C GLN E 134 -15.40 -5.82 -25.39
N THR E 135 -15.24 -4.66 -24.79
CA THR E 135 -15.94 -4.33 -23.56
C THR E 135 -16.65 -3.02 -23.83
N PRO E 136 -17.81 -3.07 -24.49
CA PRO E 136 -18.43 -1.85 -24.96
C PRO E 136 -19.25 -1.17 -23.86
N TYR E 137 -18.60 -0.87 -22.75
CA TYR E 137 -19.27 -0.35 -21.55
C TYR E 137 -20.03 0.94 -21.78
N THR E 138 -19.42 1.87 -22.52
CA THR E 138 -20.05 3.13 -22.84
C THR E 138 -21.32 2.93 -23.70
N THR E 139 -21.38 1.82 -24.44
CA THR E 139 -22.60 1.47 -25.17
C THR E 139 -23.68 0.85 -24.26
N PHE E 140 -23.27 0.03 -23.29
CA PHE E 140 -24.20 -0.58 -22.32
C PHE E 140 -24.85 0.50 -21.42
N GLY E 141 -24.08 1.54 -21.11
CA GLY E 141 -24.46 2.60 -20.17
C GLY E 141 -23.92 2.26 -18.79
N GLN E 142 -22.76 1.60 -18.76
CA GLN E 142 -22.19 1.06 -17.54
C GLN E 142 -20.70 1.40 -17.35
N SER E 143 -20.26 1.43 -16.09
CA SER E 143 -18.83 1.50 -15.78
C SER E 143 -18.22 0.07 -15.90
N PRO E 144 -16.87 -0.05 -15.94
CA PRO E 144 -16.28 -1.40 -16.14
C PRO E 144 -16.72 -2.47 -15.12
N ASP E 145 -16.58 -3.73 -15.50
CA ASP E 145 -16.76 -4.86 -14.56
C ASP E 145 -15.61 -5.86 -14.72
N GLY E 146 -15.58 -6.91 -13.90
CA GLY E 146 -14.57 -7.96 -14.00
C GLY E 146 -13.16 -7.61 -13.56
N CYS E 147 -13.00 -6.47 -12.91
CA CYS E 147 -11.70 -5.89 -12.51
C CYS E 147 -10.96 -5.24 -13.65
N SER E 148 -11.64 -5.08 -14.79
CA SER E 148 -11.02 -4.51 -15.98
C SER E 148 -10.53 -3.05 -15.77
N SER E 149 -11.11 -2.36 -14.77
CA SER E 149 -10.64 -1.01 -14.37
C SER E 149 -9.17 -0.96 -13.92
N ILE E 150 -8.65 -2.10 -13.46
CA ILE E 150 -7.23 -2.27 -13.15
C ILE E 150 -6.48 -3.25 -14.06
N THR E 151 -7.12 -4.34 -14.50
CA THR E 151 -6.40 -5.35 -15.26
C THR E 151 -5.98 -4.91 -16.67
N PHE E 152 -6.88 -4.21 -17.36
CA PHE E 152 -6.64 -3.70 -18.73
C PHE E 152 -5.49 -2.68 -18.78
N PRO E 153 -5.54 -1.62 -17.93
CA PRO E 153 -4.43 -0.68 -17.90
C PRO E 153 -3.11 -1.31 -17.42
N LYS E 154 -3.17 -2.41 -16.68
CA LYS E 154 -1.95 -3.06 -16.22
C LYS E 154 -1.27 -3.84 -17.36
N MET E 155 -2.07 -4.52 -18.19
CA MET E 155 -1.53 -5.27 -19.33
C MET E 155 -1.25 -4.45 -20.58
N MET E 156 -1.98 -3.36 -20.82
CA MET E 156 -1.82 -2.61 -22.08
C MET E 156 -1.50 -1.12 -21.93
N GLY E 157 -1.52 -0.63 -20.68
CA GLY E 157 -1.33 0.79 -20.39
C GLY E 157 -2.67 1.49 -20.38
N LYS E 158 -2.77 2.60 -19.64
CA LYS E 158 -4.03 3.34 -19.48
C LYS E 158 -4.72 3.74 -20.78
N ALA E 159 -3.97 4.34 -21.70
CA ALA E 159 -4.55 4.88 -22.91
C ALA E 159 -5.12 3.78 -23.81
N SER E 160 -4.33 2.71 -24.00
CA SER E 160 -4.75 1.54 -24.77
C SER E 160 -5.96 0.82 -24.15
N ALA E 161 -5.96 0.72 -22.82
CA ALA E 161 -7.07 0.22 -22.05
C ALA E 161 -8.31 1.05 -22.26
N ASN E 162 -8.20 2.38 -22.22
CA ASN E 162 -9.38 3.25 -22.43
C ASN E 162 -9.98 3.18 -23.85
N GLU E 163 -9.19 2.75 -24.84
CA GLU E 163 -9.73 2.51 -26.18
C GLU E 163 -10.79 1.42 -26.09
N MET E 164 -10.55 0.45 -25.22
CA MET E 164 -11.54 -0.58 -24.92
C MET E 164 -12.64 -0.12 -23.97
N LEU E 165 -12.23 0.44 -22.82
CA LEU E 165 -13.13 0.77 -21.71
C LEU E 165 -14.07 1.95 -21.98
N ILE E 166 -13.57 2.98 -22.66
CA ILE E 166 -14.31 4.21 -22.95
C ILE E 166 -14.76 4.30 -24.43
N ALA E 167 -13.86 3.99 -25.36
CA ALA E 167 -14.14 4.12 -26.79
C ALA E 167 -14.85 2.90 -27.41
N GLY E 168 -15.03 1.83 -26.64
CA GLY E 168 -15.78 0.64 -27.08
C GLY E 168 -15.20 -0.15 -28.25
N ARG E 169 -13.88 -0.09 -28.42
CA ARG E 169 -13.25 -0.72 -29.57
C ARG E 169 -13.12 -2.24 -29.45
N LYS E 170 -13.25 -2.90 -30.61
CA LYS E 170 -13.07 -4.34 -30.73
C LYS E 170 -11.62 -4.62 -31.05
N LEU E 171 -11.10 -5.71 -30.49
CA LEU E 171 -9.76 -6.19 -30.76
C LEU E 171 -9.86 -7.57 -31.44
N THR E 172 -9.11 -7.77 -32.53
CA THR E 172 -8.96 -9.12 -33.07
C THR E 172 -8.15 -9.99 -32.10
N ALA E 173 -8.19 -11.30 -32.29
CA ALA E 173 -7.32 -12.22 -31.52
C ALA E 173 -5.85 -11.76 -31.50
N ARG E 174 -5.32 -11.40 -32.67
CA ARG E 174 -3.90 -11.02 -32.82
C ARG E 174 -3.56 -9.69 -32.13
N GLU E 175 -4.48 -8.75 -32.25
CA GLU E 175 -4.39 -7.46 -31.61
C GLU E 175 -4.53 -7.60 -30.09
N ALA E 176 -5.51 -8.39 -29.66
CA ALA E 176 -5.67 -8.73 -28.24
C ALA E 176 -4.41 -9.42 -27.67
N CYS E 177 -3.81 -10.31 -28.46
CA CYS E 177 -2.52 -10.93 -28.15
C CYS E 177 -1.36 -9.90 -28.00
N ALA E 178 -1.21 -9.00 -28.96
CA ALA E 178 -0.20 -7.94 -28.87
C ALA E 178 -0.42 -7.02 -27.66
N LYS E 179 -1.68 -6.88 -27.21
CA LYS E 179 -2.02 -6.03 -26.09
C LYS E 179 -2.11 -6.77 -24.73
N GLY E 180 -1.70 -8.03 -24.66
CA GLY E 180 -1.67 -8.77 -23.40
C GLY E 180 -2.87 -9.62 -23.00
N LEU E 181 -4.00 -9.42 -23.69
CA LEU E 181 -5.28 -10.03 -23.31
C LEU E 181 -5.37 -11.52 -23.68
N VAL E 182 -4.79 -11.85 -24.82
CA VAL E 182 -4.73 -13.20 -25.36
C VAL E 182 -3.26 -13.63 -25.26
N SER E 183 -3.00 -14.87 -24.88
CA SER E 183 -1.61 -15.31 -24.82
C SER E 183 -1.13 -16.21 -25.99
N GLN E 184 -2.08 -16.78 -26.73
CA GLN E 184 -1.74 -17.58 -27.92
C GLN E 184 -2.88 -17.55 -28.93
N VAL E 185 -2.55 -17.21 -30.16
CA VAL E 185 -3.49 -17.23 -31.28
C VAL E 185 -3.31 -18.55 -32.05
N PHE E 186 -4.43 -19.16 -32.43
CA PHE E 186 -4.46 -20.38 -33.26
C PHE E 186 -5.15 -20.14 -34.62
N LEU E 187 -4.71 -20.86 -35.65
CA LEU E 187 -5.43 -20.95 -36.92
C LEU E 187 -6.75 -21.67 -36.72
N THR E 188 -7.76 -21.24 -37.45
CA THR E 188 -9.12 -21.72 -37.22
C THR E 188 -9.24 -23.22 -37.54
N GLY E 189 -8.55 -23.65 -38.60
CA GLY E 189 -8.61 -25.03 -39.08
C GLY E 189 -8.16 -26.10 -38.10
N THR E 190 -7.24 -25.78 -37.21
CA THR E 190 -6.66 -26.75 -36.28
C THR E 190 -6.82 -26.34 -34.81
N PHE E 191 -7.60 -25.29 -34.58
CA PHE E 191 -7.75 -24.68 -33.25
C PHE E 191 -8.06 -25.66 -32.11
N THR E 192 -9.19 -26.36 -32.20
CA THR E 192 -9.65 -27.19 -31.10
C THR E 192 -8.73 -28.40 -30.85
N GLN E 193 -8.04 -28.85 -31.90
CA GLN E 193 -7.12 -29.99 -31.79
C GLN E 193 -5.76 -29.61 -31.18
N GLU E 194 -5.24 -28.44 -31.55
CA GLU E 194 -4.06 -27.87 -30.89
C GLU E 194 -4.31 -27.57 -29.41
N VAL E 195 -5.50 -27.02 -29.11
CA VAL E 195 -5.87 -26.69 -27.74
C VAL E 195 -5.89 -27.94 -26.87
N MET E 196 -6.54 -29.00 -27.35
CA MET E 196 -6.53 -30.28 -26.66
C MET E 196 -5.13 -30.86 -26.47
N ILE E 197 -4.29 -30.88 -27.49
CA ILE E 197 -2.94 -31.44 -27.28
C ILE E 197 -2.04 -30.62 -26.34
N GLN E 198 -2.23 -29.30 -26.29
CA GLN E 198 -1.46 -28.45 -25.38
C GLN E 198 -1.98 -28.48 -23.93
N ILE E 199 -3.30 -28.60 -23.76
CA ILE E 199 -3.85 -28.79 -22.43
C ILE E 199 -3.30 -30.08 -21.77
N LYS E 200 -3.25 -31.17 -22.55
CA LYS E 200 -2.78 -32.45 -22.04
C LYS E 200 -1.29 -32.44 -21.70
N GLU E 201 -0.52 -31.60 -22.41
CA GLU E 201 0.89 -31.37 -22.10
C GLU E 201 1.05 -30.65 -20.76
N LEU E 202 0.19 -29.65 -20.52
CA LEU E 202 0.13 -28.93 -19.25
C LEU E 202 -0.36 -29.80 -18.11
N ALA E 203 -1.35 -30.65 -18.39
CA ALA E 203 -1.85 -31.64 -17.41
C ALA E 203 -0.81 -32.72 -17.04
N SER E 204 0.27 -32.83 -17.82
CA SER E 204 1.35 -33.79 -17.51
C SER E 204 2.43 -33.22 -16.59
N TYR E 205 2.35 -31.91 -16.31
CA TYR E 205 3.32 -31.25 -15.43
C TYR E 205 3.02 -31.51 -13.95
N ASN E 206 4.02 -31.24 -13.11
CA ASN E 206 3.92 -31.42 -11.67
C ASN E 206 2.77 -30.56 -11.08
N ALA E 207 1.86 -31.21 -10.33
CA ALA E 207 0.70 -30.55 -9.73
C ALA E 207 1.06 -29.43 -8.73
N ILE E 208 2.05 -29.70 -7.90
CA ILE E 208 2.53 -28.71 -6.95
C ILE E 208 3.19 -27.53 -7.68
N VAL E 209 4.08 -27.83 -8.61
CA VAL E 209 4.73 -26.82 -9.44
C VAL E 209 3.70 -25.90 -10.11
N LEU E 210 2.66 -26.48 -10.70
CA LEU E 210 1.59 -25.69 -11.32
C LEU E 210 0.84 -24.79 -10.33
N GLU E 211 0.47 -25.34 -9.17
CA GLU E 211 -0.23 -24.60 -8.12
C GLU E 211 0.63 -23.45 -7.58
N GLU E 212 1.93 -23.72 -7.44
CA GLU E 212 2.91 -22.75 -6.97
C GLU E 212 3.22 -21.65 -7.98
N CYS E 213 3.22 -21.98 -9.26
CA CYS E 213 3.36 -20.92 -10.27
C CYS E 213 2.17 -19.96 -10.19
N LYS E 214 0.96 -20.49 -10.13
CA LYS E 214 -0.22 -19.66 -9.95
C LYS E 214 -0.17 -18.79 -8.70
N ALA E 215 0.23 -19.37 -7.58
CA ALA E 215 0.21 -18.67 -6.30
C ALA E 215 1.14 -17.44 -6.35
N LEU E 216 2.37 -17.65 -6.84
CA LEU E 216 3.40 -16.61 -6.86
C LEU E 216 3.11 -15.45 -7.83
N VAL E 217 2.61 -15.79 -9.02
CA VAL E 217 2.15 -14.79 -9.99
C VAL E 217 0.96 -13.96 -9.44
N ARG E 218 -0.08 -14.64 -8.94
CA ARG E 218 -1.29 -14.00 -8.39
C ARG E 218 -1.03 -13.21 -7.11
N CYS E 219 0.02 -13.60 -6.41
CA CYS E 219 0.35 -13.09 -5.08
C CYS E 219 0.31 -11.57 -4.85
N ASN E 220 1.09 -10.80 -5.61
CA ASN E 220 1.11 -9.37 -5.37
C ASN E 220 0.01 -8.57 -6.09
N ILE E 221 -0.93 -9.28 -6.74
CA ILE E 221 -2.08 -8.64 -7.40
C ILE E 221 -3.46 -9.00 -6.78
N LYS E 222 -3.50 -9.97 -5.86
CA LYS E 222 -4.79 -10.48 -5.34
C LYS E 222 -5.68 -9.45 -4.65
N LEU E 223 -5.10 -8.67 -3.73
CA LEU E 223 -5.86 -7.65 -2.99
C LEU E 223 -6.32 -6.48 -3.87
N GLU E 224 -5.46 -6.04 -4.79
CA GLU E 224 -5.87 -5.11 -5.86
C GLU E 224 -7.15 -5.59 -6.59
N LEU E 225 -7.17 -6.86 -7.00
CA LEU E 225 -8.32 -7.46 -7.70
C LEU E 225 -9.57 -7.47 -6.81
N GLU E 226 -9.41 -7.92 -5.57
CA GLU E 226 -10.53 -7.93 -4.61
C GLU E 226 -11.11 -6.51 -4.42
N GLN E 227 -10.23 -5.54 -4.20
CA GLN E 227 -10.66 -4.16 -4.01
C GLN E 227 -11.32 -3.55 -5.26
N ALA E 228 -10.73 -3.77 -6.43
CA ALA E 228 -11.31 -3.32 -7.72
C ALA E 228 -12.67 -3.95 -8.03
N ASN E 229 -12.84 -5.24 -7.75
CA ASN E 229 -14.14 -5.91 -7.87
C ASN E 229 -15.21 -5.22 -7.00
N GLU E 230 -14.88 -5.00 -5.73
CA GLU E 230 -15.79 -4.41 -4.76
C GLU E 230 -16.20 -2.98 -5.18
N ARG E 231 -15.19 -2.17 -5.49
CA ARG E 231 -15.35 -0.80 -5.95
C ARG E 231 -16.21 -0.68 -7.23
N GLU E 232 -16.00 -1.59 -8.19
CA GLU E 232 -16.76 -1.60 -9.46
C GLU E 232 -18.23 -1.98 -9.28
N CYS E 233 -18.46 -2.99 -8.44
CA CYS E 233 -19.82 -3.39 -8.08
C CYS E 233 -20.57 -2.32 -7.30
N GLU E 234 -19.86 -1.60 -6.42
CA GLU E 234 -20.45 -0.47 -5.70
C GLU E 234 -20.96 0.59 -6.66
N VAL E 235 -20.19 0.88 -7.72
CA VAL E 235 -20.59 1.87 -8.73
C VAL E 235 -21.73 1.35 -9.63
N LEU E 236 -21.69 0.07 -9.97
CA LEU E 236 -22.74 -0.54 -10.79
C LEU E 236 -24.08 -0.58 -10.05
N ARG E 237 -24.06 -0.83 -8.73
CA ARG E 237 -25.30 -0.75 -7.98
C ARG E 237 -25.89 0.65 -8.08
N LYS E 238 -25.05 1.67 -7.93
CA LYS E 238 -25.45 3.07 -8.07
C LYS E 238 -26.05 3.37 -9.48
N ILE E 239 -25.35 2.98 -10.54
CA ILE E 239 -25.82 3.23 -11.92
C ILE E 239 -27.08 2.44 -12.29
N TRP E 240 -27.05 1.13 -12.09
CA TRP E 240 -28.21 0.29 -12.41
C TRP E 240 -29.47 0.53 -11.53
N SER E 241 -29.30 1.21 -10.40
CA SER E 241 -30.43 1.55 -9.54
C SER E 241 -30.88 2.99 -9.76
N SER E 242 -30.31 3.62 -10.79
CA SER E 242 -30.61 5.02 -11.09
C SER E 242 -31.52 5.13 -12.32
N ALA E 243 -32.18 6.28 -12.45
CA ALA E 243 -33.08 6.52 -13.58
C ALA E 243 -32.37 6.35 -14.93
N GLN E 244 -31.24 7.05 -15.10
CA GLN E 244 -30.51 7.06 -16.37
C GLN E 244 -29.80 5.75 -16.72
N GLY E 245 -29.40 4.99 -15.70
CA GLY E 245 -28.70 3.71 -15.90
C GLY E 245 -29.65 2.60 -16.27
N ILE E 246 -30.86 2.66 -15.70
CA ILE E 246 -31.98 1.79 -16.07
C ILE E 246 -32.35 2.04 -17.54
N GLU E 247 -32.50 3.32 -17.88
CA GLU E 247 -32.85 3.75 -19.23
C GLU E 247 -31.80 3.32 -20.25
N SER E 248 -30.52 3.55 -19.93
CA SER E 248 -29.41 3.11 -20.79
C SER E 248 -29.48 1.64 -21.17
N MET E 249 -29.75 0.80 -20.16
CA MET E 249 -29.94 -0.63 -20.36
C MET E 249 -31.19 -0.93 -21.16
N LEU E 250 -32.31 -0.30 -20.77
CA LEU E 250 -33.56 -0.40 -21.54
C LEU E 250 -33.37 0.04 -22.99
N LYS E 251 -32.62 1.12 -23.20
CA LYS E 251 -32.27 1.60 -24.54
C LYS E 251 -31.40 0.60 -25.30
N TYR E 252 -30.30 0.14 -24.69
CA TYR E 252 -29.43 -0.86 -25.33
C TYR E 252 -30.21 -2.10 -25.76
N VAL E 253 -30.74 -2.85 -24.79
CA VAL E 253 -31.59 -4.01 -25.13
C VAL E 253 -32.94 -3.51 -25.67
N GLU E 254 -32.96 -3.26 -26.99
CA GLU E 254 -34.07 -2.64 -27.70
C GLU E 254 -33.55 -1.98 -28.97
N ASN E 255 -32.40 -1.32 -28.85
CA ASN E 255 -31.73 -0.70 -29.99
C ASN E 255 -30.65 -1.59 -30.57
N LYS E 256 -30.11 -2.48 -29.74
CA LYS E 256 -29.01 -3.37 -30.11
C LYS E 256 -29.27 -4.24 -31.33
N ILE E 257 -28.30 -4.25 -32.23
CA ILE E 257 -28.31 -5.14 -33.39
C ILE E 257 -26.97 -5.87 -33.42
N ASP E 258 -26.93 -7.02 -32.75
CA ASP E 258 -25.72 -7.81 -32.56
C ASP E 258 -24.84 -7.92 -33.82
N GLU E 259 -23.56 -7.61 -33.66
CA GLU E 259 -22.58 -7.77 -34.73
C GLU E 259 -21.75 -9.05 -34.50
N PHE E 260 -22.35 -10.01 -33.77
CA PHE E 260 -21.71 -11.29 -33.42
C PHE E 260 -22.66 -12.49 -33.56
N ILE F 1 -11.67 33.83 -20.35
CA ILE F 1 -10.34 34.43 -20.67
C ILE F 1 -9.93 34.16 -22.12
N THR F 2 -9.19 35.10 -22.70
CA THR F 2 -8.46 34.88 -23.94
C THR F 2 -6.99 34.76 -23.54
N TYR F 3 -6.27 33.87 -24.21
CA TYR F 3 -4.87 33.58 -23.86
C TYR F 3 -3.89 33.97 -24.98
N ARG F 4 -2.68 34.37 -24.58
CA ARG F 4 -1.57 34.62 -25.51
C ARG F 4 -1.17 33.37 -26.28
N ASP F 5 -0.95 32.27 -25.54
CA ASP F 5 -0.20 31.12 -26.03
C ASP F 5 -1.04 29.87 -26.24
N ILE F 6 -2.34 29.97 -25.93
CA ILE F 6 -3.30 28.89 -26.19
C ILE F 6 -4.65 29.45 -26.66
N VAL F 7 -5.36 28.63 -27.42
CA VAL F 7 -6.75 28.89 -27.81
C VAL F 7 -7.69 27.86 -27.15
N VAL F 8 -8.79 28.33 -26.59
CA VAL F 8 -9.82 27.45 -26.03
C VAL F 8 -11.13 27.55 -26.84
N LYS F 9 -11.73 26.39 -27.13
CA LYS F 9 -12.95 26.28 -27.92
C LYS F 9 -13.98 25.40 -27.19
N LYS F 10 -15.01 26.06 -26.64
CA LYS F 10 -16.03 25.38 -25.84
C LYS F 10 -17.20 24.91 -26.72
N GLU F 11 -17.29 23.59 -26.90
CA GLU F 11 -18.33 22.94 -27.70
C GLU F 11 -19.34 22.22 -26.80
N ASP F 12 -20.39 21.64 -27.38
CA ASP F 12 -21.34 20.89 -26.57
C ASP F 12 -20.86 19.48 -26.28
N GLY F 13 -20.66 19.19 -25.00
CA GLY F 13 -20.18 17.90 -24.56
C GLY F 13 -18.67 17.85 -24.37
N PHE F 14 -17.94 18.75 -25.04
CA PHE F 14 -16.47 18.80 -24.91
C PHE F 14 -15.87 20.21 -25.05
N THR F 15 -14.71 20.39 -24.42
CA THR F 15 -13.92 21.61 -24.54
C THR F 15 -12.58 21.29 -25.19
N GLN F 16 -12.22 22.07 -26.20
CA GLN F 16 -10.95 22.01 -26.89
C GLN F 16 -10.00 22.97 -26.21
N ILE F 17 -8.77 22.52 -25.96
CA ILE F 17 -7.67 23.37 -25.50
C ILE F 17 -6.52 23.21 -26.48
N VAL F 18 -6.18 24.28 -27.20
CA VAL F 18 -5.19 24.19 -28.28
C VAL F 18 -3.93 24.92 -27.89
N LEU F 19 -2.82 24.18 -27.78
CA LEU F 19 -1.51 24.80 -27.51
C LEU F 19 -1.06 25.49 -28.79
N SER F 20 -0.89 26.82 -28.72
CA SER F 20 -0.57 27.61 -29.92
C SER F 20 0.29 28.81 -29.53
N THR F 21 1.59 28.58 -29.34
CA THR F 21 2.41 29.54 -28.62
C THR F 21 2.85 30.69 -29.49
N ARG F 22 3.10 31.82 -28.82
CA ARG F 22 3.59 33.02 -29.47
C ARG F 22 4.93 33.47 -28.86
N SER F 23 5.10 33.25 -27.56
CA SER F 23 6.31 33.68 -26.85
C SER F 23 7.45 32.65 -26.91
N THR F 24 7.16 31.51 -27.54
CA THR F 24 8.12 30.41 -27.74
C THR F 24 7.92 29.82 -29.14
N GLU F 25 8.90 29.06 -29.61
CA GLU F 25 8.78 28.42 -30.92
C GLU F 25 8.38 26.95 -30.76
N LYS F 26 7.65 26.45 -31.75
CA LYS F 26 7.12 25.10 -31.78
C LYS F 26 6.58 24.60 -30.43
N ASN F 27 5.76 25.44 -29.81
CA ASN F 27 4.96 25.10 -28.64
C ASN F 27 5.83 24.69 -27.45
N ALA F 28 7.00 25.30 -27.36
CA ALA F 28 7.89 25.13 -26.21
C ALA F 28 7.22 25.64 -24.94
N LEU F 29 7.58 25.04 -23.81
CA LEU F 29 6.99 25.38 -22.52
C LEU F 29 7.91 26.25 -21.68
N ASN F 30 7.48 27.49 -21.46
CA ASN F 30 8.12 28.36 -20.49
C ASN F 30 7.12 28.57 -19.36
N THR F 31 7.50 29.31 -18.32
CA THR F 31 6.60 29.58 -17.18
C THR F 31 5.21 30.07 -17.57
N GLU F 32 5.15 31.04 -18.46
CA GLU F 32 3.88 31.68 -18.84
C GLU F 32 2.91 30.73 -19.56
N VAL F 33 3.39 30.02 -20.58
CA VAL F 33 2.61 29.04 -21.31
C VAL F 33 2.00 28.00 -20.36
N ILE F 34 2.81 27.53 -19.41
CA ILE F 34 2.39 26.55 -18.38
C ILE F 34 1.26 27.06 -17.48
N LYS F 35 1.33 28.30 -17.04
CA LYS F 35 0.29 28.90 -16.19
C LYS F 35 -1.01 29.14 -16.98
N GLU F 36 -0.88 29.52 -18.26
CA GLU F 36 -2.04 29.55 -19.17
C GLU F 36 -2.70 28.18 -19.33
N MET F 37 -1.88 27.14 -19.50
CA MET F 37 -2.36 25.77 -19.62
C MET F 37 -3.12 25.31 -18.38
N VAL F 38 -2.49 25.39 -17.21
CA VAL F 38 -3.14 25.07 -15.91
C VAL F 38 -4.45 25.85 -15.72
N ASN F 39 -4.40 27.16 -15.99
CA ASN F 39 -5.59 28.02 -16.07
C ASN F 39 -6.73 27.52 -17.00
N ALA F 40 -6.41 27.23 -18.25
CA ALA F 40 -7.38 26.63 -19.19
C ALA F 40 -7.92 25.27 -18.72
N LEU F 41 -7.07 24.45 -18.11
CA LEU F 41 -7.50 23.17 -17.53
C LEU F 41 -8.46 23.33 -16.35
N ASN F 42 -8.09 24.20 -15.40
CA ASN F 42 -8.95 24.51 -14.25
C ASN F 42 -10.36 24.97 -14.66
N SER F 43 -10.41 25.86 -15.65
CA SER F 43 -11.67 26.35 -16.20
C SER F 43 -12.44 25.21 -16.87
N ALA F 44 -11.76 24.45 -17.72
CA ALA F 44 -12.37 23.29 -18.40
C ALA F 44 -12.91 22.23 -17.42
N ALA F 45 -12.27 22.15 -16.26
CA ALA F 45 -12.73 21.29 -15.16
C ALA F 45 -14.09 21.71 -14.64
N ALA F 46 -14.39 23.00 -14.77
CA ALA F 46 -15.53 23.60 -14.09
C ALA F 46 -16.70 23.88 -15.03
N ASP F 47 -16.42 23.94 -16.32
CA ASP F 47 -17.47 24.21 -17.29
C ASP F 47 -18.40 22.99 -17.49
N ASP F 48 -19.27 23.07 -18.50
CA ASP F 48 -20.30 22.06 -18.70
C ASP F 48 -19.91 20.91 -19.65
N SER F 49 -18.65 20.84 -20.03
CA SER F 49 -18.16 19.76 -20.89
C SER F 49 -18.08 18.41 -20.17
N LYS F 50 -18.13 17.32 -20.93
CA LYS F 50 -18.04 15.96 -20.40
C LYS F 50 -16.58 15.49 -20.43
N LEU F 51 -15.82 16.10 -21.34
CA LEU F 51 -14.43 15.74 -21.58
C LEU F 51 -13.67 16.92 -22.20
N VAL F 52 -12.35 16.76 -22.34
CA VAL F 52 -11.47 17.76 -22.88
C VAL F 52 -10.68 17.17 -24.03
N LEU F 53 -10.59 17.91 -25.14
CA LEU F 53 -9.61 17.61 -26.19
C LEU F 53 -8.41 18.54 -26.05
N PHE F 54 -7.24 17.92 -25.83
CA PHE F 54 -5.98 18.63 -25.77
C PHE F 54 -5.25 18.40 -27.09
N SER F 55 -5.11 19.47 -27.86
CA SER F 55 -4.47 19.42 -29.15
C SER F 55 -3.50 20.59 -29.28
N ALA F 56 -2.75 20.63 -30.38
CA ALA F 56 -1.75 21.67 -30.61
C ALA F 56 -1.87 22.25 -32.01
N ALA F 57 -1.43 23.50 -32.19
CA ALA F 57 -1.43 24.14 -33.50
C ALA F 57 -0.04 24.18 -34.14
N GLY F 58 0.01 23.99 -35.47
CA GLY F 58 1.25 24.06 -36.24
C GLY F 58 1.98 22.75 -36.47
N SER F 59 3.31 22.84 -36.58
CA SER F 59 4.16 21.70 -36.96
C SER F 59 4.37 20.66 -35.88
N VAL F 60 4.90 21.10 -34.72
CA VAL F 60 5.16 20.14 -33.64
C VAL F 60 4.04 20.19 -32.59
N PHE F 61 3.83 19.10 -31.86
CA PHE F 61 2.83 19.06 -30.81
C PHE F 61 3.31 19.88 -29.62
N CYS F 62 4.45 19.45 -29.05
CA CYS F 62 5.09 20.16 -27.95
C CYS F 62 6.51 19.66 -27.88
N CYS F 63 7.48 20.59 -27.92
CA CYS F 63 8.90 20.24 -27.88
C CYS F 63 9.40 20.15 -26.43
N GLY F 64 8.51 20.45 -25.48
CA GLY F 64 8.78 20.26 -24.04
C GLY F 64 9.25 21.56 -23.42
N LEU F 65 10.09 21.46 -22.38
CA LEU F 65 10.63 22.68 -21.78
C LEU F 65 11.49 23.45 -22.76
N ASP F 66 11.34 24.78 -22.69
CA ASP F 66 12.17 25.74 -23.39
C ASP F 66 13.41 26.04 -22.56
N PHE F 67 14.41 25.17 -22.71
CA PHE F 67 15.67 25.29 -21.98
C PHE F 67 16.45 26.55 -22.31
N GLY F 68 16.37 27.01 -23.57
CA GLY F 68 16.96 28.29 -23.98
C GLY F 68 16.47 29.44 -23.11
N TYR F 69 15.22 29.36 -22.69
CA TYR F 69 14.61 30.35 -21.82
C TYR F 69 14.99 30.16 -20.34
N PHE F 70 14.89 28.92 -19.86
CA PHE F 70 15.11 28.61 -18.47
C PHE F 70 16.58 28.70 -18.06
N VAL F 71 17.48 28.41 -19.01
CA VAL F 71 18.91 28.42 -18.71
C VAL F 71 19.44 29.84 -18.41
N ARG F 72 18.82 30.85 -19.02
CA ARG F 72 19.13 32.26 -18.75
C ARG F 72 18.79 32.60 -17.31
N HIS F 73 17.68 32.03 -16.84
CA HIS F 73 17.11 32.35 -15.54
C HIS F 73 17.85 31.66 -14.39
N LEU F 74 18.23 30.41 -14.62
CA LEU F 74 19.06 29.66 -13.72
C LEU F 74 20.51 30.18 -13.69
N ARG F 75 20.97 30.71 -14.83
CA ARG F 75 22.29 31.37 -14.94
C ARG F 75 22.29 32.69 -14.13
N ASN F 76 21.20 33.45 -14.24
CA ASN F 76 20.96 34.67 -13.46
C ASN F 76 20.86 34.46 -11.92
N ASP F 77 20.22 33.36 -11.50
CA ASP F 77 19.93 33.07 -10.09
C ASP F 77 19.44 31.61 -10.01
N ARG F 78 20.34 30.67 -9.71
CA ARG F 78 19.99 29.24 -9.85
C ARG F 78 19.11 28.71 -8.74
N ASN F 79 19.27 29.24 -7.54
CA ASN F 79 18.56 28.70 -6.39
C ASN F 79 17.11 29.15 -6.29
N THR F 80 16.86 30.39 -6.70
CA THR F 80 15.49 30.90 -6.80
C THR F 80 14.79 30.33 -8.04
N ALA F 81 15.49 30.38 -9.17
CA ALA F 81 14.90 30.04 -10.45
C ALA F 81 14.56 28.55 -10.61
N SER F 82 15.29 27.67 -9.91
CA SER F 82 15.02 26.24 -9.95
C SER F 82 13.92 25.85 -8.99
N LEU F 83 13.71 26.67 -7.97
CA LEU F 83 12.62 26.49 -7.03
C LEU F 83 11.29 26.80 -7.75
N GLU F 84 11.27 27.96 -8.43
CA GLU F 84 10.13 28.40 -9.23
C GLU F 84 9.89 27.43 -10.38
N MET F 85 10.96 27.07 -11.08
CA MET F 85 10.92 26.17 -12.23
C MET F 85 10.26 24.84 -11.89
N VAL F 86 10.77 24.22 -10.85
CA VAL F 86 10.33 22.92 -10.39
C VAL F 86 8.92 23.01 -9.80
N ASP F 87 8.62 24.08 -9.07
CA ASP F 87 7.26 24.28 -8.57
C ASP F 87 6.22 24.43 -9.69
N THR F 88 6.55 25.10 -10.79
CA THR F 88 5.55 25.24 -11.86
C THR F 88 5.35 23.94 -12.66
N ILE F 89 6.39 23.11 -12.74
CA ILE F 89 6.32 21.83 -13.44
C ILE F 89 5.48 20.84 -12.65
N LYS F 90 5.76 20.74 -11.35
CA LYS F 90 4.99 19.93 -10.41
C LYS F 90 3.48 20.25 -10.43
N ASN F 91 3.17 21.54 -10.38
CA ASN F 91 1.80 22.07 -10.45
C ASN F 91 1.12 21.69 -11.75
N PHE F 92 1.88 21.76 -12.84
CA PHE F 92 1.44 21.40 -14.17
C PHE F 92 1.07 19.92 -14.21
N VAL F 93 2.01 19.08 -13.78
CA VAL F 93 1.86 17.63 -13.75
C VAL F 93 0.66 17.16 -12.86
N ASN F 94 0.61 17.66 -11.62
CA ASN F 94 -0.53 17.50 -10.73
C ASN F 94 -1.92 17.91 -11.30
N THR F 95 -1.97 18.99 -12.06
CA THR F 95 -3.20 19.37 -12.78
C THR F 95 -3.73 18.22 -13.67
N PHE F 96 -2.83 17.58 -14.42
CA PHE F 96 -3.16 16.34 -15.14
C PHE F 96 -3.51 15.21 -14.17
N ILE F 97 -2.69 14.98 -13.14
CA ILE F 97 -2.98 13.89 -12.17
C ILE F 97 -4.36 14.02 -11.53
N GLN F 98 -4.75 15.24 -11.18
CA GLN F 98 -6.00 15.48 -10.48
C GLN F 98 -7.25 15.60 -11.37
N PHE F 99 -7.08 15.65 -12.69
CA PHE F 99 -8.19 15.98 -13.61
C PHE F 99 -9.30 14.92 -13.60
N LYS F 100 -10.54 15.38 -13.37
CA LYS F 100 -11.66 14.47 -13.16
C LYS F 100 -12.30 13.99 -14.47
N LYS F 101 -12.39 14.89 -15.44
CA LYS F 101 -12.98 14.58 -16.75
C LYS F 101 -11.96 13.86 -17.63
N PRO F 102 -12.42 13.00 -18.58
CA PRO F 102 -11.48 12.35 -19.48
C PRO F 102 -10.77 13.38 -20.37
N ILE F 103 -9.48 13.17 -20.61
CA ILE F 103 -8.73 14.03 -21.52
C ILE F 103 -8.27 13.21 -22.71
N VAL F 104 -8.74 13.59 -23.88
CA VAL F 104 -8.18 13.03 -25.09
C VAL F 104 -7.10 13.97 -25.57
N VAL F 105 -5.89 13.47 -25.74
CA VAL F 105 -4.85 14.27 -26.34
C VAL F 105 -4.63 13.89 -27.81
N SER F 106 -4.55 14.92 -28.64
CA SER F 106 -4.47 14.77 -30.08
C SER F 106 -3.12 15.29 -30.55
N VAL F 107 -2.27 14.38 -31.04
CA VAL F 107 -0.85 14.69 -31.29
C VAL F 107 -0.54 14.79 -32.79
N ASN F 108 -0.31 16.01 -33.24
CA ASN F 108 -0.16 16.30 -34.67
C ASN F 108 1.27 16.11 -35.16
N GLY F 109 2.22 16.13 -34.25
CA GLY F 109 3.63 16.11 -34.63
C GLY F 109 4.53 15.70 -33.48
N PRO F 110 5.84 16.00 -33.58
CA PRO F 110 6.82 15.68 -32.53
C PRO F 110 6.38 16.07 -31.12
N ALA F 111 6.44 15.12 -30.17
CA ALA F 111 6.25 15.38 -28.74
C ALA F 111 7.54 14.99 -28.01
N ILE F 112 8.17 15.96 -27.35
CA ILE F 112 9.54 15.82 -26.87
C ILE F 112 9.61 16.20 -25.41
N GLY F 113 10.34 15.38 -24.61
CA GLY F 113 10.63 15.71 -23.23
C GLY F 113 9.35 15.78 -22.45
N LEU F 114 9.11 16.91 -21.80
CA LEU F 114 7.87 17.11 -21.02
C LEU F 114 6.61 17.10 -21.90
N GLY F 115 6.76 17.47 -23.18
CA GLY F 115 5.65 17.35 -24.15
C GLY F 115 5.22 15.91 -24.41
N ALA F 116 6.15 14.97 -24.22
CA ALA F 116 5.94 13.54 -24.34
C ALA F 116 5.51 12.87 -23.03
N SER F 117 6.20 13.17 -21.92
CA SER F 117 5.93 12.48 -20.64
C SER F 117 4.56 12.77 -19.99
N ILE F 118 3.92 13.88 -20.35
CA ILE F 118 2.57 14.16 -19.86
C ILE F 118 1.48 13.36 -20.56
N LEU F 119 1.80 12.79 -21.73
CA LEU F 119 0.85 12.05 -22.52
C LEU F 119 0.19 10.90 -21.76
N PRO F 120 0.99 10.04 -21.07
CA PRO F 120 0.40 8.97 -20.26
C PRO F 120 -0.52 9.44 -19.15
N LEU F 121 -0.51 10.74 -18.85
CA LEU F 121 -1.38 11.28 -17.80
C LEU F 121 -2.79 11.60 -18.31
N CYS F 122 -2.95 11.57 -19.62
CA CYS F 122 -4.27 11.77 -20.23
C CYS F 122 -4.92 10.40 -20.47
N ASP F 123 -6.10 10.39 -21.04
CA ASP F 123 -6.91 9.16 -21.06
C ASP F 123 -6.91 8.42 -22.37
N LEU F 124 -6.76 9.19 -23.44
CA LEU F 124 -6.60 8.65 -24.79
C LEU F 124 -5.55 9.50 -25.47
N VAL F 125 -4.62 8.84 -26.14
CA VAL F 125 -3.58 9.51 -26.95
C VAL F 125 -3.78 9.19 -28.43
N TRP F 126 -4.21 10.19 -29.19
CA TRP F 126 -4.47 10.04 -30.64
C TRP F 126 -3.38 10.74 -31.43
N ALA F 127 -2.63 9.96 -32.19
CA ALA F 127 -1.47 10.47 -32.89
C ALA F 127 -1.68 10.40 -34.39
N ASN F 128 -1.28 11.48 -35.05
CA ASN F 128 -1.01 11.49 -36.48
C ASN F 128 0.15 10.55 -36.74
N GLU F 129 0.06 9.79 -37.84
CA GLU F 129 1.05 8.75 -38.17
C GLU F 129 2.49 9.30 -38.36
N LYS F 130 2.57 10.60 -38.62
CA LYS F 130 3.83 11.32 -38.85
C LYS F 130 4.44 11.90 -37.58
N ALA F 131 3.73 11.80 -36.45
CA ALA F 131 4.31 12.23 -35.14
C ALA F 131 5.33 11.22 -34.66
N TRP F 132 6.30 11.70 -33.90
CA TRP F 132 7.24 10.81 -33.18
C TRP F 132 7.46 11.32 -31.75
N PHE F 133 8.04 10.48 -30.90
CA PHE F 133 8.00 10.68 -29.45
C PHE F 133 9.37 10.44 -28.89
N GLN F 134 9.82 11.32 -27.99
CA GLN F 134 11.16 11.22 -27.38
C GLN F 134 11.21 11.90 -26.01
N THR F 135 11.93 11.27 -25.08
CA THR F 135 12.23 11.88 -23.77
C THR F 135 13.75 11.85 -23.55
N PRO F 136 14.48 12.75 -24.25
CA PRO F 136 15.94 12.70 -24.25
C PRO F 136 16.54 13.30 -22.97
N TYR F 137 16.19 12.72 -21.82
CA TYR F 137 16.59 13.26 -20.52
C TYR F 137 18.10 13.34 -20.32
N THR F 138 18.81 12.27 -20.68
CA THR F 138 20.27 12.21 -20.61
C THR F 138 20.98 13.21 -21.53
N THR F 139 20.37 13.56 -22.66
CA THR F 139 20.86 14.65 -23.52
C THR F 139 20.66 16.00 -22.85
N PHE F 140 19.47 16.22 -22.27
CA PHE F 140 19.15 17.42 -21.52
C PHE F 140 20.10 17.60 -20.31
N GLY F 141 20.43 16.50 -19.64
CA GLY F 141 21.15 16.54 -18.34
C GLY F 141 20.21 16.62 -17.13
N GLN F 142 19.02 16.03 -17.26
CA GLN F 142 18.05 15.92 -16.17
C GLN F 142 17.59 14.47 -16.05
N SER F 143 17.05 14.15 -14.88
CA SER F 143 16.27 12.93 -14.65
C SER F 143 14.80 13.10 -15.15
N PRO F 144 14.00 12.02 -15.18
CA PRO F 144 12.59 12.13 -15.70
C PRO F 144 11.65 13.20 -15.09
N ASP F 145 10.69 13.65 -15.89
CA ASP F 145 9.57 14.45 -15.41
C ASP F 145 8.24 13.87 -15.93
N GLY F 146 7.13 14.47 -15.51
CA GLY F 146 5.80 14.03 -15.92
C GLY F 146 5.33 12.68 -15.40
N CYS F 147 5.98 12.17 -14.37
CA CYS F 147 5.76 10.81 -13.80
C CYS F 147 6.23 9.70 -14.73
N SER F 148 7.05 10.04 -15.73
CA SER F 148 7.46 9.06 -16.73
C SER F 148 8.36 7.99 -16.12
N SER F 149 8.88 8.28 -14.93
CA SER F 149 9.72 7.37 -14.17
C SER F 149 8.91 6.16 -13.65
N ILE F 150 7.59 6.29 -13.55
CA ILE F 150 6.75 5.12 -13.30
C ILE F 150 5.88 4.74 -14.51
N THR F 151 5.32 5.70 -15.23
CA THR F 151 4.35 5.40 -16.28
C THR F 151 4.97 4.66 -17.49
N PHE F 152 6.19 5.02 -17.85
CA PHE F 152 6.90 4.35 -18.94
C PHE F 152 7.19 2.87 -18.59
N PRO F 153 7.87 2.60 -17.46
CA PRO F 153 8.08 1.17 -17.12
C PRO F 153 6.79 0.36 -16.99
N LYS F 154 5.73 0.98 -16.49
CA LYS F 154 4.44 0.32 -16.37
C LYS F 154 3.78 -0.05 -17.70
N MET F 155 3.90 0.80 -18.72
CA MET F 155 3.25 0.52 -20.01
C MET F 155 4.14 -0.28 -20.98
N MET F 156 5.46 -0.18 -20.84
CA MET F 156 6.35 -0.86 -21.79
C MET F 156 7.36 -1.84 -21.19
N GLY F 157 7.42 -1.91 -19.87
CA GLY F 157 8.46 -2.69 -19.19
C GLY F 157 9.63 -1.78 -18.91
N LYS F 158 10.39 -2.11 -17.89
CA LYS F 158 11.53 -1.28 -17.45
C LYS F 158 12.69 -1.16 -18.47
N ALA F 159 13.02 -2.25 -19.16
CA ALA F 159 14.06 -2.23 -20.17
C ALA F 159 13.70 -1.32 -21.33
N SER F 160 12.55 -1.54 -21.97
CA SER F 160 12.05 -0.70 -23.05
C SER F 160 11.90 0.77 -22.64
N ALA F 161 11.42 1.02 -21.43
CA ALA F 161 11.24 2.38 -20.93
C ALA F 161 12.58 3.11 -20.81
N ASN F 162 13.60 2.42 -20.29
CA ASN F 162 14.97 2.94 -20.22
C ASN F 162 15.60 3.23 -21.58
N GLU F 163 15.08 2.65 -22.65
CA GLU F 163 15.60 2.97 -23.98
C GLU F 163 15.22 4.39 -24.34
N MET F 164 14.04 4.80 -23.87
CA MET F 164 13.59 6.17 -23.95
C MET F 164 14.22 7.05 -22.88
N LEU F 165 14.22 6.58 -21.64
CA LEU F 165 14.64 7.41 -20.50
C LEU F 165 16.16 7.64 -20.45
N ILE F 166 16.95 6.57 -20.63
CA ILE F 166 18.43 6.63 -20.56
C ILE F 166 19.05 6.86 -21.96
N ALA F 167 18.66 6.02 -22.91
CA ALA F 167 19.24 5.99 -24.26
C ALA F 167 18.69 7.06 -25.19
N GLY F 168 17.65 7.77 -24.78
CA GLY F 168 17.04 8.88 -25.56
C GLY F 168 16.55 8.52 -26.96
N ARG F 169 15.99 7.32 -27.11
CA ARG F 169 15.51 6.81 -28.39
C ARG F 169 14.17 7.42 -28.81
N LYS F 170 14.03 7.70 -30.11
CA LYS F 170 12.79 8.23 -30.66
C LYS F 170 11.90 7.07 -31.06
N LEU F 171 10.59 7.34 -31.11
CA LEU F 171 9.58 6.37 -31.45
C LEU F 171 8.60 7.01 -32.43
N THR F 172 8.37 6.35 -33.56
CA THR F 172 7.31 6.78 -34.49
C THR F 172 5.98 6.63 -33.78
N ALA F 173 4.94 7.27 -34.32
CA ALA F 173 3.60 7.08 -33.78
C ALA F 173 3.23 5.59 -33.66
N ARG F 174 3.51 4.80 -34.70
CA ARG F 174 3.23 3.35 -34.68
C ARG F 174 4.05 2.53 -33.68
N GLU F 175 5.31 2.90 -33.47
CA GLU F 175 6.12 2.28 -32.40
C GLU F 175 5.64 2.72 -31.00
N ALA F 176 5.27 3.99 -30.86
CA ALA F 176 4.80 4.49 -29.57
C ALA F 176 3.50 3.76 -29.20
N CYS F 177 2.62 3.62 -30.19
CA CYS F 177 1.35 2.87 -30.08
C CYS F 177 1.53 1.40 -29.66
N ALA F 178 2.58 0.74 -30.17
CA ALA F 178 2.88 -0.67 -29.85
C ALA F 178 3.40 -0.81 -28.43
N LYS F 179 4.04 0.26 -27.97
CA LYS F 179 4.62 0.34 -26.63
C LYS F 179 3.63 0.93 -25.62
N GLY F 180 2.41 1.25 -26.06
CA GLY F 180 1.34 1.74 -25.19
C GLY F 180 1.27 3.24 -24.96
N LEU F 181 2.25 3.99 -25.49
CA LEU F 181 2.32 5.43 -25.27
C LEU F 181 1.18 6.16 -26.01
N VAL F 182 0.88 5.63 -27.20
CA VAL F 182 -0.15 6.13 -28.10
C VAL F 182 -1.22 5.05 -28.17
N SER F 183 -2.49 5.46 -28.12
CA SER F 183 -3.58 4.50 -28.11
C SER F 183 -4.29 4.34 -29.46
N GLN F 184 -4.18 5.34 -30.33
CA GLN F 184 -4.65 5.23 -31.71
C GLN F 184 -3.83 6.05 -32.69
N VAL F 185 -3.54 5.45 -33.85
CA VAL F 185 -2.83 6.14 -34.91
C VAL F 185 -3.81 6.49 -36.04
N PHE F 186 -3.67 7.69 -36.60
CA PHE F 186 -4.52 8.17 -37.69
C PHE F 186 -3.72 8.50 -38.94
N LEU F 187 -4.32 8.22 -40.09
CA LEU F 187 -3.84 8.69 -41.38
C LEU F 187 -3.76 10.21 -41.35
N THR F 188 -2.68 10.76 -41.89
CA THR F 188 -2.43 12.20 -41.82
C THR F 188 -3.44 13.07 -42.58
N GLY F 189 -3.84 12.62 -43.77
CA GLY F 189 -4.75 13.37 -44.64
C GLY F 189 -6.03 13.86 -43.98
N THR F 190 -6.64 13.00 -43.16
CA THR F 190 -7.92 13.30 -42.54
C THR F 190 -7.84 13.38 -41.00
N PHE F 191 -6.64 13.57 -40.48
CA PHE F 191 -6.36 13.58 -39.05
C PHE F 191 -7.39 14.37 -38.25
N THR F 192 -7.49 15.66 -38.50
CA THR F 192 -8.35 16.54 -37.69
C THR F 192 -9.87 16.30 -37.82
N GLN F 193 -10.34 15.86 -38.99
CA GLN F 193 -11.74 15.53 -39.12
C GLN F 193 -12.04 14.19 -38.48
N GLU F 194 -11.09 13.27 -38.57
CA GLU F 194 -11.23 11.94 -37.95
C GLU F 194 -11.23 12.08 -36.42
N VAL F 195 -10.26 12.82 -35.88
CA VAL F 195 -10.27 13.23 -34.47
C VAL F 195 -11.58 13.97 -34.12
N MET F 196 -11.98 14.94 -34.93
CA MET F 196 -13.22 15.66 -34.68
C MET F 196 -14.45 14.74 -34.64
N ILE F 197 -14.52 13.77 -35.55
CA ILE F 197 -15.69 12.86 -35.57
C ILE F 197 -15.71 11.84 -34.42
N GLN F 198 -14.53 11.39 -33.98
CA GLN F 198 -14.43 10.47 -32.85
C GLN F 198 -14.64 11.18 -31.50
N ILE F 199 -14.15 12.42 -31.38
CA ILE F 199 -14.42 13.22 -30.19
C ILE F 199 -15.92 13.49 -29.97
N LYS F 200 -16.66 13.73 -31.06
CA LYS F 200 -18.09 14.01 -30.93
C LYS F 200 -18.87 12.74 -30.58
N GLU F 201 -18.34 11.59 -31.00
CA GLU F 201 -18.89 10.30 -30.60
C GLU F 201 -18.77 10.08 -29.09
N LEU F 202 -17.58 10.35 -28.54
CA LEU F 202 -17.34 10.25 -27.10
C LEU F 202 -18.16 11.23 -26.27
N ALA F 203 -18.39 12.42 -26.81
CA ALA F 203 -19.18 13.44 -26.14
C ALA F 203 -20.68 13.10 -26.06
N SER F 204 -21.12 12.12 -26.86
CA SER F 204 -22.52 11.71 -26.87
C SER F 204 -22.85 10.66 -25.80
N TYR F 205 -21.81 10.14 -25.14
CA TYR F 205 -22.00 9.16 -24.05
C TYR F 205 -22.45 9.81 -22.74
N ASN F 206 -22.98 8.99 -21.83
CA ASN F 206 -23.42 9.44 -20.51
C ASN F 206 -22.24 10.05 -19.75
N ALA F 207 -22.40 11.30 -19.32
CA ALA F 207 -21.35 12.03 -18.57
C ALA F 207 -20.91 11.30 -17.31
N ILE F 208 -21.87 10.73 -16.59
CA ILE F 208 -21.58 10.02 -15.35
C ILE F 208 -20.82 8.72 -15.64
N VAL F 209 -21.23 7.98 -16.67
CA VAL F 209 -20.52 6.77 -17.13
C VAL F 209 -19.06 7.10 -17.47
N LEU F 210 -18.86 8.22 -18.17
CA LEU F 210 -17.52 8.73 -18.51
C LEU F 210 -16.67 9.09 -17.31
N GLU F 211 -17.21 9.90 -16.39
CA GLU F 211 -16.54 10.27 -15.13
C GLU F 211 -16.24 9.03 -14.26
N GLU F 212 -17.18 8.09 -14.21
CA GLU F 212 -17.00 6.85 -13.44
C GLU F 212 -15.97 5.91 -14.02
N CYS F 213 -15.97 5.75 -15.36
CA CYS F 213 -14.91 4.98 -16.03
C CYS F 213 -13.53 5.51 -15.64
N LYS F 214 -13.38 6.83 -15.68
CA LYS F 214 -12.10 7.47 -15.37
C LYS F 214 -11.77 7.44 -13.89
N ALA F 215 -12.77 7.64 -13.04
CA ALA F 215 -12.60 7.59 -11.58
C ALA F 215 -12.12 6.22 -11.10
N LEU F 216 -12.72 5.16 -11.65
CA LEU F 216 -12.41 3.78 -11.25
C LEU F 216 -11.02 3.35 -11.67
N VAL F 217 -10.63 3.69 -12.89
CA VAL F 217 -9.28 3.48 -13.40
C VAL F 217 -8.24 4.26 -12.56
N ARG F 218 -8.61 5.46 -12.13
CA ARG F 218 -7.68 6.39 -11.48
C ARG F 218 -7.39 6.11 -9.99
N CYS F 219 -8.33 5.42 -9.33
CA CYS F 219 -8.21 4.96 -7.94
C CYS F 219 -6.82 4.46 -7.53
N ASN F 220 -6.41 3.31 -8.07
CA ASN F 220 -5.17 2.66 -7.62
C ASN F 220 -3.91 3.04 -8.40
N ILE F 221 -3.95 4.21 -9.06
CA ILE F 221 -2.76 4.76 -9.70
C ILE F 221 -2.45 6.20 -9.24
N LYS F 222 -3.47 6.91 -8.77
CA LYS F 222 -3.33 8.33 -8.43
C LYS F 222 -2.23 8.65 -7.40
N LEU F 223 -2.23 7.95 -6.26
CA LEU F 223 -1.19 8.15 -5.23
C LEU F 223 0.24 7.81 -5.72
N GLU F 224 0.37 6.77 -6.54
CA GLU F 224 1.63 6.48 -7.23
C GLU F 224 2.08 7.63 -8.11
N LEU F 225 1.15 8.26 -8.81
CA LEU F 225 1.47 9.35 -9.73
C LEU F 225 1.87 10.60 -8.96
N GLU F 226 1.17 10.85 -7.86
CA GLU F 226 1.47 11.97 -6.98
C GLU F 226 2.89 11.86 -6.44
N GLN F 227 3.23 10.68 -5.92
CA GLN F 227 4.55 10.41 -5.36
C GLN F 227 5.68 10.47 -6.37
N ALA F 228 5.51 9.86 -7.55
CA ALA F 228 6.48 9.97 -8.65
C ALA F 228 6.74 11.43 -9.01
N ASN F 229 5.68 12.23 -9.07
CA ASN F 229 5.79 13.64 -9.40
C ASN F 229 6.62 14.36 -8.34
N GLU F 230 6.23 14.21 -7.07
CA GLU F 230 6.96 14.71 -5.90
C GLU F 230 8.43 14.27 -5.90
N ARG F 231 8.67 12.98 -6.17
CA ARG F 231 10.04 12.45 -6.18
C ARG F 231 10.88 13.00 -7.32
N GLU F 232 10.29 13.09 -8.51
CA GLU F 232 11.00 13.57 -9.69
C GLU F 232 11.40 15.03 -9.49
N CYS F 233 10.47 15.81 -8.96
CA CYS F 233 10.65 17.24 -8.76
C CYS F 233 11.73 17.56 -7.72
N GLU F 234 11.71 16.85 -6.60
CA GLU F 234 12.79 16.93 -5.64
C GLU F 234 14.18 16.71 -6.27
N VAL F 235 14.31 15.68 -7.11
CA VAL F 235 15.55 15.41 -7.82
C VAL F 235 15.95 16.52 -8.81
N LEU F 236 14.98 17.07 -9.54
CA LEU F 236 15.19 18.14 -10.51
C LEU F 236 15.58 19.46 -9.86
N ARG F 237 15.11 19.69 -8.64
CA ARG F 237 15.48 20.89 -7.92
C ARG F 237 16.96 20.85 -7.51
N LYS F 238 17.47 19.67 -7.20
CA LYS F 238 18.89 19.55 -6.86
C LYS F 238 19.83 19.50 -8.06
N ILE F 239 19.36 18.97 -9.18
CA ILE F 239 20.10 19.00 -10.44
C ILE F 239 20.14 20.42 -11.03
N TRP F 240 18.98 21.05 -11.20
CA TRP F 240 18.90 22.40 -11.77
C TRP F 240 19.51 23.50 -10.91
N SER F 241 19.69 23.28 -9.61
CA SER F 241 20.43 24.24 -8.81
C SER F 241 21.92 23.91 -8.68
N SER F 242 22.37 22.85 -9.36
CA SER F 242 23.77 22.45 -9.31
C SER F 242 24.57 23.03 -10.46
N ALA F 243 25.89 23.11 -10.23
CA ALA F 243 26.82 23.61 -11.23
C ALA F 243 26.81 22.72 -12.48
N GLN F 244 26.82 21.39 -12.31
CA GLN F 244 26.79 20.50 -13.48
C GLN F 244 25.49 20.54 -14.29
N GLY F 245 24.36 20.68 -13.60
CA GLY F 245 23.04 20.66 -14.23
C GLY F 245 22.79 21.87 -15.09
N ILE F 246 23.22 23.02 -14.59
CA ILE F 246 23.22 24.29 -15.35
C ILE F 246 24.12 24.20 -16.59
N GLU F 247 25.31 23.64 -16.39
CA GLU F 247 26.31 23.48 -17.44
C GLU F 247 25.76 22.56 -18.51
N SER F 248 25.19 21.43 -18.08
CA SER F 248 24.52 20.46 -18.94
C SER F 248 23.44 21.08 -19.80
N MET F 249 22.59 21.91 -19.18
CA MET F 249 21.52 22.63 -19.87
C MET F 249 22.09 23.63 -20.88
N LEU F 250 23.14 24.35 -20.47
CA LEU F 250 23.83 25.30 -21.32
C LEU F 250 24.38 24.61 -22.56
N LYS F 251 25.14 23.54 -22.30
CA LYS F 251 25.79 22.74 -23.32
C LYS F 251 24.75 22.23 -24.34
N TYR F 252 23.63 21.74 -23.84
CA TYR F 252 22.54 21.25 -24.67
C TYR F 252 21.97 22.35 -25.60
N VAL F 253 21.73 23.54 -25.07
CA VAL F 253 21.14 24.64 -25.84
C VAL F 253 22.08 25.17 -26.94
N GLU F 254 23.37 25.27 -26.61
CA GLU F 254 24.38 25.73 -27.55
C GLU F 254 24.55 24.77 -28.71
N ASN F 255 24.42 23.47 -28.42
CA ASN F 255 24.47 22.45 -29.45
C ASN F 255 23.21 22.44 -30.31
N LYS F 256 22.05 22.56 -29.66
CA LYS F 256 20.77 22.50 -30.35
C LYS F 256 20.68 23.59 -31.41
N ILE F 257 21.19 24.78 -31.09
CA ILE F 257 21.18 25.93 -31.99
C ILE F 257 22.25 25.83 -33.08
N ASP F 258 23.34 25.09 -32.81
CA ASP F 258 24.48 24.95 -33.73
C ASP F 258 24.28 23.90 -34.86
N GLU F 259 23.42 24.25 -35.82
CA GLU F 259 23.16 23.43 -37.01
C GLU F 259 22.69 24.33 -38.14
N PHE F 260 22.76 23.82 -39.37
CA PHE F 260 22.27 24.54 -40.54
C PHE F 260 20.77 24.31 -40.74
#